data_9JVQ
#
_entry.id   9JVQ
#
_cell.length_a   1.00
_cell.length_b   1.00
_cell.length_c   1.00
_cell.angle_alpha   90.00
_cell.angle_beta   90.00
_cell.angle_gamma   90.00
#
_symmetry.space_group_name_H-M   'P 1'
#
_entity_poly.entity_id   1
_entity_poly.type   'polypeptide(L)'
_entity_poly.pdbx_seq_one_letter_code
;MSPPVYSDISRNINDLLNKDFYHATPAAFDVQTTTANGIKFSLKAKQPVKDGPLSTNVEAKLNDKQTGLGLTQGWSNTNN
LQTKLEFANLTPGLKNELITSLTPGVAKSAVLNTTFTQPFFTARGAFDLCLKSPTFVGDLTMAHEGIVGGAEFGYDISAG
SISRYAMALSYFAKDYSLGATLNNEQITTVDFFQNVNAFLQVGAKATMNCKLPNSNVNIEFATRYLPDASSQVKAKVSDS
GIVTLAYKQLLRPGVTLGVGSSFDALKLSEPVHKLGWSLSFDA
;
_entity_poly.pdbx_strand_id   A,B,C,D,E,F
#
# COMPACT_ATOMS: atom_id res chain seq x y z
N SER A 2 -35.45 -17.37 -20.03
CA SER A 2 -36.00 -17.56 -18.69
C SER A 2 -35.85 -16.30 -17.84
N PRO A 3 -36.92 -15.91 -17.17
CA PRO A 3 -36.85 -14.73 -16.31
C PRO A 3 -35.92 -14.96 -15.13
N PRO A 4 -35.13 -13.96 -14.75
CA PRO A 4 -34.25 -14.12 -13.59
C PRO A 4 -35.05 -14.32 -12.32
N VAL A 5 -34.55 -15.20 -11.46
CA VAL A 5 -35.21 -15.52 -10.20
C VAL A 5 -34.89 -14.38 -9.24
N TYR A 6 -35.65 -14.29 -8.14
CA TYR A 6 -35.59 -13.08 -7.30
C TYR A 6 -34.21 -12.84 -6.71
N SER A 7 -33.56 -13.88 -6.17
CA SER A 7 -32.24 -13.67 -5.59
C SER A 7 -31.21 -13.26 -6.62
N ASP A 8 -31.44 -13.57 -7.89
CA ASP A 8 -30.55 -13.14 -8.96
C ASP A 8 -30.80 -11.71 -9.39
N ILE A 9 -31.84 -11.06 -8.86
CA ILE A 9 -32.03 -9.64 -9.10
C ILE A 9 -30.91 -8.88 -8.43
N SER A 10 -30.23 -8.02 -9.19
CA SER A 10 -29.04 -7.31 -8.73
C SER A 10 -28.02 -8.26 -8.13
N ARG A 11 -27.94 -9.47 -8.69
CA ARG A 11 -26.89 -10.39 -8.26
C ARG A 11 -25.51 -9.87 -8.63
N ASN A 12 -25.40 -9.15 -9.74
CA ASN A 12 -24.12 -8.57 -10.12
C ASN A 12 -23.63 -7.55 -9.10
N ILE A 13 -24.51 -6.73 -8.55
CA ILE A 13 -24.07 -5.71 -7.60
C ILE A 13 -23.56 -6.36 -6.32
N ASN A 14 -24.34 -7.29 -5.76
CA ASN A 14 -23.88 -7.97 -4.56
C ASN A 14 -22.65 -8.82 -4.79
N ASP A 15 -22.54 -9.48 -5.94
CA ASP A 15 -21.36 -10.24 -6.30
C ASP A 15 -20.17 -9.36 -6.62
N LEU A 16 -20.34 -8.05 -6.58
CA LEU A 16 -19.25 -7.12 -6.81
C LEU A 16 -18.66 -6.57 -5.53
N LEU A 17 -19.48 -6.24 -4.54
CA LEU A 17 -18.98 -5.71 -3.28
C LEU A 17 -19.12 -6.67 -2.10
N ASN A 18 -19.51 -7.92 -2.35
CA ASN A 18 -19.56 -8.93 -1.29
C ASN A 18 -18.73 -10.17 -1.56
N LYS A 19 -18.09 -10.28 -2.72
CA LYS A 19 -17.30 -11.45 -3.07
C LYS A 19 -15.85 -11.07 -3.32
N ASP A 20 -14.95 -11.99 -2.95
CA ASP A 20 -13.50 -11.81 -3.06
C ASP A 20 -12.99 -10.68 -2.17
N PHE A 21 -13.74 -10.33 -1.13
CA PHE A 21 -13.26 -9.40 -0.11
C PHE A 21 -12.87 -10.22 1.13
N TYR A 22 -11.66 -10.73 1.13
CA TYR A 22 -11.15 -11.45 2.29
C TYR A 22 -10.29 -10.53 3.17
N HIS A 23 -10.95 -9.54 3.77
CA HIS A 23 -10.30 -8.73 4.79
C HIS A 23 -10.80 -9.10 6.18
N ALA A 24 -11.89 -9.85 6.27
CA ALA A 24 -12.46 -10.18 7.57
C ALA A 24 -11.66 -11.25 8.27
N THR A 25 -11.56 -12.43 7.68
CA THR A 25 -10.86 -13.54 8.32
C THR A 25 -9.37 -13.45 8.02
N PRO A 26 -8.50 -13.35 9.04
CA PRO A 26 -7.07 -13.24 8.76
C PRO A 26 -6.45 -14.49 8.18
N ALA A 27 -7.17 -15.61 8.13
CA ALA A 27 -6.65 -16.83 7.53
C ALA A 27 -7.78 -17.59 6.84
N ALA A 28 -7.45 -18.23 5.73
CA ALA A 28 -8.43 -19.02 4.98
C ALA A 28 -7.67 -20.03 4.14
N PHE A 29 -8.08 -21.30 4.24
CA PHE A 29 -7.41 -22.39 3.54
C PHE A 29 -8.49 -23.34 3.05
N ASP A 30 -8.61 -23.50 1.74
CA ASP A 30 -9.60 -24.42 1.19
C ASP A 30 -9.02 -25.25 0.07
N VAL A 31 -9.42 -26.51 0.06
CA VAL A 31 -8.97 -27.50 -0.92
C VAL A 31 -10.18 -28.03 -1.66
N GLN A 32 -10.12 -28.01 -2.99
CA GLN A 32 -11.19 -28.49 -3.84
C GLN A 32 -10.66 -29.64 -4.68
N THR A 33 -11.33 -30.78 -4.65
CA THR A 33 -10.89 -31.92 -5.43
C THR A 33 -12.08 -32.77 -5.82
N THR A 34 -11.99 -33.36 -7.00
CA THR A 34 -12.99 -34.31 -7.49
C THR A 34 -12.41 -35.71 -7.42
N THR A 35 -13.27 -36.70 -7.67
CA THR A 35 -12.85 -38.09 -7.60
C THR A 35 -12.99 -38.74 -8.97
N ALA A 36 -12.81 -40.07 -9.04
CA ALA A 36 -12.94 -40.77 -10.31
C ALA A 36 -14.31 -40.52 -10.95
N ASN A 37 -15.37 -40.64 -10.17
CA ASN A 37 -16.68 -40.20 -10.58
C ASN A 37 -16.90 -38.78 -10.06
N GLY A 38 -18.08 -38.22 -10.34
CA GLY A 38 -18.33 -36.84 -9.96
C GLY A 38 -18.88 -36.69 -8.56
N ILE A 39 -18.01 -36.36 -7.60
CA ILE A 39 -18.39 -36.16 -6.21
C ILE A 39 -17.97 -34.78 -5.70
N LYS A 40 -16.75 -34.36 -6.06
CA LYS A 40 -16.27 -33.00 -5.79
C LYS A 40 -16.24 -32.68 -4.29
N PHE A 41 -15.40 -33.38 -3.54
CA PHE A 41 -15.16 -33.05 -2.14
C PHE A 41 -14.53 -31.67 -2.03
N SER A 42 -14.80 -31.00 -0.91
CA SER A 42 -14.23 -29.69 -0.67
C SER A 42 -14.08 -29.49 0.83
N LEU A 43 -12.99 -28.82 1.21
CA LEU A 43 -12.71 -28.57 2.62
C LEU A 43 -12.34 -27.10 2.78
N LYS A 44 -13.03 -26.42 3.67
CA LYS A 44 -12.71 -25.04 4.01
C LYS A 44 -12.32 -24.94 5.48
N ALA A 45 -11.39 -24.01 5.75
CA ALA A 45 -10.96 -23.75 7.11
C ALA A 45 -10.67 -22.26 7.25
N LYS A 46 -11.32 -21.63 8.21
CA LYS A 46 -11.21 -20.19 8.44
C LYS A 46 -10.62 -19.96 9.82
N GLN A 47 -10.57 -18.69 10.21
CA GLN A 47 -10.08 -18.30 11.52
C GLN A 47 -10.52 -16.88 11.83
N PRO A 48 -11.19 -16.63 12.95
CA PRO A 48 -11.52 -15.26 13.33
C PRO A 48 -10.31 -14.43 13.71
N VAL A 49 -10.53 -13.18 14.10
CA VAL A 49 -9.46 -12.19 14.18
C VAL A 49 -8.46 -12.56 15.28
N LYS A 50 -8.95 -12.96 16.46
CA LYS A 50 -8.11 -13.05 17.64
C LYS A 50 -7.43 -14.40 17.78
N ASP A 51 -7.14 -15.06 16.66
CA ASP A 51 -6.49 -16.38 16.61
C ASP A 51 -7.09 -17.33 17.64
N GLY A 52 -8.41 -17.31 17.71
CA GLY A 52 -9.13 -18.17 18.62
C GLY A 52 -9.41 -19.53 17.99
N PRO A 53 -10.68 -19.90 17.95
CA PRO A 53 -11.03 -21.22 17.39
C PRO A 53 -10.82 -21.28 15.89
N LEU A 54 -11.11 -22.44 15.30
CA LEU A 54 -11.10 -22.61 13.86
C LEU A 54 -12.48 -23.05 13.41
N SER A 55 -12.88 -22.58 12.22
CA SER A 55 -14.15 -22.97 11.62
C SER A 55 -13.81 -23.77 10.38
N THR A 56 -13.88 -25.08 10.50
CA THR A 56 -13.56 -25.98 9.41
C THR A 56 -14.77 -26.83 9.06
N ASN A 57 -14.97 -27.03 7.76
CA ASN A 57 -16.04 -27.90 7.30
C ASN A 57 -15.65 -28.56 5.99
N VAL A 58 -16.33 -29.64 5.67
CA VAL A 58 -16.07 -30.42 4.47
C VAL A 58 -17.42 -30.82 3.89
N GLU A 59 -17.57 -30.68 2.58
CA GLU A 59 -18.83 -30.98 1.92
C GLU A 59 -18.58 -31.61 0.56
N ALA A 60 -19.58 -32.34 0.09
CA ALA A 60 -19.50 -33.01 -1.20
C ALA A 60 -20.82 -32.80 -1.93
N LYS A 61 -20.77 -32.09 -3.04
CA LYS A 61 -21.96 -31.82 -3.84
C LYS A 61 -21.82 -32.46 -5.22
N LEU A 62 -22.90 -33.05 -5.70
CA LEU A 62 -22.92 -33.65 -7.02
C LEU A 62 -24.21 -33.26 -7.74
N ASN A 63 -24.07 -32.96 -9.03
CA ASN A 63 -25.19 -32.59 -9.89
C ASN A 63 -25.26 -33.62 -11.01
N ASP A 64 -25.96 -34.72 -10.74
CA ASP A 64 -26.08 -35.78 -11.72
C ASP A 64 -27.09 -35.39 -12.79
N LYS A 65 -26.63 -35.35 -14.04
CA LYS A 65 -27.50 -35.06 -15.18
C LYS A 65 -28.52 -36.16 -15.42
N GLN A 66 -28.35 -37.32 -14.80
CA GLN A 66 -29.31 -38.42 -14.93
C GLN A 66 -30.59 -38.02 -14.23
N THR A 67 -31.59 -37.61 -15.02
CA THR A 67 -32.90 -37.18 -14.53
C THR A 67 -32.79 -36.10 -13.47
N GLY A 68 -31.80 -35.22 -13.60
CA GLY A 68 -31.68 -34.03 -12.76
C GLY A 68 -31.67 -34.30 -11.27
N LEU A 69 -30.62 -34.93 -10.76
CA LEU A 69 -30.50 -35.26 -9.36
C LEU A 69 -29.43 -34.38 -8.73
N GLY A 70 -29.68 -33.92 -7.51
CA GLY A 70 -28.68 -33.15 -6.79
C GLY A 70 -28.55 -33.58 -5.35
N LEU A 71 -27.33 -33.56 -4.82
CA LEU A 71 -27.10 -33.97 -3.44
C LEU A 71 -25.91 -33.21 -2.89
N THR A 72 -26.09 -32.61 -1.72
CA THR A 72 -25.02 -31.85 -1.07
C THR A 72 -25.06 -32.15 0.42
N GLN A 73 -24.10 -32.92 0.90
CA GLN A 73 -24.01 -33.26 2.32
C GLN A 73 -22.76 -32.60 2.88
N GLY A 74 -22.95 -31.80 3.92
CA GLY A 74 -21.84 -31.08 4.52
C GLY A 74 -21.61 -31.50 5.97
N TRP A 75 -20.49 -31.06 6.54
CA TRP A 75 -20.13 -31.50 7.89
C TRP A 75 -19.14 -30.48 8.45
N SER A 76 -19.51 -29.82 9.54
CA SER A 76 -18.65 -28.85 10.18
C SER A 76 -18.13 -29.41 11.51
N ASN A 77 -17.15 -28.72 12.10
CA ASN A 77 -16.54 -29.17 13.33
C ASN A 77 -17.48 -29.12 14.52
N THR A 78 -18.61 -28.43 14.41
CA THR A 78 -19.60 -28.35 15.48
C THR A 78 -20.64 -29.46 15.38
N ASN A 79 -20.29 -30.57 14.73
CA ASN A 79 -21.22 -31.69 14.51
C ASN A 79 -22.49 -31.21 13.83
N ASN A 80 -22.36 -30.27 12.92
CA ASN A 80 -23.48 -29.69 12.19
C ASN A 80 -23.47 -30.28 10.78
N LEU A 81 -24.51 -31.03 10.44
CA LEU A 81 -24.62 -31.67 9.13
C LEU A 81 -25.77 -31.03 8.37
N GLN A 82 -25.49 -30.55 7.17
CA GLN A 82 -26.49 -29.95 6.31
C GLN A 82 -26.69 -30.81 5.08
N THR A 83 -27.93 -31.20 4.81
CA THR A 83 -28.26 -32.04 3.66
C THR A 83 -29.14 -31.25 2.70
N LYS A 84 -28.76 -31.27 1.43
CA LYS A 84 -29.45 -30.56 0.37
C LYS A 84 -29.84 -31.56 -0.70
N LEU A 85 -31.13 -31.69 -0.96
CA LEU A 85 -31.65 -32.59 -1.99
C LEU A 85 -32.35 -31.75 -3.04
N GLU A 86 -32.02 -31.99 -4.31
CA GLU A 86 -32.59 -31.25 -5.43
C GLU A 86 -33.12 -32.25 -6.45
N PHE A 87 -34.37 -32.07 -6.89
CA PHE A 87 -34.87 -32.92 -7.96
C PHE A 87 -36.03 -32.25 -8.70
N ALA A 88 -36.15 -32.60 -9.98
CA ALA A 88 -37.27 -32.19 -10.82
C ALA A 88 -37.51 -33.32 -11.82
N ASN A 89 -38.43 -34.20 -11.46
CA ASN A 89 -38.83 -35.33 -12.30
C ASN A 89 -40.34 -35.55 -12.20
N LEU A 90 -41.03 -34.59 -11.62
CA LEU A 90 -42.48 -34.64 -11.46
C LEU A 90 -43.21 -33.79 -12.48
N THR A 91 -42.65 -32.64 -12.86
CA THR A 91 -43.26 -31.75 -13.82
C THR A 91 -42.13 -30.94 -14.45
N PRO A 92 -42.05 -30.89 -15.77
CA PRO A 92 -41.01 -30.07 -16.41
C PRO A 92 -41.22 -28.58 -16.17
N GLY A 93 -40.31 -27.96 -15.45
CA GLY A 93 -40.42 -26.57 -15.09
C GLY A 93 -40.75 -26.29 -13.64
N LEU A 94 -40.60 -27.27 -12.75
CA LEU A 94 -40.89 -27.11 -11.33
C LEU A 94 -39.89 -28.00 -10.60
N LYS A 95 -38.98 -27.39 -9.84
CA LYS A 95 -37.97 -28.18 -9.14
C LYS A 95 -38.12 -28.00 -7.63
N ASN A 96 -37.84 -29.07 -6.89
CA ASN A 96 -38.07 -29.13 -5.46
C ASN A 96 -36.73 -29.35 -4.75
N GLU A 97 -36.49 -28.57 -3.70
CA GLU A 97 -35.30 -28.60 -2.88
C GLU A 97 -35.68 -28.91 -1.44
N LEU A 98 -34.77 -29.57 -0.73
CA LEU A 98 -35.00 -29.88 0.67
C LEU A 98 -33.69 -29.64 1.42
N ILE A 99 -33.73 -28.79 2.44
CA ILE A 99 -32.55 -28.40 3.21
C ILE A 99 -32.78 -28.84 4.64
N THR A 100 -31.85 -29.60 5.20
CA THR A 100 -31.95 -30.10 6.55
C THR A 100 -30.73 -29.68 7.37
N SER A 101 -30.92 -29.59 8.68
CA SER A 101 -29.83 -29.32 9.60
C SER A 101 -29.90 -30.29 10.76
N LEU A 102 -28.77 -30.92 11.06
CA LEU A 102 -28.70 -31.93 12.13
C LEU A 102 -27.56 -31.55 13.06
N THR A 103 -27.86 -31.46 14.35
CA THR A 103 -26.87 -31.18 15.38
C THR A 103 -27.49 -31.49 16.73
N PRO A 104 -26.74 -32.04 17.68
CA PRO A 104 -27.35 -32.42 18.96
C PRO A 104 -27.87 -31.24 19.76
N GLY A 105 -27.08 -30.20 19.95
CA GLY A 105 -27.48 -29.07 20.78
C GLY A 105 -28.59 -28.24 20.18
N VAL A 106 -28.30 -27.58 19.06
CA VAL A 106 -29.30 -26.74 18.42
C VAL A 106 -30.44 -27.61 17.89
N ALA A 107 -31.65 -27.07 17.93
CA ALA A 107 -32.83 -27.80 17.48
C ALA A 107 -32.73 -28.11 16.00
N LYS A 108 -33.21 -29.30 15.62
CA LYS A 108 -33.21 -29.69 14.23
C LYS A 108 -34.13 -28.78 13.41
N SER A 109 -33.73 -28.51 12.18
CA SER A 109 -34.50 -27.65 11.30
C SER A 109 -34.55 -28.27 9.92
N ALA A 110 -35.65 -27.98 9.21
CA ALA A 110 -35.83 -28.48 7.86
C ALA A 110 -36.71 -27.50 7.09
N VAL A 111 -36.24 -27.08 5.93
CA VAL A 111 -37.00 -26.19 5.06
C VAL A 111 -37.20 -26.88 3.72
N LEU A 112 -38.42 -26.84 3.22
CA LEU A 112 -38.78 -27.40 1.93
C LEU A 112 -38.97 -26.23 0.96
N ASN A 113 -38.13 -26.18 -0.07
CA ASN A 113 -38.19 -25.13 -1.06
C ASN A 113 -38.75 -25.69 -2.37
N THR A 114 -39.46 -24.83 -3.09
CA THR A 114 -39.97 -25.22 -4.40
C THR A 114 -39.91 -24.01 -5.31
N THR A 115 -39.44 -24.22 -6.54
CA THR A 115 -39.35 -23.14 -7.51
C THR A 115 -40.11 -23.54 -8.76
N PHE A 116 -41.01 -22.66 -9.20
CA PHE A 116 -41.77 -22.85 -10.42
C PHE A 116 -41.23 -21.84 -11.43
N THR A 117 -40.55 -22.34 -12.45
CA THR A 117 -39.98 -21.49 -13.49
C THR A 117 -40.66 -21.80 -14.82
N GLN A 118 -40.87 -20.75 -15.61
CA GLN A 118 -41.40 -20.87 -16.97
C GLN A 118 -41.21 -19.52 -17.64
N PRO A 119 -41.19 -19.47 -18.97
CA PRO A 119 -40.89 -18.19 -19.63
C PRO A 119 -41.87 -17.11 -19.20
N PHE A 120 -41.30 -15.96 -18.83
CA PHE A 120 -42.07 -14.77 -18.42
C PHE A 120 -42.76 -14.97 -17.08
N PHE A 121 -42.37 -16.00 -16.31
CA PHE A 121 -43.01 -16.22 -15.01
C PHE A 121 -42.20 -17.13 -14.10
N THR A 122 -41.82 -16.62 -12.93
CA THR A 122 -41.07 -17.43 -11.97
C THR A 122 -41.47 -17.04 -10.54
N ALA A 123 -41.51 -18.05 -9.68
CA ALA A 123 -41.91 -17.87 -8.28
C ALA A 123 -41.24 -18.95 -7.43
N ARG A 124 -41.10 -18.65 -6.15
CA ARG A 124 -40.52 -19.57 -5.18
C ARG A 124 -41.55 -19.87 -4.10
N GLY A 125 -41.17 -20.75 -3.18
CA GLY A 125 -41.94 -21.02 -1.99
C GLY A 125 -41.14 -21.81 -0.99
N ALA A 126 -41.24 -21.48 0.30
CA ALA A 126 -40.49 -22.16 1.32
C ALA A 126 -41.39 -22.52 2.49
N PHE A 127 -41.12 -23.67 3.10
CA PHE A 127 -41.84 -24.16 4.27
C PHE A 127 -40.78 -24.50 5.33
N ASP A 128 -40.67 -23.65 6.34
CA ASP A 128 -39.71 -23.86 7.43
C ASP A 128 -40.41 -24.67 8.51
N LEU A 129 -40.39 -25.99 8.36
CA LEU A 129 -41.18 -26.85 9.22
C LEU A 129 -40.32 -27.41 10.35
N CYS A 130 -40.88 -28.31 11.15
CA CYS A 130 -40.19 -28.99 12.24
C CYS A 130 -39.63 -27.97 13.25
N LEU A 131 -40.40 -26.91 13.49
CA LEU A 131 -40.01 -25.90 14.47
C LEU A 131 -41.21 -25.44 15.29
N LYS A 132 -42.36 -26.08 15.07
CA LYS A 132 -43.62 -25.72 15.74
C LYS A 132 -44.00 -24.27 15.44
N SER A 133 -43.52 -23.74 14.32
CA SER A 133 -43.81 -22.38 13.91
C SER A 133 -43.55 -22.23 12.41
N PRO A 134 -44.42 -22.79 11.57
CA PRO A 134 -44.17 -22.72 10.12
C PRO A 134 -44.29 -21.28 9.62
N THR A 135 -43.28 -20.87 8.86
CA THR A 135 -43.20 -19.52 8.30
C THR A 135 -43.07 -19.64 6.79
N PHE A 136 -44.15 -19.35 6.08
CA PHE A 136 -44.15 -19.42 4.62
C PHE A 136 -43.40 -18.22 4.07
N VAL A 137 -42.25 -18.46 3.46
CA VAL A 137 -41.45 -17.41 2.82
C VAL A 137 -41.60 -17.62 1.33
N GLY A 138 -42.20 -16.65 0.65
CA GLY A 138 -42.44 -16.79 -0.77
C GLY A 138 -42.17 -15.48 -1.49
N ASP A 139 -41.97 -15.60 -2.80
CA ASP A 139 -41.76 -14.42 -3.64
C ASP A 139 -41.97 -14.83 -5.08
N LEU A 140 -42.12 -13.83 -5.94
CA LEU A 140 -42.32 -14.06 -7.36
C LEU A 140 -41.87 -12.84 -8.14
N THR A 141 -41.40 -13.07 -9.36
CA THR A 141 -40.94 -11.97 -10.21
C THR A 141 -41.33 -12.22 -11.65
N MET A 142 -41.58 -11.13 -12.39
CA MET A 142 -41.99 -11.17 -13.78
C MET A 142 -41.10 -10.28 -14.63
N ALA A 143 -41.02 -10.62 -15.92
CA ALA A 143 -40.26 -9.85 -16.88
C ALA A 143 -41.11 -9.63 -18.11
N HIS A 144 -40.99 -8.46 -18.72
CA HIS A 144 -41.85 -8.14 -19.85
C HIS A 144 -41.09 -8.03 -21.16
N GLU A 145 -40.12 -7.12 -21.24
CA GLU A 145 -39.31 -6.98 -22.44
C GLU A 145 -37.86 -6.62 -22.11
N GLY A 146 -37.44 -6.78 -20.86
CA GLY A 146 -36.12 -6.38 -20.45
C GLY A 146 -36.15 -5.72 -19.09
N ILE A 147 -37.32 -5.29 -18.65
CA ILE A 147 -37.54 -4.79 -17.31
C ILE A 147 -38.13 -5.91 -16.47
N VAL A 148 -37.47 -6.22 -15.35
CA VAL A 148 -37.89 -7.31 -14.48
C VAL A 148 -38.27 -6.68 -13.15
N GLY A 149 -39.25 -7.28 -12.48
CA GLY A 149 -39.71 -6.78 -11.21
C GLY A 149 -40.29 -7.90 -10.37
N GLY A 150 -39.96 -7.87 -9.08
CA GLY A 150 -40.39 -8.93 -8.19
C GLY A 150 -40.96 -8.44 -6.88
N ALA A 151 -41.40 -9.38 -6.05
CA ALA A 151 -41.96 -9.05 -4.75
C ALA A 151 -41.90 -10.27 -3.85
N GLU A 152 -41.61 -10.03 -2.57
CA GLU A 152 -41.64 -11.04 -1.54
C GLU A 152 -42.86 -10.87 -0.65
N PHE A 153 -43.12 -11.91 0.15
CA PHE A 153 -44.15 -11.88 1.17
C PHE A 153 -43.93 -13.04 2.13
N GLY A 154 -44.18 -12.78 3.41
CA GLY A 154 -44.17 -13.86 4.38
C GLY A 154 -45.42 -13.87 5.22
N TYR A 155 -46.24 -14.90 5.08
CA TYR A 155 -47.49 -15.01 5.84
C TYR A 155 -47.31 -16.04 6.94
N ASP A 156 -47.73 -15.68 8.15
CA ASP A 156 -47.57 -16.54 9.31
C ASP A 156 -48.95 -17.00 9.79
N ILE A 157 -49.05 -18.29 10.09
CA ILE A 157 -50.31 -18.84 10.58
C ILE A 157 -50.53 -18.57 12.07
N SER A 158 -49.47 -18.33 12.83
CA SER A 158 -49.61 -18.02 14.25
C SER A 158 -50.19 -16.62 14.46
N ALA A 159 -49.69 -15.62 13.73
CA ALA A 159 -50.19 -14.27 13.83
C ALA A 159 -51.32 -13.98 12.87
N GLY A 160 -51.41 -14.71 11.78
CA GLY A 160 -52.47 -14.51 10.80
C GLY A 160 -52.26 -13.37 9.84
N SER A 161 -51.03 -12.87 9.70
CA SER A 161 -50.75 -11.75 8.82
C SER A 161 -49.34 -11.88 8.27
N ILE A 162 -48.86 -10.79 7.65
CA ILE A 162 -47.52 -10.76 7.08
C ILE A 162 -46.56 -10.12 8.08
N SER A 163 -45.27 -10.39 7.92
CA SER A 163 -44.27 -9.85 8.84
C SER A 163 -43.10 -9.24 8.08
N ARG A 164 -43.04 -9.50 6.78
CA ARG A 164 -41.96 -8.96 5.94
C ARG A 164 -42.38 -9.04 4.49
N TYR A 165 -42.31 -7.90 3.79
CA TYR A 165 -42.59 -7.87 2.37
C TYR A 165 -41.66 -6.86 1.70
N ALA A 166 -41.22 -7.19 0.50
CA ALA A 166 -40.31 -6.34 -0.27
C ALA A 166 -40.81 -6.26 -1.70
N MET A 167 -40.44 -5.16 -2.36
CA MET A 167 -40.86 -4.93 -3.75
C MET A 167 -39.62 -4.50 -4.53
N ALA A 168 -39.24 -5.28 -5.53
CA ALA A 168 -38.05 -5.00 -6.31
C ALA A 168 -38.42 -4.58 -7.73
N LEU A 169 -37.55 -3.77 -8.32
CA LEU A 169 -37.79 -3.30 -9.69
C LEU A 169 -36.41 -3.04 -10.31
N SER A 170 -36.09 -3.79 -11.36
CA SER A 170 -34.80 -3.70 -12.02
C SER A 170 -34.98 -3.47 -13.51
N TYR A 171 -33.95 -2.91 -14.14
CA TYR A 171 -33.91 -2.69 -15.59
C TYR A 171 -32.57 -3.19 -16.07
N PHE A 172 -32.50 -4.47 -16.41
CA PHE A 172 -31.28 -5.02 -16.97
C PHE A 172 -31.05 -4.50 -18.39
N ALA A 173 -29.81 -4.61 -18.83
CA ALA A 173 -29.46 -4.25 -20.20
C ALA A 173 -28.30 -5.10 -20.68
N LYS A 174 -27.67 -4.70 -21.78
CA LYS A 174 -26.57 -5.48 -22.36
C LYS A 174 -25.40 -5.51 -21.37
N ASP A 175 -24.99 -4.34 -20.87
CA ASP A 175 -23.79 -4.24 -20.05
C ASP A 175 -23.98 -3.46 -18.76
N TYR A 176 -25.13 -2.82 -18.56
CA TYR A 176 -25.38 -2.11 -17.32
C TYR A 176 -26.74 -2.49 -16.77
N SER A 177 -26.90 -2.41 -15.46
CA SER A 177 -28.18 -2.73 -14.85
C SER A 177 -28.41 -1.82 -13.66
N LEU A 178 -29.55 -1.13 -13.66
CA LEU A 178 -29.97 -0.34 -12.51
C LEU A 178 -30.82 -1.23 -11.61
N GLY A 179 -31.48 -0.64 -10.61
CA GLY A 179 -32.31 -1.42 -9.71
C GLY A 179 -32.74 -0.65 -8.49
N ALA A 180 -33.87 -1.06 -7.91
CA ALA A 180 -34.41 -0.36 -6.74
C ALA A 180 -35.26 -1.35 -5.96
N THR A 181 -34.95 -1.50 -4.67
CA THR A 181 -35.76 -2.34 -3.81
C THR A 181 -36.45 -1.48 -2.74
N LEU A 182 -37.56 -1.98 -2.23
CA LEU A 182 -38.33 -1.26 -1.21
C LEU A 182 -38.71 -2.30 -0.15
N ASN A 183 -38.22 -2.08 1.06
CA ASN A 183 -38.41 -3.01 2.16
C ASN A 183 -39.41 -2.39 3.13
N ASN A 184 -40.22 -3.24 3.78
CA ASN A 184 -41.30 -2.77 4.63
C ASN A 184 -40.82 -1.91 5.79
N GLU A 185 -39.52 -1.95 6.12
CA GLU A 185 -38.93 -1.09 7.13
C GLU A 185 -38.54 0.27 6.56
N GLN A 186 -39.14 0.67 5.44
CA GLN A 186 -38.82 1.92 4.75
C GLN A 186 -37.34 2.01 4.39
N ILE A 187 -36.81 0.90 3.86
CA ILE A 187 -35.45 0.85 3.33
C ILE A 187 -35.54 0.86 1.81
N THR A 188 -34.78 1.75 1.18
CA THR A 188 -34.77 1.87 -0.27
C THR A 188 -33.32 1.77 -0.74
N THR A 189 -32.99 0.65 -1.38
CA THR A 189 -31.66 0.47 -1.95
C THR A 189 -31.75 0.67 -3.46
N VAL A 190 -31.06 1.68 -3.96
CA VAL A 190 -30.97 1.93 -5.39
C VAL A 190 -29.53 1.71 -5.81
N ASP A 191 -29.33 0.90 -6.84
CA ASP A 191 -27.98 0.50 -7.19
C ASP A 191 -27.85 0.45 -8.70
N PHE A 192 -26.60 0.53 -9.17
CA PHE A 192 -26.32 0.40 -10.59
C PHE A 192 -24.98 -0.30 -10.76
N PHE A 193 -24.88 -1.03 -11.86
CA PHE A 193 -23.72 -1.84 -12.20
C PHE A 193 -23.33 -1.51 -13.63
N GLN A 194 -22.04 -1.35 -13.88
CA GLN A 194 -21.57 -0.96 -15.19
C GLN A 194 -20.35 -1.79 -15.55
N ASN A 195 -20.33 -2.28 -16.78
CA ASN A 195 -19.27 -3.15 -17.28
C ASN A 195 -18.66 -2.45 -18.49
N VAL A 196 -17.72 -1.55 -18.25
CA VAL A 196 -17.19 -0.71 -19.31
C VAL A 196 -16.46 -1.54 -20.35
N ASN A 197 -15.63 -2.48 -19.92
CA ASN A 197 -14.98 -3.40 -20.84
C ASN A 197 -14.58 -4.66 -20.07
N ALA A 198 -13.92 -5.57 -20.76
CA ALA A 198 -13.56 -6.84 -20.16
C ALA A 198 -12.54 -6.71 -19.04
N PHE A 199 -11.89 -5.56 -18.89
CA PHE A 199 -10.84 -5.38 -17.90
C PHE A 199 -11.24 -4.45 -16.76
N LEU A 200 -12.50 -4.08 -16.65
CA LEU A 200 -12.91 -3.13 -15.61
C LEU A 200 -14.42 -3.16 -15.46
N GLN A 201 -14.90 -3.31 -14.22
CA GLN A 201 -16.32 -3.20 -13.91
C GLN A 201 -16.47 -2.30 -12.69
N VAL A 202 -17.39 -1.34 -12.76
CA VAL A 202 -17.65 -0.46 -11.64
C VAL A 202 -19.09 -0.66 -11.17
N GLY A 203 -19.35 -0.24 -9.93
CA GLY A 203 -20.71 -0.34 -9.44
C GLY A 203 -20.94 0.49 -8.19
N ALA A 204 -22.19 0.87 -7.94
CA ALA A 204 -22.54 1.67 -6.78
C ALA A 204 -23.88 1.21 -6.24
N LYS A 205 -24.10 1.47 -4.96
CA LYS A 205 -25.32 1.05 -4.27
C LYS A 205 -25.54 2.00 -3.11
N ALA A 206 -26.72 2.61 -3.07
CA ALA A 206 -27.06 3.58 -2.04
C ALA A 206 -28.32 3.15 -1.29
N THR A 207 -28.22 3.20 0.04
CA THR A 207 -29.33 2.85 0.92
C THR A 207 -29.87 4.11 1.56
N MET A 208 -31.19 4.28 1.46
CA MET A 208 -31.93 5.39 2.04
C MET A 208 -32.89 4.83 3.09
N ASN A 209 -32.84 5.40 4.28
CA ASN A 209 -33.70 4.99 5.39
C ASN A 209 -34.79 6.04 5.55
N CYS A 210 -35.95 5.80 4.95
CA CYS A 210 -37.05 6.74 4.99
C CYS A 210 -37.77 6.78 6.33
N LYS A 211 -37.54 5.79 7.19
CA LYS A 211 -38.18 5.78 8.51
C LYS A 211 -37.68 6.92 9.38
N LEU A 212 -36.39 7.23 9.29
CA LEU A 212 -35.75 8.27 10.10
C LEU A 212 -35.17 9.32 9.18
N PRO A 213 -35.92 10.36 8.85
CA PRO A 213 -35.42 11.42 7.94
C PRO A 213 -34.50 12.41 8.63
N ASN A 214 -33.29 11.95 8.93
CA ASN A 214 -32.28 12.75 9.60
C ASN A 214 -30.95 12.59 8.87
N SER A 215 -30.99 12.72 7.54
CA SER A 215 -29.83 12.61 6.67
C SER A 215 -29.10 11.28 6.87
N ASN A 216 -29.88 10.23 7.07
CA ASN A 216 -29.33 8.89 7.24
C ASN A 216 -29.31 8.14 5.90
N VAL A 217 -28.46 8.64 5.00
CA VAL A 217 -28.27 8.05 3.67
C VAL A 217 -26.84 7.56 3.58
N ASN A 218 -26.66 6.31 3.21
CA ASN A 218 -25.32 5.79 2.99
C ASN A 218 -25.19 5.32 1.55
N ILE A 219 -23.97 5.31 1.05
CA ILE A 219 -23.72 5.02 -0.36
C ILE A 219 -22.32 4.45 -0.50
N GLU A 220 -22.21 3.31 -1.18
CA GLU A 220 -20.92 2.67 -1.40
C GLU A 220 -20.74 2.43 -2.89
N PHE A 221 -19.49 2.27 -3.29
CA PHE A 221 -19.20 1.94 -4.68
C PHE A 221 -17.88 1.19 -4.74
N ALA A 222 -17.82 0.21 -5.64
CA ALA A 222 -16.67 -0.67 -5.75
C ALA A 222 -16.34 -0.92 -7.21
N THR A 223 -15.06 -1.17 -7.45
CA THR A 223 -14.54 -1.43 -8.78
C THR A 223 -13.84 -2.79 -8.81
N ARG A 224 -13.61 -3.30 -10.02
CA ARG A 224 -13.00 -4.60 -10.21
C ARG A 224 -12.16 -4.51 -11.49
N TYR A 225 -10.86 -4.61 -11.34
CA TYR A 225 -9.91 -4.44 -12.43
C TYR A 225 -9.13 -5.73 -12.66
N LEU A 226 -8.83 -6.01 -13.92
CA LEU A 226 -8.04 -7.18 -14.29
C LEU A 226 -6.79 -6.75 -15.04
N PRO A 227 -5.64 -6.64 -14.36
CA PRO A 227 -4.42 -6.28 -15.09
C PRO A 227 -4.06 -7.29 -16.16
N ASP A 228 -4.38 -8.56 -15.97
CA ASP A 228 -4.18 -9.58 -16.99
C ASP A 228 -5.25 -10.65 -16.81
N ALA A 229 -5.06 -11.80 -17.44
CA ALA A 229 -6.03 -12.88 -17.39
C ALA A 229 -5.84 -13.78 -16.17
N SER A 230 -4.84 -13.51 -15.32
CA SER A 230 -4.61 -14.33 -14.14
C SER A 230 -4.43 -13.48 -12.89
N SER A 231 -5.19 -12.39 -12.77
CA SER A 231 -5.10 -11.52 -11.61
C SER A 231 -6.41 -10.80 -11.45
N GLN A 232 -6.61 -10.19 -10.28
CA GLN A 232 -7.81 -9.39 -10.05
C GLN A 232 -7.55 -8.44 -8.90
N VAL A 233 -7.99 -7.20 -9.03
CA VAL A 233 -7.85 -6.18 -7.99
C VAL A 233 -9.21 -5.57 -7.74
N LYS A 234 -9.61 -5.51 -6.49
CA LYS A 234 -10.87 -4.88 -6.12
C LYS A 234 -10.60 -3.70 -5.19
N ALA A 235 -11.57 -2.79 -5.14
CA ALA A 235 -11.48 -1.61 -4.28
C ALA A 235 -12.90 -1.12 -4.02
N LYS A 236 -13.27 -1.07 -2.76
CA LYS A 236 -14.60 -0.66 -2.34
C LYS A 236 -14.48 0.51 -1.39
N VAL A 237 -15.24 1.58 -1.64
CA VAL A 237 -15.20 2.78 -0.82
C VAL A 237 -16.60 3.01 -0.27
N SER A 238 -16.70 3.14 1.04
CA SER A 238 -17.98 3.46 1.67
C SER A 238 -17.99 4.93 2.07
N ASP A 239 -19.19 5.43 2.38
CA ASP A 239 -19.33 6.84 2.72
C ASP A 239 -18.62 7.19 4.03
N SER A 240 -18.55 6.23 4.96
CA SER A 240 -17.94 6.50 6.26
C SER A 240 -16.43 6.56 6.21
N GLY A 241 -15.83 6.40 5.04
CA GLY A 241 -14.39 6.39 4.90
C GLY A 241 -13.76 5.02 4.90
N ILE A 242 -14.56 3.96 5.00
CA ILE A 242 -14.03 2.61 4.99
C ILE A 242 -13.59 2.28 3.57
N VAL A 243 -12.31 1.99 3.39
CA VAL A 243 -11.75 1.63 2.10
C VAL A 243 -11.25 0.21 2.20
N THR A 244 -11.65 -0.64 1.25
CA THR A 244 -11.30 -2.04 1.24
C THR A 244 -10.58 -2.39 -0.06
N LEU A 245 -9.45 -3.06 0.06
CA LEU A 245 -8.66 -3.50 -1.08
C LEU A 245 -8.57 -5.02 -1.08
N ALA A 246 -8.42 -5.58 -2.27
CA ALA A 246 -8.29 -7.02 -2.41
C ALA A 246 -7.50 -7.32 -3.67
N TYR A 247 -6.66 -8.36 -3.59
CA TYR A 247 -5.77 -8.69 -4.70
C TYR A 247 -5.71 -10.21 -4.81
N LYS A 248 -6.42 -10.76 -5.79
CA LYS A 248 -6.43 -12.20 -6.04
C LYS A 248 -5.44 -12.49 -7.14
N GLN A 249 -4.35 -13.16 -6.80
CA GLN A 249 -3.31 -13.52 -7.75
C GLN A 249 -3.34 -15.03 -7.99
N LEU A 250 -3.31 -15.41 -9.25
CA LEU A 250 -3.30 -16.82 -9.63
C LEU A 250 -1.85 -17.28 -9.72
N LEU A 251 -1.45 -18.17 -8.82
CA LEU A 251 -0.17 -18.85 -8.92
C LEU A 251 -0.30 -19.98 -9.93
N ARG A 252 0.64 -20.92 -9.93
CA ARG A 252 0.58 -22.06 -10.83
C ARG A 252 -0.86 -22.55 -10.98
N PRO A 253 -1.32 -22.75 -12.22
CA PRO A 253 -2.75 -23.07 -12.42
C PRO A 253 -3.17 -24.27 -11.60
N GLY A 254 -4.04 -24.01 -10.63
CA GLY A 254 -4.40 -25.01 -9.65
C GLY A 254 -4.26 -24.50 -8.23
N VAL A 255 -3.71 -23.31 -8.05
CA VAL A 255 -3.61 -22.72 -6.72
C VAL A 255 -3.70 -21.21 -6.84
N THR A 256 -4.59 -20.60 -6.05
CA THR A 256 -4.73 -19.16 -6.00
C THR A 256 -4.41 -18.66 -4.60
N LEU A 257 -3.91 -17.43 -4.53
CA LEU A 257 -3.60 -16.80 -3.26
C LEU A 257 -4.16 -15.39 -3.31
N GLY A 258 -4.92 -15.02 -2.29
CA GLY A 258 -5.48 -13.69 -2.20
C GLY A 258 -5.00 -12.98 -0.95
N VAL A 259 -4.75 -11.70 -1.10
CA VAL A 259 -4.33 -10.84 0.00
C VAL A 259 -5.28 -9.64 0.06
N GLY A 260 -5.99 -9.51 1.16
CA GLY A 260 -6.95 -8.43 1.34
C GLY A 260 -6.59 -7.57 2.53
N SER A 261 -6.91 -6.28 2.44
CA SER A 261 -6.66 -5.36 3.53
C SER A 261 -7.72 -4.28 3.48
N SER A 262 -8.15 -3.84 4.66
CA SER A 262 -9.25 -2.88 4.75
C SER A 262 -8.96 -1.90 5.87
N PHE A 263 -8.73 -0.65 5.51
CA PHE A 263 -8.41 0.40 6.47
C PHE A 263 -9.46 1.50 6.41
N ASP A 264 -9.29 2.50 7.26
CA ASP A 264 -10.13 3.69 7.25
C ASP A 264 -9.29 4.87 6.77
N ALA A 265 -9.66 5.41 5.60
CA ALA A 265 -8.93 6.52 5.02
C ALA A 265 -9.10 7.76 5.87
N LEU A 266 -8.02 8.52 6.00
CA LEU A 266 -7.99 9.84 6.64
C LEU A 266 -8.19 9.78 8.15
N LYS A 267 -8.44 8.59 8.71
CA LYS A 267 -8.56 8.41 10.15
C LYS A 267 -7.70 7.21 10.54
N LEU A 268 -6.40 7.45 10.68
CA LEU A 268 -5.46 6.39 11.08
C LEU A 268 -5.23 6.38 12.59
N SER A 269 -6.29 6.30 13.39
CA SER A 269 -6.16 6.25 14.83
C SER A 269 -7.04 5.21 15.50
N GLU A 270 -8.07 4.72 14.82
CA GLU A 270 -8.94 3.70 15.37
C GLU A 270 -8.51 2.33 14.89
N PRO A 271 -8.35 1.36 15.80
CA PRO A 271 -8.00 -0.01 15.41
C PRO A 271 -9.15 -0.73 14.69
N VAL A 272 -9.40 -0.30 13.46
CA VAL A 272 -10.47 -0.85 12.63
C VAL A 272 -9.93 -1.46 11.34
N HIS A 273 -8.66 -1.26 11.06
CA HIS A 273 -8.05 -1.84 9.87
C HIS A 273 -7.77 -3.32 10.07
N LYS A 274 -7.87 -4.09 8.99
CA LYS A 274 -7.66 -5.52 9.03
C LYS A 274 -6.82 -5.94 7.83
N LEU A 275 -6.15 -7.08 7.99
CA LEU A 275 -5.37 -7.66 6.90
C LEU A 275 -5.53 -9.18 6.98
N GLY A 276 -5.72 -9.81 5.83
CA GLY A 276 -5.88 -11.24 5.79
C GLY A 276 -5.49 -11.79 4.45
N TRP A 277 -5.43 -13.12 4.37
CA TRP A 277 -5.08 -13.77 3.12
C TRP A 277 -5.90 -15.05 3.00
N SER A 278 -5.74 -15.72 1.86
CA SER A 278 -6.52 -16.91 1.58
C SER A 278 -5.78 -17.76 0.56
N LEU A 279 -5.76 -19.06 0.79
CA LEU A 279 -5.16 -20.02 -0.12
C LEU A 279 -6.22 -20.99 -0.62
N SER A 280 -6.28 -21.15 -1.94
CA SER A 280 -7.20 -22.07 -2.59
C SER A 280 -6.41 -23.07 -3.40
N PHE A 281 -6.52 -24.33 -3.02
CA PHE A 281 -5.92 -25.44 -3.74
C PHE A 281 -6.99 -26.13 -4.59
N ASP A 282 -6.59 -26.56 -5.78
CA ASP A 282 -7.51 -27.25 -6.68
C ASP A 282 -6.75 -28.41 -7.32
N ALA A 283 -7.26 -29.62 -7.15
CA ALA A 283 -6.63 -30.80 -7.72
C ALA A 283 -7.01 -30.95 -9.19
N SER B 2 33.41 -41.08 2.35
CA SER B 2 33.66 -40.87 3.77
C SER B 2 32.39 -41.03 4.59
N PRO B 3 32.49 -41.72 5.73
CA PRO B 3 31.32 -41.89 6.58
C PRO B 3 30.87 -40.56 7.16
N PRO B 4 29.58 -40.37 7.38
CA PRO B 4 29.09 -39.10 7.93
C PRO B 4 29.57 -38.89 9.35
N VAL B 5 29.75 -37.62 9.69
CA VAL B 5 30.11 -37.25 11.06
C VAL B 5 28.99 -37.64 12.00
N TYR B 6 29.34 -37.94 13.25
CA TYR B 6 28.32 -38.35 14.20
C TYR B 6 27.32 -37.23 14.46
N SER B 7 27.80 -35.99 14.60
CA SER B 7 26.89 -34.87 14.80
C SER B 7 25.93 -34.70 13.63
N ASP B 8 26.28 -35.18 12.46
CA ASP B 8 25.43 -35.12 11.27
C ASP B 8 24.87 -36.49 10.90
N ILE B 9 24.78 -37.40 11.86
CA ILE B 9 24.14 -38.68 11.61
C ILE B 9 22.64 -38.47 11.50
N SER B 10 21.99 -39.26 10.66
CA SER B 10 20.54 -39.21 10.47
C SER B 10 20.07 -37.79 10.21
N ARG B 11 20.80 -37.09 9.33
CA ARG B 11 20.36 -35.76 8.93
C ARG B 11 19.11 -35.83 8.07
N ASN B 12 18.90 -36.96 7.38
CA ASN B 12 17.73 -37.09 6.52
C ASN B 12 16.44 -36.98 7.33
N ILE B 13 16.34 -37.71 8.44
CA ILE B 13 15.15 -37.59 9.27
C ILE B 13 15.10 -36.25 9.97
N ASN B 14 16.23 -35.71 10.40
CA ASN B 14 16.24 -34.42 11.08
C ASN B 14 15.86 -33.27 10.16
N ASP B 15 15.94 -33.45 8.85
CA ASP B 15 15.54 -32.41 7.91
C ASP B 15 14.08 -32.47 7.51
N LEU B 16 13.33 -33.47 7.98
CA LEU B 16 11.91 -33.51 7.68
C LEU B 16 11.07 -32.77 8.71
N LEU B 17 11.46 -32.79 9.97
CA LEU B 17 10.64 -32.20 11.02
C LEU B 17 11.24 -30.95 11.66
N ASN B 18 12.44 -30.54 11.28
CA ASN B 18 13.07 -29.34 11.83
C ASN B 18 13.54 -28.38 10.75
N LYS B 19 12.99 -28.45 9.55
CA LYS B 19 13.55 -27.69 8.44
C LYS B 19 12.46 -27.40 7.42
N ASP B 20 12.47 -26.17 6.89
CA ASP B 20 11.43 -25.65 6.01
C ASP B 20 10.04 -25.75 6.65
N PHE B 21 9.96 -25.27 7.89
CA PHE B 21 8.70 -25.08 8.59
C PHE B 21 8.57 -23.63 8.98
N TYR B 22 7.38 -23.07 8.78
CA TYR B 22 7.11 -21.67 9.13
C TYR B 22 5.83 -21.62 9.97
N HIS B 23 5.98 -21.81 11.27
CA HIS B 23 4.89 -21.65 12.20
C HIS B 23 5.29 -20.95 13.49
N ALA B 24 6.58 -20.73 13.73
CA ALA B 24 7.04 -20.08 14.94
C ALA B 24 7.07 -18.56 14.83
N THR B 25 7.17 -18.02 13.62
CA THR B 25 7.24 -16.58 13.41
C THR B 25 6.10 -16.16 12.50
N PRO B 26 5.24 -15.23 12.93
CA PRO B 26 4.13 -14.81 12.06
C PRO B 26 4.58 -14.22 10.74
N ALA B 27 5.72 -13.55 10.71
CA ALA B 27 6.23 -12.97 9.47
C ALA B 27 7.75 -13.00 9.49
N ALA B 28 8.34 -13.11 8.31
CA ALA B 28 9.78 -13.13 8.17
C ALA B 28 10.16 -12.54 6.82
N PHE B 29 11.38 -12.01 6.74
CA PHE B 29 11.85 -11.37 5.52
C PHE B 29 13.31 -11.75 5.34
N ASP B 30 13.63 -12.36 4.21
CA ASP B 30 14.98 -12.79 3.90
C ASP B 30 15.43 -12.13 2.60
N VAL B 31 16.67 -11.66 2.58
CA VAL B 31 17.30 -11.17 1.35
C VAL B 31 18.69 -11.77 1.26
N GLN B 32 19.04 -12.28 0.09
CA GLN B 32 20.30 -12.99 -0.13
C GLN B 32 20.96 -12.39 -1.36
N THR B 33 22.05 -11.66 -1.16
CA THR B 33 22.78 -11.03 -2.25
C THR B 33 24.21 -11.53 -2.28
N THR B 34 24.74 -11.73 -3.49
CA THR B 34 26.09 -12.20 -3.68
C THR B 34 26.85 -11.24 -4.59
N THR B 35 28.01 -10.79 -4.13
CA THR B 35 28.85 -9.88 -4.90
C THR B 35 29.73 -10.67 -5.85
N ALA B 36 30.22 -9.98 -6.88
CA ALA B 36 31.11 -10.62 -7.85
C ALA B 36 32.38 -11.13 -7.21
N ASN B 37 32.83 -10.53 -6.10
CA ASN B 37 34.03 -11.01 -5.42
C ASN B 37 33.82 -12.41 -4.88
N GLY B 38 32.66 -12.68 -4.29
CA GLY B 38 32.38 -13.99 -3.75
C GLY B 38 32.01 -13.99 -2.28
N ILE B 39 31.52 -12.86 -1.78
CA ILE B 39 31.08 -12.72 -0.39
C ILE B 39 29.56 -12.70 -0.41
N LYS B 40 28.96 -13.64 0.30
CA LYS B 40 27.51 -13.79 0.27
C LYS B 40 26.89 -13.11 1.49
N PHE B 41 26.20 -11.99 1.25
CA PHE B 41 25.59 -11.20 2.30
C PHE B 41 24.11 -11.55 2.40
N SER B 42 23.60 -11.57 3.64
CA SER B 42 22.22 -11.96 3.89
C SER B 42 21.61 -11.07 4.95
N LEU B 43 20.30 -11.27 5.17
CA LEU B 43 19.57 -10.62 6.25
C LEU B 43 18.38 -11.48 6.62
N LYS B 44 18.07 -11.52 7.92
CA LYS B 44 16.92 -12.25 8.43
C LYS B 44 16.16 -11.34 9.37
N ALA B 45 14.97 -10.91 8.94
CA ALA B 45 14.09 -10.09 9.75
C ALA B 45 12.94 -10.95 10.27
N LYS B 46 13.17 -11.61 11.40
CA LYS B 46 12.18 -12.52 11.96
C LYS B 46 11.29 -11.79 12.96
N GLN B 47 10.47 -12.55 13.68
CA GLN B 47 9.59 -12.01 14.71
C GLN B 47 9.19 -13.11 15.68
N PRO B 48 9.90 -13.24 16.80
CA PRO B 48 9.57 -14.33 17.73
C PRO B 48 8.28 -14.11 18.50
N VAL B 49 8.04 -12.90 19.00
CA VAL B 49 6.87 -12.59 19.82
C VAL B 49 5.85 -11.88 18.94
N LYS B 50 4.57 -12.21 19.15
CA LYS B 50 3.51 -11.65 18.32
C LYS B 50 3.34 -10.15 18.52
N ASP B 51 3.69 -9.62 19.68
CA ASP B 51 3.50 -8.19 19.97
C ASP B 51 4.71 -7.62 20.70
N GLY B 52 5.89 -8.17 20.42
CA GLY B 52 7.10 -7.73 21.09
C GLY B 52 8.11 -7.10 20.17
N PRO B 53 9.39 -7.31 20.45
CA PRO B 53 10.44 -6.71 19.61
C PRO B 53 10.49 -7.35 18.23
N LEU B 54 11.11 -6.62 17.31
CA LEU B 54 11.29 -7.06 15.94
C LEU B 54 12.74 -7.50 15.75
N SER B 55 12.97 -8.82 15.80
CA SER B 55 14.30 -9.38 15.75
C SER B 55 14.81 -9.35 14.31
N THR B 56 16.06 -8.93 14.14
CA THR B 56 16.66 -8.89 12.82
C THR B 56 18.16 -9.06 12.94
N ASN B 57 18.75 -9.82 12.02
CA ASN B 57 20.18 -10.05 11.98
C ASN B 57 20.71 -9.92 10.56
N VAL B 58 22.00 -9.60 10.46
CA VAL B 58 22.69 -9.42 9.18
C VAL B 58 24.01 -10.16 9.30
N GLU B 59 24.29 -11.08 8.38
CA GLU B 59 25.51 -11.84 8.43
C GLU B 59 26.17 -11.90 7.06
N ALA B 60 27.49 -12.08 7.07
CA ALA B 60 28.30 -12.19 5.87
C ALA B 60 29.21 -13.40 5.99
N LYS B 61 29.50 -14.02 4.85
CA LYS B 61 30.37 -15.19 4.84
C LYS B 61 30.99 -15.33 3.46
N LEU B 62 32.08 -16.09 3.40
CA LEU B 62 32.75 -16.37 2.14
C LEU B 62 33.34 -17.77 2.19
N ASN B 63 33.34 -18.44 1.03
CA ASN B 63 33.87 -19.78 0.92
C ASN B 63 34.56 -19.89 -0.43
N ASP B 64 35.88 -20.00 -0.43
CA ASP B 64 36.68 -19.99 -1.65
C ASP B 64 37.40 -21.33 -1.82
N LYS B 65 37.63 -21.70 -3.08
CA LYS B 65 38.39 -22.90 -3.42
C LYS B 65 39.89 -22.66 -3.39
N GLN B 66 40.34 -21.61 -2.71
CA GLN B 66 41.75 -21.34 -2.49
C GLN B 66 42.27 -22.20 -1.35
N THR B 67 43.42 -21.82 -0.79
CA THR B 67 44.04 -22.59 0.30
C THR B 67 43.06 -22.90 1.43
N GLY B 68 41.96 -22.16 1.54
CA GLY B 68 40.92 -22.51 2.49
C GLY B 68 40.64 -21.48 3.56
N LEU B 69 40.84 -20.21 3.26
CA LEU B 69 40.53 -19.12 4.17
C LEU B 69 39.03 -18.88 4.12
N GLY B 70 38.33 -19.30 5.17
CA GLY B 70 36.89 -19.12 5.23
C GLY B 70 36.44 -18.32 6.44
N LEU B 71 35.89 -17.13 6.19
CA LEU B 71 35.51 -16.23 7.26
C LEU B 71 34.01 -15.99 7.24
N THR B 72 33.41 -15.94 8.43
CA THR B 72 31.99 -15.66 8.58
C THR B 72 31.80 -14.76 9.80
N GLN B 73 30.95 -13.75 9.68
CA GLN B 73 30.66 -12.85 10.78
C GLN B 73 29.20 -12.43 10.68
N GLY B 74 28.72 -11.72 11.70
CA GLY B 74 27.35 -11.25 11.68
C GLY B 74 26.90 -10.58 12.96
N TRP B 75 26.02 -9.59 12.81
CA TRP B 75 25.43 -8.86 13.92
C TRP B 75 23.94 -9.20 13.97
N SER B 76 23.31 -8.89 15.10
CA SER B 76 21.91 -9.21 15.30
C SER B 76 21.31 -8.16 16.22
N ASN B 77 20.07 -8.39 16.63
CA ASN B 77 19.42 -7.51 17.59
C ASN B 77 19.58 -8.00 19.02
N THR B 78 20.04 -9.23 19.21
CA THR B 78 20.33 -9.74 20.54
C THR B 78 21.72 -9.34 21.03
N ASN B 79 22.41 -8.47 20.29
CA ASN B 79 23.69 -7.90 20.70
C ASN B 79 24.74 -8.98 20.90
N ASN B 80 24.86 -9.86 19.91
CA ASN B 80 25.83 -10.92 19.96
C ASN B 80 26.39 -11.16 18.57
N LEU B 81 27.58 -11.75 18.53
CA LEU B 81 28.24 -12.11 17.28
C LEU B 81 28.61 -13.57 17.31
N GLN B 82 28.39 -14.25 16.18
CA GLN B 82 28.75 -15.66 16.03
C GLN B 82 29.64 -15.75 14.79
N THR B 83 30.94 -15.55 14.99
CA THR B 83 31.87 -15.66 13.90
C THR B 83 32.27 -17.12 13.68
N LYS B 84 32.83 -17.39 12.50
CA LYS B 84 33.20 -18.75 12.12
C LYS B 84 34.44 -18.68 11.26
N LEU B 85 35.37 -19.61 11.48
CA LEU B 85 36.67 -19.60 10.82
C LEU B 85 37.05 -21.02 10.44
N GLU B 86 37.05 -21.32 9.14
CA GLU B 86 37.43 -22.64 8.64
C GLU B 86 38.75 -22.53 7.89
N PHE B 87 39.60 -23.54 8.07
CA PHE B 87 40.87 -23.62 7.35
C PHE B 87 41.45 -25.01 7.53
N ALA B 88 42.17 -25.47 6.50
CA ALA B 88 42.85 -26.76 6.52
C ALA B 88 44.36 -26.61 6.38
N ASN B 89 44.81 -25.85 5.38
CA ASN B 89 46.21 -25.51 5.20
C ASN B 89 47.09 -26.74 5.08
N LEU B 90 47.81 -27.09 6.16
CA LEU B 90 48.78 -28.18 6.12
C LEU B 90 48.13 -29.52 5.80
N THR B 91 47.26 -29.99 6.66
CA THR B 91 46.71 -31.33 6.52
C THR B 91 45.44 -31.32 5.69
N PRO B 92 45.35 -32.14 4.64
CA PRO B 92 44.08 -32.24 3.90
C PRO B 92 43.03 -32.97 4.71
N GLY B 93 41.83 -32.40 4.76
CA GLY B 93 40.72 -32.97 5.50
C GLY B 93 40.64 -32.55 6.95
N LEU B 94 41.69 -31.94 7.50
CA LEU B 94 41.69 -31.47 8.88
C LEU B 94 40.98 -30.12 8.95
N LYS B 95 39.70 -30.16 9.27
CA LYS B 95 38.93 -28.93 9.39
C LYS B 95 39.02 -28.39 10.81
N ASN B 96 39.58 -27.20 10.96
CA ASN B 96 39.78 -26.59 12.27
C ASN B 96 38.88 -25.36 12.36
N GLU B 97 37.67 -25.57 12.87
CA GLU B 97 36.69 -24.51 12.96
C GLU B 97 36.70 -23.89 14.36
N LEU B 98 36.14 -22.69 14.46
CA LEU B 98 36.03 -22.05 15.76
C LEU B 98 34.81 -21.15 15.75
N ILE B 99 34.08 -21.14 16.87
CA ILE B 99 32.83 -20.40 17.00
C ILE B 99 32.92 -19.52 18.24
N THR B 100 32.58 -18.25 18.09
CA THR B 100 32.54 -17.31 19.20
C THR B 100 31.11 -16.88 19.48
N SER B 101 30.90 -16.36 20.70
CA SER B 101 29.60 -15.87 21.14
C SER B 101 29.83 -14.51 21.82
N LEU B 102 30.60 -13.66 21.16
CA LEU B 102 30.97 -12.38 21.73
C LEU B 102 29.72 -11.54 22.00
N THR B 103 29.64 -10.98 23.22
CA THR B 103 28.50 -10.21 23.65
C THR B 103 29.00 -9.21 24.69
N PRO B 104 28.66 -7.93 24.57
CA PRO B 104 29.05 -6.96 25.60
C PRO B 104 28.44 -7.29 26.95
N GLY B 105 29.23 -7.20 28.01
CA GLY B 105 28.75 -7.52 29.34
C GLY B 105 28.79 -9.00 29.66
N VAL B 106 28.03 -9.79 28.90
CA VAL B 106 28.01 -11.23 29.11
C VAL B 106 29.34 -11.84 28.71
N ALA B 107 29.88 -12.69 29.56
CA ALA B 107 31.15 -13.33 29.27
C ALA B 107 31.05 -14.18 28.01
N LYS B 108 31.99 -13.99 27.09
CA LYS B 108 31.99 -14.73 25.85
C LYS B 108 32.53 -16.14 26.07
N SER B 109 32.18 -17.04 25.15
CA SER B 109 32.67 -18.41 25.21
C SER B 109 33.10 -18.81 23.80
N ALA B 110 34.28 -19.41 23.70
CA ALA B 110 34.81 -19.86 22.42
C ALA B 110 34.78 -21.38 22.37
N VAL B 111 34.37 -21.92 21.23
CA VAL B 111 34.31 -23.36 21.02
C VAL B 111 35.24 -23.66 19.85
N LEU B 112 36.26 -24.47 20.09
CA LEU B 112 37.26 -24.79 19.09
C LEU B 112 37.05 -26.24 18.67
N ASN B 113 36.68 -26.44 17.40
CA ASN B 113 36.37 -27.77 16.90
C ASN B 113 37.42 -28.24 15.91
N THR B 114 37.83 -29.49 16.05
CA THR B 114 38.72 -30.15 15.10
C THR B 114 37.99 -31.37 14.57
N THR B 115 37.83 -31.44 13.24
CA THR B 115 37.19 -32.56 12.57
C THR B 115 38.21 -33.18 11.63
N PHE B 116 38.50 -34.46 11.83
CA PHE B 116 39.53 -35.16 11.07
C PHE B 116 38.87 -36.37 10.44
N THR B 117 38.89 -36.44 9.11
CA THR B 117 38.25 -37.53 8.39
C THR B 117 39.30 -38.52 7.91
N GLN B 118 38.95 -39.80 7.92
CA GLN B 118 39.71 -40.88 7.32
C GLN B 118 38.72 -41.78 6.63
N PRO B 119 39.15 -42.52 5.60
CA PRO B 119 38.28 -43.56 5.04
C PRO B 119 37.87 -44.53 6.14
N PHE B 120 36.57 -44.58 6.42
CA PHE B 120 35.96 -45.45 7.43
C PHE B 120 36.24 -44.99 8.86
N PHE B 121 36.67 -43.74 9.04
CA PHE B 121 36.91 -43.22 10.39
C PHE B 121 36.51 -41.76 10.46
N THR B 122 35.73 -41.41 11.48
CA THR B 122 35.40 -40.01 11.71
C THR B 122 35.65 -39.66 13.16
N ALA B 123 36.42 -38.60 13.39
CA ALA B 123 36.73 -38.16 14.74
C ALA B 123 36.58 -36.65 14.82
N ARG B 124 35.80 -36.18 15.78
CA ARG B 124 35.59 -34.76 16.00
C ARG B 124 35.74 -34.46 17.49
N GLY B 125 36.45 -33.38 17.79
CA GLY B 125 36.65 -32.94 19.17
C GLY B 125 36.39 -31.45 19.29
N ALA B 126 35.94 -31.04 20.47
CA ALA B 126 35.63 -29.65 20.74
C ALA B 126 36.14 -29.24 22.12
N PHE B 127 36.83 -28.11 22.17
CA PHE B 127 37.33 -27.53 23.42
C PHE B 127 36.49 -26.30 23.74
N ASP B 128 36.03 -26.20 24.98
CA ASP B 128 35.28 -25.02 25.42
C ASP B 128 36.22 -24.07 26.14
N LEU B 129 36.84 -23.19 25.37
CA LEU B 129 37.81 -22.25 25.92
C LEU B 129 37.15 -20.88 26.12
N CYS B 130 37.92 -19.95 26.69
CA CYS B 130 37.41 -18.66 27.17
C CYS B 130 36.31 -18.86 28.19
N LEU B 131 36.52 -19.81 29.10
CA LEU B 131 35.58 -20.09 30.18
C LEU B 131 36.38 -20.58 31.39
N LYS B 132 35.93 -20.17 32.59
CA LYS B 132 36.60 -20.58 33.82
C LYS B 132 36.45 -22.06 34.08
N SER B 133 35.51 -22.74 33.44
CA SER B 133 35.26 -24.16 33.62
C SER B 133 35.30 -24.84 32.25
N PRO B 134 36.50 -25.09 31.72
CA PRO B 134 36.60 -25.69 30.38
C PRO B 134 36.08 -27.12 30.36
N THR B 135 35.54 -27.50 29.22
CA THR B 135 35.02 -28.85 28.97
C THR B 135 35.52 -29.35 27.62
N PHE B 136 35.52 -30.67 27.46
CA PHE B 136 35.91 -31.27 26.19
C PHE B 136 34.84 -32.27 25.79
N VAL B 137 34.49 -32.31 24.52
CA VAL B 137 33.53 -33.28 24.01
C VAL B 137 34.05 -33.85 22.70
N GLY B 138 34.03 -35.17 22.59
CA GLY B 138 34.53 -35.82 21.41
C GLY B 138 33.58 -36.91 20.97
N ASP B 139 33.73 -37.31 19.72
CA ASP B 139 32.87 -38.36 19.18
C ASP B 139 33.64 -39.16 18.14
N LEU B 140 33.17 -40.38 17.92
CA LEU B 140 33.80 -41.31 16.99
C LEU B 140 32.72 -41.94 16.13
N THR B 141 33.03 -42.13 14.85
CA THR B 141 32.10 -42.75 13.91
C THR B 141 32.84 -43.78 13.07
N MET B 142 32.28 -44.98 13.01
CA MET B 142 32.82 -46.10 12.27
C MET B 142 31.82 -46.57 11.23
N ALA B 143 32.35 -47.10 10.13
CA ALA B 143 31.54 -47.60 9.03
C ALA B 143 31.80 -49.09 8.84
N HIS B 144 30.72 -49.81 8.52
CA HIS B 144 30.73 -51.26 8.32
C HIS B 144 29.95 -51.54 7.03
N GLU B 145 30.37 -50.86 5.96
CA GLU B 145 29.90 -51.09 4.58
C GLU B 145 28.38 -51.22 4.53
N GLY B 146 27.71 -50.32 5.25
CA GLY B 146 26.28 -50.35 5.37
C GLY B 146 25.81 -50.12 6.78
N ILE B 147 26.61 -50.53 7.76
CA ILE B 147 26.26 -50.29 9.17
C ILE B 147 27.10 -49.11 9.67
N VAL B 148 26.48 -47.97 9.82
CA VAL B 148 27.17 -46.75 10.26
C VAL B 148 26.87 -46.58 11.75
N GLY B 149 27.91 -46.69 12.58
CA GLY B 149 27.77 -46.53 14.00
C GLY B 149 28.69 -45.47 14.55
N GLY B 150 28.57 -45.23 15.84
CA GLY B 150 29.43 -44.27 16.50
C GLY B 150 28.99 -44.04 17.93
N ALA B 151 29.70 -43.14 18.59
CA ALA B 151 29.42 -42.81 19.98
C ALA B 151 30.02 -41.43 20.27
N GLU B 152 29.65 -40.87 21.42
CA GLU B 152 30.19 -39.58 21.86
C GLU B 152 30.47 -39.66 23.35
N PHE B 153 31.57 -39.04 23.78
CA PHE B 153 31.89 -38.90 25.19
C PHE B 153 32.17 -37.43 25.49
N GLY B 154 32.00 -37.08 26.76
CA GLY B 154 32.30 -35.73 27.22
C GLY B 154 33.07 -35.74 28.52
N TYR B 155 34.27 -35.16 28.53
CA TYR B 155 35.12 -35.14 29.71
C TYR B 155 35.15 -33.74 30.28
N ASP B 156 34.92 -33.64 31.59
CA ASP B 156 34.98 -32.36 32.28
C ASP B 156 36.39 -32.16 32.81
N ILE B 157 37.04 -31.08 32.36
CA ILE B 157 38.38 -30.78 32.85
C ILE B 157 38.35 -30.35 34.30
N SER B 158 37.35 -29.54 34.68
CA SER B 158 37.26 -29.07 36.06
C SER B 158 36.94 -30.20 37.01
N ALA B 159 35.96 -31.04 36.67
CA ALA B 159 35.57 -32.15 37.53
C ALA B 159 36.56 -33.31 37.42
N GLY B 160 36.70 -33.85 36.22
CA GLY B 160 37.64 -34.94 36.00
C GLY B 160 36.96 -36.26 35.70
N SER B 161 35.79 -36.22 35.07
CA SER B 161 35.03 -37.43 34.81
C SER B 161 34.17 -37.22 33.56
N ILE B 162 33.37 -38.24 33.23
CA ILE B 162 32.50 -38.21 32.06
C ILE B 162 31.16 -37.60 32.46
N SER B 163 30.73 -36.59 31.71
CA SER B 163 29.50 -35.86 32.01
C SER B 163 28.29 -36.35 31.23
N ARG B 164 28.47 -36.81 29.99
CA ARG B 164 27.33 -37.22 29.18
C ARG B 164 27.80 -38.20 28.12
N TYR B 165 27.31 -39.43 28.21
CA TYR B 165 27.73 -40.54 27.35
C TYR B 165 26.57 -40.96 26.47
N ALA B 166 26.81 -41.02 25.16
CA ALA B 166 25.79 -41.39 24.20
C ALA B 166 26.36 -42.36 23.18
N MET B 167 25.48 -43.16 22.59
CA MET B 167 25.89 -44.17 21.61
C MET B 167 24.79 -44.32 20.58
N ALA B 168 25.14 -44.24 19.31
CA ALA B 168 24.18 -44.32 18.22
C ALA B 168 24.61 -45.36 17.20
N LEU B 169 23.62 -46.02 16.60
CA LEU B 169 23.87 -47.03 15.58
C LEU B 169 22.74 -46.96 14.58
N SER B 170 23.08 -46.90 13.30
CA SER B 170 22.10 -46.77 12.23
C SER B 170 22.37 -47.81 11.14
N TYR B 171 21.53 -47.78 10.12
CA TYR B 171 21.63 -48.72 9.00
C TYR B 171 21.14 -47.97 7.77
N PHE B 172 22.08 -47.52 6.94
CA PHE B 172 21.72 -46.86 5.70
C PHE B 172 21.50 -47.88 4.59
N ALA B 173 20.64 -47.53 3.65
CA ALA B 173 20.38 -48.37 2.50
C ALA B 173 20.17 -47.49 1.28
N LYS B 174 19.71 -48.09 0.18
CA LYS B 174 19.48 -47.34 -1.05
C LYS B 174 18.39 -46.29 -0.89
N ASP B 175 17.27 -46.64 -0.26
CA ASP B 175 16.16 -45.70 -0.14
C ASP B 175 15.47 -45.71 1.22
N TYR B 176 16.12 -46.25 2.25
CA TYR B 176 15.57 -46.14 3.59
C TYR B 176 16.71 -46.21 4.59
N SER B 177 16.43 -45.78 5.82
CA SER B 177 17.45 -45.74 6.85
C SER B 177 16.80 -45.89 8.22
N LEU B 178 17.34 -46.78 9.03
CA LEU B 178 16.81 -47.07 10.36
C LEU B 178 17.93 -46.85 11.36
N GLY B 179 17.68 -46.02 12.39
CA GLY B 179 18.70 -45.70 13.36
C GLY B 179 18.14 -45.73 14.77
N ALA B 180 19.06 -45.75 15.73
CA ALA B 180 18.69 -45.76 17.13
C ALA B 180 19.84 -45.23 17.96
N THR B 181 19.51 -44.37 18.92
CA THR B 181 20.50 -43.74 19.79
C THR B 181 20.04 -43.82 21.24
N LEU B 182 21.02 -43.99 22.12
CA LEU B 182 20.80 -44.11 23.56
C LEU B 182 21.77 -43.18 24.27
N ASN B 183 21.27 -42.32 25.16
CA ASN B 183 22.15 -41.50 25.98
C ASN B 183 21.83 -41.75 27.46
N ASN B 184 22.89 -41.96 28.24
CA ASN B 184 22.82 -42.12 29.68
C ASN B 184 21.90 -43.26 30.11
N GLU B 185 21.65 -44.20 29.19
CA GLU B 185 20.69 -45.29 29.41
C GLU B 185 19.33 -44.76 29.81
N GLN B 186 19.06 -43.49 29.52
CA GLN B 186 17.84 -42.83 29.96
C GLN B 186 17.02 -42.33 28.77
N ILE B 187 17.64 -41.64 27.81
CA ILE B 187 16.89 -41.17 26.66
C ILE B 187 17.22 -42.10 25.50
N THR B 188 16.18 -42.56 24.81
CA THR B 188 16.33 -43.42 23.65
C THR B 188 15.49 -42.88 22.50
N THR B 189 16.06 -42.93 21.30
CA THR B 189 15.37 -42.39 20.13
C THR B 189 15.65 -43.30 18.95
N VAL B 190 14.59 -43.83 18.35
CA VAL B 190 14.69 -44.65 17.16
C VAL B 190 14.04 -43.90 16.01
N ASP B 191 14.79 -43.70 14.94
CA ASP B 191 14.30 -42.94 13.80
C ASP B 191 14.01 -43.85 12.62
N PHE B 192 13.51 -43.25 11.55
CA PHE B 192 13.13 -43.94 10.34
C PHE B 192 12.95 -42.92 9.23
N PHE B 193 13.60 -43.16 8.10
CA PHE B 193 13.51 -42.28 6.94
C PHE B 193 13.34 -43.14 5.71
N GLN B 194 12.42 -42.75 4.83
CA GLN B 194 12.06 -43.57 3.69
C GLN B 194 11.71 -42.67 2.52
N ASN B 195 12.45 -42.84 1.43
CA ASN B 195 12.21 -42.11 0.20
C ASN B 195 11.36 -42.97 -0.72
N VAL B 196 10.06 -42.68 -0.78
CA VAL B 196 9.15 -43.47 -1.61
C VAL B 196 9.61 -43.44 -3.05
N ASN B 197 9.63 -42.25 -3.65
CA ASN B 197 10.23 -42.03 -4.96
C ASN B 197 10.88 -40.66 -4.94
N ALA B 198 11.24 -40.15 -6.12
CA ALA B 198 11.86 -38.84 -6.19
C ALA B 198 10.90 -37.73 -5.76
N PHE B 199 9.60 -37.98 -5.75
CA PHE B 199 8.60 -36.94 -5.50
C PHE B 199 7.89 -37.12 -4.17
N LEU B 200 8.43 -37.90 -3.25
CA LEU B 200 7.76 -38.13 -1.97
C LEU B 200 8.73 -38.70 -0.97
N GLN B 201 8.69 -38.18 0.25
CA GLN B 201 9.49 -38.70 1.35
C GLN B 201 8.61 -38.83 2.58
N VAL B 202 8.97 -39.76 3.47
CA VAL B 202 8.19 -40.02 4.66
C VAL B 202 9.09 -40.58 5.73
N GLY B 203 8.91 -40.15 6.98
CA GLY B 203 9.75 -40.61 8.06
C GLY B 203 9.04 -40.55 9.39
N ALA B 204 9.63 -41.25 10.37
CA ALA B 204 9.09 -41.29 11.71
C ALA B 204 10.23 -41.26 12.70
N LYS B 205 9.94 -40.78 13.91
CA LYS B 205 10.93 -40.69 14.97
C LYS B 205 10.24 -40.89 16.31
N ALA B 206 10.76 -41.79 17.13
CA ALA B 206 10.14 -42.14 18.40
C ALA B 206 11.16 -42.00 19.53
N THR B 207 10.82 -41.20 20.53
CA THR B 207 11.59 -41.05 21.75
C THR B 207 10.83 -41.78 22.85
N MET B 208 11.47 -42.79 23.45
CA MET B 208 10.78 -43.64 24.41
C MET B 208 11.08 -43.24 25.85
N ASN B 209 12.30 -42.74 26.08
CA ASN B 209 12.71 -42.30 27.42
C ASN B 209 12.54 -43.41 28.45
N CYS B 210 13.32 -44.47 28.31
CA CYS B 210 13.19 -45.65 29.17
C CYS B 210 13.32 -45.25 30.64
N LYS B 211 12.22 -45.34 31.38
CA LYS B 211 12.19 -45.05 32.80
C LYS B 211 10.89 -45.60 33.37
N LEU B 212 10.95 -45.98 34.65
CA LEU B 212 9.78 -46.51 35.33
C LEU B 212 8.74 -45.45 35.73
N PRO B 213 9.13 -44.22 36.17
CA PRO B 213 8.10 -43.27 36.62
C PRO B 213 7.16 -42.84 35.50
N ASN B 214 7.71 -42.36 34.39
CA ASN B 214 6.90 -41.91 33.28
C ASN B 214 6.46 -43.08 32.42
N SER B 215 5.45 -42.84 31.58
CA SER B 215 4.87 -43.87 30.74
C SER B 215 4.79 -43.40 29.30
N ASN B 216 4.06 -44.15 28.47
CA ASN B 216 3.83 -43.89 27.06
C ASN B 216 5.11 -43.59 26.30
N VAL B 217 4.99 -42.87 25.18
CA VAL B 217 6.10 -42.68 24.25
C VAL B 217 5.77 -41.46 23.41
N ASN B 218 6.81 -40.82 22.85
CA ASN B 218 6.64 -39.61 22.06
C ASN B 218 7.08 -39.92 20.63
N ILE B 219 6.13 -40.20 19.75
CA ILE B 219 6.44 -40.53 18.37
C ILE B 219 5.89 -39.45 17.46
N GLU B 220 6.49 -39.34 16.28
CA GLU B 220 6.24 -38.26 15.33
C GLU B 220 6.32 -38.83 13.92
N PHE B 221 5.61 -38.21 12.99
CA PHE B 221 5.55 -38.75 11.63
C PHE B 221 5.45 -37.58 10.67
N ALA B 222 6.36 -37.50 9.71
CA ALA B 222 6.42 -36.37 8.79
C ALA B 222 6.51 -36.87 7.36
N THR B 223 6.01 -36.08 6.42
CA THR B 223 6.09 -36.38 4.99
C THR B 223 6.65 -35.18 4.26
N ARG B 224 6.86 -35.34 2.95
CA ARG B 224 7.28 -34.24 2.09
C ARG B 224 6.90 -34.58 0.67
N TYR B 225 6.12 -33.71 0.02
CA TYR B 225 5.61 -33.93 -1.32
C TYR B 225 6.04 -32.77 -2.22
N LEU B 226 6.36 -33.09 -3.47
CA LEU B 226 6.76 -32.09 -4.45
C LEU B 226 5.83 -32.17 -5.65
N PRO B 227 4.82 -31.29 -5.74
CA PRO B 227 3.97 -31.29 -6.94
C PRO B 227 4.76 -31.06 -8.22
N ASP B 228 5.79 -30.22 -8.16
CA ASP B 228 6.75 -30.07 -9.25
C ASP B 228 8.05 -29.48 -8.71
N ALA B 229 8.91 -29.00 -9.59
CA ALA B 229 10.21 -28.50 -9.15
C ALA B 229 10.04 -27.30 -8.21
N SER B 230 9.25 -26.32 -8.61
CA SER B 230 9.12 -25.08 -7.85
C SER B 230 7.95 -25.11 -6.88
N SER B 231 7.88 -26.16 -6.05
CA SER B 231 6.87 -26.26 -5.00
C SER B 231 7.36 -27.25 -3.97
N GLN B 232 6.81 -27.17 -2.76
CA GLN B 232 7.12 -28.17 -1.72
C GLN B 232 6.06 -28.07 -0.64
N VAL B 233 5.28 -29.13 -0.44
CA VAL B 233 4.27 -29.17 0.59
C VAL B 233 4.58 -30.31 1.54
N LYS B 234 4.63 -30.02 2.83
CA LYS B 234 4.99 -31.04 3.79
C LYS B 234 4.14 -30.91 5.05
N ALA B 235 3.95 -32.04 5.71
CA ALA B 235 3.05 -32.11 6.85
C ALA B 235 3.61 -33.09 7.87
N LYS B 236 3.52 -32.72 9.14
CA LYS B 236 3.93 -33.62 10.21
C LYS B 236 2.85 -33.67 11.28
N VAL B 237 2.77 -34.84 11.93
CA VAL B 237 1.79 -35.09 12.95
C VAL B 237 2.45 -35.83 14.12
N SER B 238 2.18 -35.36 15.33
CA SER B 238 2.64 -36.02 16.53
C SER B 238 1.47 -36.73 17.21
N ASP B 239 1.79 -37.61 18.15
CA ASP B 239 0.76 -38.38 18.83
C ASP B 239 -0.17 -37.51 19.67
N SER B 240 0.26 -36.32 20.07
CA SER B 240 -0.55 -35.45 20.89
C SER B 240 -1.62 -34.72 20.10
N GLY B 241 -1.64 -34.88 18.78
CA GLY B 241 -2.57 -34.17 17.92
C GLY B 241 -1.98 -32.98 17.22
N ILE B 242 -0.74 -32.59 17.52
CA ILE B 242 -0.11 -31.47 16.85
C ILE B 242 0.11 -31.85 15.39
N VAL B 243 -0.59 -31.18 14.49
CA VAL B 243 -0.46 -31.39 13.05
C VAL B 243 -0.03 -30.05 12.47
N THR B 244 1.17 -30.00 11.89
CA THR B 244 1.65 -28.76 11.30
C THR B 244 1.83 -28.95 9.80
N LEU B 245 1.32 -28.00 9.03
CA LEU B 245 1.42 -27.95 7.58
C LEU B 245 2.45 -26.91 7.17
N ALA B 246 2.98 -27.08 5.95
CA ALA B 246 3.89 -26.08 5.39
C ALA B 246 3.84 -26.19 3.89
N TYR B 247 3.94 -25.06 3.21
CA TYR B 247 3.85 -25.03 1.75
C TYR B 247 4.73 -23.88 1.26
N LYS B 248 5.88 -24.23 0.69
CA LYS B 248 6.77 -23.24 0.08
C LYS B 248 6.55 -23.27 -1.42
N GLN B 249 6.44 -22.09 -2.00
CA GLN B 249 6.14 -21.91 -3.42
C GLN B 249 7.10 -20.89 -3.99
N LEU B 250 7.49 -21.08 -5.25
CA LEU B 250 8.45 -20.21 -5.91
C LEU B 250 7.73 -19.42 -6.99
N LEU B 251 7.43 -18.14 -6.70
CA LEU B 251 6.63 -17.33 -7.61
C LEU B 251 7.46 -16.86 -8.80
N ARG B 252 8.46 -16.02 -8.53
CA ARG B 252 9.38 -15.60 -9.56
C ARG B 252 10.73 -16.27 -9.32
N PRO B 253 11.53 -16.46 -10.37
CA PRO B 253 12.84 -17.10 -10.15
C PRO B 253 13.72 -16.26 -9.25
N GLY B 254 13.99 -16.77 -8.05
CA GLY B 254 14.74 -16.06 -7.03
C GLY B 254 13.91 -15.62 -5.85
N VAL B 255 12.59 -15.73 -5.92
CA VAL B 255 11.68 -15.30 -4.86
C VAL B 255 10.89 -16.50 -4.40
N THR B 256 10.89 -16.76 -3.09
CA THR B 256 10.15 -17.86 -2.51
C THR B 256 9.20 -17.33 -1.43
N LEU B 257 8.02 -17.94 -1.37
CA LEU B 257 7.03 -17.59 -0.35
C LEU B 257 6.61 -18.88 0.34
N GLY B 258 6.66 -18.90 1.66
CA GLY B 258 6.24 -20.05 2.43
C GLY B 258 5.14 -19.65 3.40
N VAL B 259 4.24 -20.60 3.68
CA VAL B 259 3.20 -20.39 4.67
C VAL B 259 3.21 -21.59 5.60
N GLY B 260 2.53 -21.48 6.74
CA GLY B 260 2.49 -22.58 7.66
C GLY B 260 1.50 -22.40 8.79
N SER B 261 0.87 -23.50 9.20
CA SER B 261 -0.12 -23.50 10.26
C SER B 261 0.27 -24.54 11.29
N SER B 262 -0.44 -24.53 12.41
CA SER B 262 -0.20 -25.51 13.48
C SER B 262 -1.56 -25.79 14.12
N PHE B 263 -2.21 -26.86 13.67
CA PHE B 263 -3.53 -27.22 14.12
C PHE B 263 -3.44 -27.94 15.46
N ASP B 264 -4.55 -28.54 15.87
CA ASP B 264 -4.62 -29.29 17.11
C ASP B 264 -5.83 -30.20 17.07
N ALA B 265 -5.60 -31.50 16.89
CA ALA B 265 -6.72 -32.44 16.81
C ALA B 265 -7.46 -32.47 18.14
N LEU B 266 -8.79 -32.36 18.03
CA LEU B 266 -9.77 -32.37 19.14
C LEU B 266 -9.76 -31.14 20.06
N LYS B 267 -9.06 -30.10 19.66
CA LYS B 267 -8.98 -28.86 20.43
C LYS B 267 -9.16 -27.65 19.53
N LEU B 268 -10.36 -27.47 19.00
CA LEU B 268 -10.66 -26.34 18.13
C LEU B 268 -11.22 -25.17 18.91
N SER B 269 -11.36 -25.35 20.22
CA SER B 269 -11.93 -24.32 21.08
C SER B 269 -10.94 -23.55 21.95
N GLU B 270 -9.64 -23.79 21.81
CA GLU B 270 -8.71 -23.05 22.64
C GLU B 270 -7.67 -22.40 21.73
N PRO B 271 -7.37 -21.12 21.91
CA PRO B 271 -6.37 -20.48 21.05
C PRO B 271 -4.98 -20.97 21.37
N VAL B 272 -4.48 -21.92 20.58
CA VAL B 272 -3.13 -22.45 20.74
C VAL B 272 -2.49 -22.50 19.36
N HIS B 273 -3.29 -22.30 18.32
CA HIS B 273 -2.84 -22.52 16.96
C HIS B 273 -1.94 -21.38 16.51
N LYS B 274 -0.68 -21.71 16.23
CA LYS B 274 0.27 -20.76 15.68
C LYS B 274 0.21 -20.82 14.16
N LEU B 275 0.56 -19.71 13.52
CA LEU B 275 0.35 -19.59 12.09
C LEU B 275 1.18 -18.43 11.57
N GLY B 276 1.86 -18.65 10.44
CA GLY B 276 2.76 -17.62 9.94
C GLY B 276 3.10 -17.83 8.48
N TRP B 277 3.88 -16.88 7.95
CA TRP B 277 4.37 -16.90 6.58
C TRP B 277 5.79 -16.37 6.55
N SER B 278 6.41 -16.44 5.37
CA SER B 278 7.77 -15.97 5.20
C SER B 278 8.03 -15.67 3.73
N LEU B 279 8.69 -14.54 3.47
CA LEU B 279 9.11 -14.15 2.13
C LEU B 279 10.62 -14.14 2.08
N SER B 280 11.19 -14.84 1.11
CA SER B 280 12.63 -14.87 0.92
C SER B 280 12.98 -14.43 -0.50
N PHE B 281 13.99 -13.57 -0.60
CA PHE B 281 14.47 -13.08 -1.88
C PHE B 281 15.93 -13.48 -2.05
N ASP B 282 16.33 -13.61 -3.32
CA ASP B 282 17.68 -14.06 -3.63
C ASP B 282 18.07 -13.47 -4.98
N ALA B 283 19.16 -12.73 -5.01
CA ALA B 283 19.64 -12.13 -6.25
C ALA B 283 20.75 -12.97 -6.87
N SER C 2 42.95 9.27 -6.38
CA SER C 2 42.70 10.29 -5.37
C SER C 2 41.77 9.76 -4.28
N PRO C 3 42.12 10.03 -3.02
CA PRO C 3 41.31 9.54 -1.92
C PRO C 3 40.13 10.47 -1.67
N PRO C 4 38.97 9.93 -1.31
CA PRO C 4 37.79 10.76 -1.11
C PRO C 4 37.89 11.59 0.16
N VAL C 5 37.14 12.69 0.17
CA VAL C 5 37.08 13.54 1.35
C VAL C 5 36.52 12.75 2.52
N TYR C 6 36.81 13.21 3.75
CA TYR C 6 36.35 12.46 4.90
C TYR C 6 34.83 12.41 4.97
N SER C 7 34.16 13.54 4.72
CA SER C 7 32.71 13.53 4.73
C SER C 7 32.14 12.64 3.63
N ASP C 8 32.87 12.47 2.53
CA ASP C 8 32.46 11.58 1.46
C ASP C 8 32.77 10.12 1.74
N ILE C 9 33.47 9.82 2.83
CA ILE C 9 33.63 8.45 3.27
C ILE C 9 32.26 7.89 3.60
N SER C 10 31.97 6.70 3.10
CA SER C 10 30.68 6.04 3.29
C SER C 10 29.53 6.95 2.86
N ARG C 11 29.73 7.67 1.76
CA ARG C 11 28.64 8.46 1.21
C ARG C 11 27.63 7.59 0.48
N ASN C 12 28.09 6.50 -0.14
CA ASN C 12 27.16 5.64 -0.88
C ASN C 12 26.12 5.03 0.05
N ILE C 13 26.44 4.81 1.31
CA ILE C 13 25.47 4.29 2.26
C ILE C 13 24.75 5.41 3.00
N ASN C 14 25.47 6.43 3.47
CA ASN C 14 24.83 7.51 4.21
C ASN C 14 23.82 8.23 3.33
N ASP C 15 24.03 8.23 2.01
CA ASP C 15 23.13 8.85 1.06
C ASP C 15 21.99 7.93 0.65
N LEU C 16 22.22 6.61 0.65
CA LEU C 16 21.19 5.68 0.20
C LEU C 16 19.95 5.76 1.08
N LEU C 17 20.14 5.87 2.39
CA LEU C 17 19.02 5.90 3.32
C LEU C 17 18.73 7.29 3.88
N ASN C 18 19.17 8.35 3.18
CA ASN C 18 18.88 9.71 3.60
C ASN C 18 18.18 10.53 2.52
N LYS C 19 18.51 10.30 1.26
CA LYS C 19 17.88 11.09 0.21
C LYS C 19 16.68 10.36 -0.37
N ASP C 20 15.83 11.13 -1.05
CA ASP C 20 14.67 10.61 -1.78
C ASP C 20 13.68 9.89 -0.87
N PHE C 21 13.65 10.25 0.40
CA PHE C 21 12.65 9.74 1.34
C PHE C 21 11.67 10.87 1.63
N TYR C 22 10.49 10.78 1.03
CA TYR C 22 9.51 11.87 1.15
C TYR C 22 8.49 11.57 2.23
N HIS C 23 8.92 11.46 3.48
CA HIS C 23 7.98 11.25 4.58
C HIS C 23 8.02 12.33 5.63
N ALA C 24 9.11 13.09 5.72
CA ALA C 24 9.24 14.13 6.72
C ALA C 24 8.43 15.38 6.41
N THR C 25 8.30 15.74 5.13
CA THR C 25 7.62 16.98 4.75
C THR C 25 6.34 16.64 3.99
N PRO C 26 5.17 17.04 4.51
CA PRO C 26 3.92 16.73 3.80
C PRO C 26 3.81 17.39 2.43
N ALA C 27 4.62 18.41 2.14
CA ALA C 27 4.56 19.08 0.85
C ALA C 27 5.95 19.56 0.45
N ALA C 28 6.16 19.66 -0.86
CA ALA C 28 7.42 20.17 -1.40
C ALA C 28 7.17 20.67 -2.82
N PHE C 29 7.89 21.74 -3.18
CA PHE C 29 7.69 22.37 -4.48
C PHE C 29 9.04 22.96 -4.91
N ASP C 30 9.74 22.25 -5.79
CA ASP C 30 11.07 22.63 -6.22
C ASP C 30 11.01 23.08 -7.68
N VAL C 31 11.59 24.24 -7.96
CA VAL C 31 11.67 24.77 -9.32
C VAL C 31 13.14 25.05 -9.61
N GLN C 32 13.67 24.41 -10.63
CA GLN C 32 15.03 24.63 -11.07
C GLN C 32 15.03 25.20 -12.48
N THR C 33 15.71 26.33 -12.67
CA THR C 33 15.83 26.92 -14.00
C THR C 33 17.25 27.43 -14.17
N THR C 34 17.77 27.27 -15.38
CA THR C 34 19.09 27.76 -15.73
C THR C 34 18.96 28.86 -16.77
N THR C 35 19.50 30.02 -16.44
CA THR C 35 19.41 31.18 -17.30
C THR C 35 20.45 31.08 -18.41
N ALA C 36 20.27 31.93 -19.43
CA ALA C 36 21.19 31.92 -20.57
C ALA C 36 22.61 32.29 -20.17
N ASN C 37 22.79 33.22 -19.24
CA ASN C 37 24.12 33.62 -18.82
C ASN C 37 24.86 32.44 -18.19
N GLY C 38 24.18 31.69 -17.34
CA GLY C 38 24.79 30.51 -16.76
C GLY C 38 24.57 30.31 -15.28
N ILE C 39 23.85 31.24 -14.64
CA ILE C 39 23.53 31.12 -13.23
C ILE C 39 22.35 30.17 -13.06
N LYS C 40 22.44 29.30 -12.06
CA LYS C 40 21.40 28.32 -11.77
C LYS C 40 20.56 28.82 -10.60
N PHE C 41 19.33 29.22 -10.88
CA PHE C 41 18.37 29.60 -9.84
C PHE C 41 17.57 28.39 -9.40
N SER C 42 17.07 28.44 -8.17
CA SER C 42 16.22 27.38 -7.66
C SER C 42 15.28 27.94 -6.61
N LEU C 43 14.19 27.22 -6.39
CA LEU C 43 13.16 27.63 -5.43
C LEU C 43 12.63 26.37 -4.76
N LYS C 44 12.89 26.25 -3.46
CA LYS C 44 12.33 25.18 -2.65
C LYS C 44 11.20 25.73 -1.78
N ALA C 45 10.16 24.93 -1.65
CA ALA C 45 9.01 25.32 -0.84
C ALA C 45 8.61 24.13 0.03
N LYS C 46 9.00 24.16 1.29
CA LYS C 46 8.72 23.10 2.24
C LYS C 46 7.65 23.57 3.20
N GLN C 47 6.95 22.63 3.83
CA GLN C 47 5.98 22.96 4.88
C GLN C 47 5.90 21.80 5.84
N PRO C 48 6.53 21.93 7.01
CA PRO C 48 6.43 20.87 8.01
C PRO C 48 5.09 20.91 8.72
N VAL C 49 4.45 19.73 8.80
CA VAL C 49 3.18 19.53 9.49
C VAL C 49 2.07 20.24 8.73
N LYS C 50 0.88 19.61 8.67
CA LYS C 50 -0.18 20.09 7.79
C LYS C 50 -0.58 21.52 8.12
N ASP C 51 -0.70 21.84 9.40
CA ASP C 51 -1.02 23.20 9.82
C ASP C 51 0.20 23.85 10.44
N GLY C 52 0.55 25.04 9.94
CA GLY C 52 1.69 25.76 10.48
C GLY C 52 2.48 26.50 9.43
N PRO C 53 3.73 26.78 9.74
CA PRO C 53 4.55 27.63 8.87
C PRO C 53 4.82 26.98 7.52
N LEU C 54 5.31 27.81 6.60
CA LEU C 54 5.70 27.37 5.27
C LEU C 54 7.04 28.04 4.95
N SER C 55 8.07 27.23 4.75
CA SER C 55 9.41 27.74 4.51
C SER C 55 9.67 27.82 3.01
N THR C 56 10.12 28.99 2.56
CA THR C 56 10.43 29.23 1.15
C THR C 56 11.89 29.65 1.05
N ASN C 57 12.66 28.94 0.26
CA ASN C 57 14.09 29.20 0.11
C ASN C 57 14.38 29.38 -1.37
N VAL C 58 15.13 30.42 -1.71
CA VAL C 58 15.56 30.65 -3.09
C VAL C 58 17.06 30.89 -3.08
N GLU C 59 17.77 30.19 -3.96
CA GLU C 59 19.21 30.35 -4.06
C GLU C 59 19.61 30.36 -5.53
N ALA C 60 20.80 30.87 -5.78
CA ALA C 60 21.36 30.99 -7.13
C ALA C 60 22.84 30.70 -7.04
N LYS C 61 23.29 29.71 -7.80
CA LYS C 61 24.68 29.27 -7.73
C LYS C 61 25.23 29.07 -9.14
N LEU C 62 26.55 29.24 -9.26
CA LEU C 62 27.20 29.09 -10.55
C LEU C 62 28.64 28.64 -10.32
N ASN C 63 29.13 27.83 -11.25
CA ASN C 63 30.52 27.38 -11.24
C ASN C 63 31.16 27.74 -12.56
N ASP C 64 32.40 28.23 -12.50
CA ASP C 64 33.15 28.60 -13.69
C ASP C 64 34.38 27.69 -13.78
N LYS C 65 34.49 26.95 -14.87
CA LYS C 65 35.64 26.10 -15.12
C LYS C 65 36.80 26.87 -15.75
N GLN C 66 36.60 28.16 -16.04
CA GLN C 66 37.66 28.99 -16.60
C GLN C 66 38.77 29.22 -15.57
N THR C 67 38.42 29.78 -14.42
CA THR C 67 39.38 30.09 -13.38
C THR C 67 39.09 29.39 -12.06
N GLY C 68 37.92 28.77 -11.91
CA GLY C 68 37.57 28.09 -10.68
C GLY C 68 36.78 28.91 -9.68
N LEU C 69 36.35 30.10 -10.05
CA LEU C 69 35.53 30.92 -9.16
C LEU C 69 34.11 30.38 -9.09
N GLY C 70 33.60 30.25 -7.87
CA GLY C 70 32.25 29.79 -7.67
C GLY C 70 31.53 30.56 -6.58
N LEU C 71 30.35 31.07 -6.88
CA LEU C 71 29.61 31.91 -5.95
C LEU C 71 28.21 31.32 -5.78
N THR C 72 27.72 31.34 -4.53
CA THR C 72 26.37 30.90 -4.22
C THR C 72 25.70 31.96 -3.38
N GLN C 73 24.47 32.31 -3.73
CA GLN C 73 23.69 33.32 -3.02
C GLN C 73 22.41 32.66 -2.52
N GLY C 74 22.14 32.79 -1.23
CA GLY C 74 20.99 32.16 -0.61
C GLY C 74 20.05 33.19 -0.02
N TRP C 75 18.78 32.82 0.10
CA TRP C 75 17.78 33.71 0.67
C TRP C 75 16.61 32.87 1.14
N SER C 76 16.41 32.81 2.45
CA SER C 76 15.32 32.02 3.01
C SER C 76 14.17 32.94 3.43
N ASN C 77 13.06 32.30 3.84
CA ASN C 77 11.89 33.05 4.28
C ASN C 77 12.18 33.80 5.58
N THR C 78 13.15 33.33 6.36
CA THR C 78 13.55 33.96 7.61
C THR C 78 14.27 35.29 7.36
N ASN C 79 14.50 35.63 6.09
CA ASN C 79 15.24 36.82 5.68
C ASN C 79 16.69 36.74 6.14
N ASN C 80 17.39 35.68 5.73
CA ASN C 80 18.80 35.54 6.00
C ASN C 80 19.49 35.12 4.71
N LEU C 81 20.76 35.48 4.59
CA LEU C 81 21.53 35.24 3.37
C LEU C 81 22.74 34.37 3.68
N GLN C 82 22.91 33.32 2.89
CA GLN C 82 24.02 32.39 3.07
C GLN C 82 24.81 32.36 1.77
N THR C 83 26.00 32.95 1.78
CA THR C 83 26.86 32.94 0.61
C THR C 83 27.85 31.78 0.69
N LYS C 84 28.52 31.51 -0.44
CA LYS C 84 29.49 30.44 -0.51
C LYS C 84 30.49 30.79 -1.62
N LEU C 85 31.67 31.25 -1.21
CA LEU C 85 32.72 31.63 -2.15
C LEU C 85 33.75 30.52 -2.21
N GLU C 86 33.93 29.94 -3.40
CA GLU C 86 34.86 28.84 -3.62
C GLU C 86 35.88 29.27 -4.66
N PHE C 87 37.16 29.14 -4.34
CA PHE C 87 38.20 29.50 -5.31
C PHE C 87 39.52 28.89 -4.88
N ALA C 88 40.40 28.65 -5.86
CA ALA C 88 41.77 28.33 -5.51
C ALA C 88 42.72 29.41 -6.01
N ASN C 89 42.82 29.55 -7.33
CA ASN C 89 43.63 30.57 -8.00
C ASN C 89 45.05 30.65 -7.44
N LEU C 90 45.50 29.59 -6.76
CA LEU C 90 46.81 29.59 -6.12
C LEU C 90 47.70 28.49 -6.68
N THR C 91 47.19 27.26 -6.66
CA THR C 91 47.94 26.09 -7.05
C THR C 91 46.99 24.93 -7.33
N PRO C 92 47.32 24.05 -8.28
CA PRO C 92 46.47 22.89 -8.53
C PRO C 92 46.54 21.89 -7.36
N GLY C 93 45.45 21.79 -6.61
CA GLY C 93 45.39 20.90 -5.47
C GLY C 93 45.13 21.57 -4.14
N LEU C 94 44.72 22.84 -4.11
CA LEU C 94 44.43 23.55 -2.87
C LEU C 94 43.40 24.64 -3.15
N LYS C 95 42.17 24.44 -2.68
CA LYS C 95 41.10 25.41 -2.84
C LYS C 95 40.52 25.77 -1.47
N ASN C 96 39.97 26.98 -1.37
CA ASN C 96 39.36 27.44 -0.14
C ASN C 96 37.93 27.86 -0.38
N GLU C 97 37.12 27.75 0.67
CA GLU C 97 35.69 28.03 0.68
C GLU C 97 35.37 28.95 1.84
N LEU C 98 34.40 29.83 1.63
CA LEU C 98 34.01 30.78 2.67
C LEU C 98 32.51 30.85 2.72
N ILE C 99 31.94 30.67 3.91
CA ILE C 99 30.49 30.65 4.08
C ILE C 99 30.09 31.64 5.15
N THR C 100 29.08 32.45 4.86
CA THR C 100 28.53 33.43 5.79
C THR C 100 27.07 33.10 6.06
N SER C 101 26.57 33.54 7.23
CA SER C 101 25.23 33.23 7.70
C SER C 101 24.58 34.50 8.22
N LEU C 102 24.64 35.57 7.44
CA LEU C 102 24.10 36.86 7.85
C LEU C 102 22.61 36.73 8.18
N THR C 103 22.22 37.29 9.33
CA THR C 103 20.84 37.28 9.79
C THR C 103 20.66 38.54 10.62
N PRO C 104 19.63 39.34 10.35
CA PRO C 104 19.45 40.59 11.11
C PRO C 104 19.32 40.39 12.61
N GLY C 105 18.62 39.35 13.05
CA GLY C 105 18.42 39.14 14.48
C GLY C 105 19.52 38.34 15.13
N VAL C 106 19.76 37.12 14.64
CA VAL C 106 20.78 36.26 15.22
C VAL C 106 22.15 36.71 14.74
N ALA C 107 23.14 36.57 15.61
CA ALA C 107 24.50 37.00 15.26
C ALA C 107 25.00 36.22 14.04
N LYS C 108 25.54 36.96 13.08
CA LYS C 108 26.07 36.35 11.88
C LYS C 108 27.36 35.58 12.19
N SER C 109 27.60 34.53 11.42
CA SER C 109 28.77 33.70 11.59
C SER C 109 29.42 33.45 10.24
N ALA C 110 30.74 33.36 10.23
CA ALA C 110 31.51 33.09 9.02
C ALA C 110 32.46 31.93 9.29
N VAL C 111 32.57 31.03 8.32
CA VAL C 111 33.44 29.88 8.42
C VAL C 111 34.33 29.82 7.18
N LEU C 112 35.62 29.61 7.42
CA LEU C 112 36.63 29.50 6.36
C LEU C 112 37.12 28.06 6.33
N ASN C 113 37.01 27.42 5.16
CA ASN C 113 37.40 26.04 4.98
C ASN C 113 38.56 25.97 3.99
N THR C 114 39.62 25.26 4.37
CA THR C 114 40.75 25.04 3.48
C THR C 114 40.87 23.53 3.25
N THR C 115 40.78 23.12 1.99
CA THR C 115 40.91 21.72 1.62
C THR C 115 42.13 21.56 0.71
N PHE C 116 43.04 20.66 1.06
CA PHE C 116 44.29 20.52 0.33
C PHE C 116 44.47 19.04 0.04
N THR C 117 44.30 18.65 -1.23
CA THR C 117 44.18 17.26 -1.62
C THR C 117 45.36 16.88 -2.52
N GLN C 118 46.01 15.77 -2.22
CA GLN C 118 47.12 15.29 -3.03
C GLN C 118 46.94 13.80 -3.23
N PRO C 119 47.57 13.21 -4.25
CA PRO C 119 47.54 11.76 -4.40
C PRO C 119 47.87 11.05 -3.09
N PHE C 120 46.92 10.22 -2.64
CA PHE C 120 47.03 9.36 -1.47
C PHE C 120 46.86 10.11 -0.14
N PHE C 121 46.68 11.43 -0.16
CA PHE C 121 46.46 12.16 1.09
C PHE C 121 45.37 13.19 0.90
N THR C 122 44.49 13.34 1.90
CA THR C 122 43.45 14.35 1.89
C THR C 122 43.36 14.98 3.27
N ALA C 123 43.32 16.30 3.33
CA ALA C 123 43.16 17.01 4.58
C ALA C 123 42.39 18.30 4.34
N ARG C 124 41.73 18.77 5.40
CA ARG C 124 41.07 20.07 5.36
C ARG C 124 40.87 20.54 6.79
N GLY C 125 40.59 21.83 6.91
CA GLY C 125 40.35 22.46 8.20
C GLY C 125 39.31 23.54 8.07
N ALA C 126 38.64 23.82 9.17
CA ALA C 126 37.63 24.87 9.20
C ALA C 126 37.84 25.76 10.41
N PHE C 127 37.61 27.05 10.21
CA PHE C 127 37.72 28.04 11.26
C PHE C 127 36.34 28.62 11.56
N ASP C 128 36.26 29.35 12.66
CA ASP C 128 35.00 29.95 13.12
C ASP C 128 35.28 31.39 13.52
N LEU C 129 34.94 32.33 12.65
CA LEU C 129 35.23 33.74 12.89
C LEU C 129 34.06 34.42 13.60
N CYS C 130 34.09 35.76 13.64
CA CYS C 130 33.03 36.57 14.23
C CYS C 130 32.86 36.30 15.71
N LEU C 131 31.91 35.41 16.05
CA LEU C 131 31.63 35.11 17.44
C LEU C 131 32.87 34.58 18.15
N LYS C 132 33.02 34.97 19.41
CA LYS C 132 34.20 34.60 20.21
C LYS C 132 34.06 33.15 20.65
N SER C 133 34.39 32.25 19.74
CA SER C 133 34.41 30.81 19.98
C SER C 133 35.29 30.14 18.95
N PRO C 134 36.60 30.33 19.02
CA PRO C 134 37.49 29.76 17.98
C PRO C 134 37.59 28.25 18.08
N THR C 135 36.95 27.55 17.15
CA THR C 135 37.00 26.10 17.06
C THR C 135 37.56 25.68 15.72
N PHE C 136 38.58 24.83 15.74
CA PHE C 136 39.24 24.37 14.52
C PHE C 136 38.93 22.89 14.37
N VAL C 137 38.17 22.53 13.35
CA VAL C 137 37.81 21.16 13.06
C VAL C 137 38.54 20.73 11.80
N GLY C 138 39.28 19.62 11.90
CA GLY C 138 40.10 19.15 10.80
C GLY C 138 40.03 17.63 10.70
N ASP C 139 40.67 17.10 9.67
CA ASP C 139 40.64 15.67 9.40
C ASP C 139 41.80 15.33 8.47
N LEU C 140 42.06 14.02 8.37
CA LEU C 140 43.20 13.53 7.60
C LEU C 140 42.89 12.11 7.15
N THR C 141 42.80 11.90 5.84
CA THR C 141 42.51 10.60 5.26
C THR C 141 43.62 10.17 4.34
N MET C 142 43.97 8.89 4.40
CA MET C 142 44.95 8.26 3.53
C MET C 142 44.28 7.13 2.77
N ALA C 143 45.00 6.55 1.81
CA ALA C 143 44.47 5.47 1.00
C ALA C 143 45.60 4.55 0.59
N HIS C 144 45.52 3.28 1.00
CA HIS C 144 46.51 2.27 0.65
C HIS C 144 45.85 1.23 -0.25
N GLU C 145 45.81 1.52 -1.54
CA GLU C 145 45.29 0.61 -2.57
C GLU C 145 43.93 0.03 -2.18
N GLY C 146 42.97 0.94 -2.05
CA GLY C 146 41.60 0.53 -1.77
C GLY C 146 41.15 0.75 -0.34
N ILE C 147 42.02 0.44 0.63
CA ILE C 147 41.69 0.66 2.04
C ILE C 147 41.82 2.16 2.30
N VAL C 148 40.71 2.78 2.69
CA VAL C 148 40.66 4.23 2.89
C VAL C 148 40.35 4.48 4.36
N GLY C 149 41.25 5.15 5.06
CA GLY C 149 41.07 5.41 6.46
C GLY C 149 41.39 6.86 6.78
N GLY C 150 40.54 7.45 7.61
CA GLY C 150 40.73 8.83 8.00
C GLY C 150 40.39 9.07 9.46
N ALA C 151 40.62 10.29 9.93
CA ALA C 151 40.29 10.64 11.30
C ALA C 151 40.08 12.14 11.37
N GLU C 152 39.10 12.57 12.15
CA GLU C 152 38.83 13.98 12.34
C GLU C 152 38.85 14.35 13.82
N PHE C 153 39.14 15.62 14.07
CA PHE C 153 39.28 16.12 15.42
C PHE C 153 38.84 17.58 15.47
N GLY C 154 38.29 17.96 16.62
CA GLY C 154 37.90 19.34 16.85
C GLY C 154 38.60 19.93 18.06
N TYR C 155 39.47 20.91 17.83
CA TYR C 155 40.19 21.54 18.91
C TYR C 155 39.61 22.92 19.21
N ASP C 156 39.38 23.18 20.49
CA ASP C 156 38.89 24.48 20.93
C ASP C 156 40.05 25.32 21.42
N ILE C 157 40.25 26.48 20.79
CA ILE C 157 41.33 27.36 21.19
C ILE C 157 41.08 27.94 22.57
N SER C 158 39.84 28.37 22.84
CA SER C 158 39.52 28.93 24.15
C SER C 158 39.67 27.91 25.26
N ALA C 159 39.14 26.70 25.06
CA ALA C 159 39.22 25.68 26.10
C ALA C 159 40.64 25.14 26.25
N GLY C 160 41.30 24.85 25.13
CA GLY C 160 42.64 24.32 25.15
C GLY C 160 42.73 22.81 25.06
N SER C 161 41.65 22.11 24.73
CA SER C 161 41.65 20.66 24.65
C SER C 161 40.86 20.24 23.42
N ILE C 162 40.62 18.93 23.30
CA ILE C 162 39.92 18.35 22.16
C ILE C 162 38.51 18.01 22.62
N SER C 163 37.50 18.50 21.89
CA SER C 163 36.12 18.25 22.24
C SER C 163 35.50 17.08 21.49
N ARG C 164 36.14 16.61 20.42
CA ARG C 164 35.58 15.52 19.62
C ARG C 164 36.69 14.91 18.77
N TYR C 165 36.81 13.58 18.83
CA TYR C 165 37.93 12.86 18.25
C TYR C 165 37.39 11.56 17.63
N ALA C 166 37.15 11.57 16.33
CA ALA C 166 36.56 10.44 15.64
C ALA C 166 37.53 9.88 14.60
N MET C 167 37.36 8.59 14.31
CA MET C 167 38.24 7.90 13.37
C MET C 167 37.43 6.87 12.58
N ALA C 168 37.58 6.88 11.27
CA ALA C 168 36.85 5.98 10.40
C ALA C 168 37.82 5.20 9.51
N LEU C 169 37.41 3.98 9.14
CA LEU C 169 38.24 3.12 8.32
C LEU C 169 37.30 2.25 7.48
N SER C 170 37.46 2.31 6.16
CA SER C 170 36.59 1.59 5.25
C SER C 170 37.41 0.90 4.16
N TYR C 171 36.76 -0.02 3.46
CA TYR C 171 37.40 -0.78 2.40
C TYR C 171 36.48 -0.76 1.19
N PHE C 172 36.73 0.16 0.28
CA PHE C 172 35.97 0.26 -0.96
C PHE C 172 36.30 -0.92 -1.87
N ALA C 173 35.44 -1.15 -2.85
CA ALA C 173 35.69 -2.17 -3.85
C ALA C 173 35.05 -1.78 -5.17
N LYS C 174 34.95 -2.73 -6.10
CA LYS C 174 34.33 -2.45 -7.39
C LYS C 174 32.86 -2.08 -7.22
N ASP C 175 32.12 -2.86 -6.43
CA ASP C 175 30.69 -2.65 -6.29
C ASP C 175 30.16 -2.69 -4.86
N TYR C 176 30.96 -3.06 -3.87
CA TYR C 176 30.51 -3.07 -2.49
C TYR C 176 31.51 -2.31 -1.62
N SER C 177 31.03 -1.84 -0.47
CA SER C 177 31.89 -1.10 0.44
C SER C 177 31.50 -1.43 1.87
N LEU C 178 32.49 -1.58 2.73
CA LEU C 178 32.25 -1.75 4.16
C LEU C 178 32.89 -0.59 4.89
N GLY C 179 32.89 -0.61 6.22
CA GLY C 179 33.51 0.46 6.96
C GLY C 179 33.03 0.59 8.40
N ALA C 180 33.89 1.11 9.26
CA ALA C 180 33.59 1.29 10.67
C ALA C 180 34.07 2.68 11.09
N THR C 181 33.21 3.40 11.78
CA THR C 181 33.52 4.73 12.29
C THR C 181 33.33 4.74 13.81
N LEU C 182 34.26 5.38 14.51
CA LEU C 182 34.20 5.52 15.96
C LEU C 182 34.25 6.99 16.32
N ASN C 183 33.16 7.48 16.90
CA ASN C 183 33.10 8.88 17.34
C ASN C 183 33.71 9.04 18.71
N ASN C 184 33.41 10.17 19.36
CA ASN C 184 34.07 10.54 20.60
C ASN C 184 34.01 9.43 21.64
N GLU C 185 32.80 9.05 22.07
CA GLU C 185 32.76 8.14 23.20
C GLU C 185 32.95 6.69 22.76
N GLN C 186 31.92 6.06 22.20
CA GLN C 186 32.13 4.84 21.42
C GLN C 186 31.36 4.98 20.11
N ILE C 187 30.03 5.12 20.18
CA ILE C 187 29.04 4.84 19.13
C ILE C 187 29.64 4.26 17.85
N THR C 188 30.34 3.13 17.98
CA THR C 188 30.99 2.48 16.85
C THR C 188 29.93 2.04 15.86
N THR C 189 30.00 2.57 14.64
CA THR C 189 29.02 2.30 13.60
C THR C 189 29.69 1.53 12.47
N VAL C 190 29.12 0.39 12.11
CA VAL C 190 29.62 -0.43 11.02
C VAL C 190 28.58 -0.45 9.91
N ASP C 191 29.02 -0.17 8.69
CA ASP C 191 28.11 -0.06 7.56
C ASP C 191 28.37 -1.16 6.55
N PHE C 192 27.52 -1.21 5.54
CA PHE C 192 27.61 -2.18 4.47
C PHE C 192 26.78 -1.72 3.30
N PHE C 193 27.39 -1.65 2.12
CA PHE C 193 26.71 -1.20 0.91
C PHE C 193 27.07 -2.15 -0.20
N GLN C 194 26.09 -2.47 -1.04
CA GLN C 194 26.30 -3.43 -2.12
C GLN C 194 25.45 -3.03 -3.31
N ASN C 195 26.03 -3.10 -4.49
CA ASN C 195 25.37 -2.73 -5.74
C ASN C 195 25.30 -3.98 -6.61
N VAL C 196 24.25 -4.78 -6.42
CA VAL C 196 24.18 -6.08 -7.07
C VAL C 196 24.10 -5.94 -8.58
N ASN C 197 23.25 -5.04 -9.07
CA ASN C 197 23.19 -4.74 -10.50
C ASN C 197 22.58 -3.37 -10.69
N ALA C 198 22.41 -2.98 -11.95
CA ALA C 198 21.92 -1.65 -12.27
C ALA C 198 20.48 -1.42 -11.84
N PHE C 199 19.74 -2.47 -11.49
CA PHE C 199 18.34 -2.35 -11.13
C PHE C 199 18.05 -2.61 -9.66
N LEU C 200 19.08 -2.67 -8.81
CA LEU C 200 18.85 -2.98 -7.40
C LEU C 200 20.11 -2.66 -6.61
N GLN C 201 19.94 -1.98 -5.49
CA GLN C 201 20.99 -1.77 -4.51
C GLN C 201 20.44 -2.07 -3.12
N VAL C 202 21.29 -2.61 -2.25
CA VAL C 202 20.89 -2.88 -0.87
C VAL C 202 21.96 -2.35 0.07
N GLY C 203 21.61 -2.13 1.32
CA GLY C 203 22.59 -1.65 2.28
C GLY C 203 22.12 -1.73 3.72
N ALA C 204 23.07 -1.75 4.65
CA ALA C 204 22.78 -1.86 6.07
C ALA C 204 23.70 -0.93 6.85
N LYS C 205 23.30 -0.63 8.09
CA LYS C 205 24.03 0.34 8.91
C LYS C 205 23.70 0.05 10.37
N ALA C 206 24.70 -0.40 11.12
CA ALA C 206 24.52 -0.76 12.51
C ALA C 206 25.30 0.19 13.41
N THR C 207 24.72 0.53 14.56
CA THR C 207 25.40 1.35 15.55
C THR C 207 25.51 0.57 16.84
N MET C 208 26.72 0.12 17.16
CA MET C 208 26.92 -0.77 18.31
C MET C 208 26.58 -0.07 19.62
N ASN C 209 26.97 1.19 19.77
CA ASN C 209 26.76 1.97 20.99
C ASN C 209 27.36 1.24 22.20
N CYS C 210 28.68 1.09 22.15
CA CYS C 210 29.44 0.42 23.19
C CYS C 210 29.44 1.20 24.50
N LYS C 211 28.99 2.46 24.49
CA LYS C 211 28.98 3.27 25.70
C LYS C 211 28.15 2.64 26.81
N LEU C 212 26.99 2.08 26.46
CA LEU C 212 26.13 1.44 27.45
C LEU C 212 26.23 -0.07 27.31
N PRO C 213 26.93 -0.76 28.20
CA PRO C 213 27.02 -2.22 28.09
C PRO C 213 25.69 -2.87 28.40
N ASN C 214 25.49 -4.06 27.82
CA ASN C 214 24.27 -4.83 28.01
C ASN C 214 23.03 -4.01 27.66
N SER C 215 22.96 -3.56 26.41
CA SER C 215 21.82 -2.77 25.95
C SER C 215 21.36 -3.28 24.59
N ASN C 216 20.47 -2.54 23.94
CA ASN C 216 20.00 -2.90 22.61
C ASN C 216 21.02 -2.44 21.57
N VAL C 217 20.70 -2.64 20.29
CA VAL C 217 21.53 -2.16 19.18
C VAL C 217 20.60 -1.73 18.06
N ASN C 218 20.85 -0.55 17.50
CA ASN C 218 20.02 -0.01 16.44
C ASN C 218 20.69 -0.25 15.09
N ILE C 219 20.00 -0.98 14.22
CA ILE C 219 20.47 -1.26 12.87
C ILE C 219 19.39 -0.82 11.90
N GLU C 220 19.80 -0.54 10.67
CA GLU C 220 18.88 -0.15 9.60
C GLU C 220 19.28 -0.89 8.35
N PHE C 221 18.29 -1.14 7.50
CA PHE C 221 18.52 -1.88 6.25
C PHE C 221 17.60 -1.28 5.19
N ALA C 222 18.19 -0.80 4.10
CA ALA C 222 17.46 -0.08 3.09
C ALA C 222 17.84 -0.59 1.71
N THR C 223 16.85 -0.67 0.82
CA THR C 223 17.06 -1.10 -0.55
C THR C 223 16.72 0.06 -1.50
N ARG C 224 16.92 -0.18 -2.79
CA ARG C 224 16.60 0.81 -3.81
C ARG C 224 16.46 0.05 -5.13
N TYR C 225 15.28 0.14 -5.74
CA TYR C 225 14.94 -0.63 -6.93
C TYR C 225 14.49 0.32 -8.03
N LEU C 226 14.83 -0.02 -9.26
CA LEU C 226 14.43 0.76 -10.43
C LEU C 226 13.61 -0.11 -11.37
N PRO C 227 12.28 0.04 -11.40
CA PRO C 227 11.50 -0.75 -12.36
C PRO C 227 11.90 -0.49 -13.80
N ASP C 228 12.28 0.74 -14.12
CA ASP C 228 12.78 1.08 -15.45
C ASP C 228 13.75 2.23 -15.30
N ALA C 229 14.08 2.88 -16.42
CA ALA C 229 15.00 4.01 -16.40
C ALA C 229 14.31 5.32 -16.05
N SER C 230 12.98 5.31 -15.85
CA SER C 230 12.26 6.53 -15.55
C SER C 230 11.39 6.39 -14.31
N SER C 231 11.89 5.71 -13.28
CA SER C 231 11.14 5.53 -12.04
C SER C 231 12.12 5.10 -10.95
N GLN C 232 11.62 5.07 -9.72
CA GLN C 232 12.43 4.60 -8.60
C GLN C 232 11.51 4.28 -7.44
N VAL C 233 11.76 3.16 -6.76
CA VAL C 233 11.03 2.83 -5.54
C VAL C 233 12.00 2.26 -4.54
N LYS C 234 11.87 2.63 -3.28
CA LYS C 234 12.80 2.11 -2.29
C LYS C 234 12.18 2.11 -0.90
N ALA C 235 12.79 1.36 -0.01
CA ALA C 235 12.24 1.13 1.31
C ALA C 235 13.38 0.97 2.30
N LYS C 236 13.05 1.15 3.58
CA LYS C 236 14.01 0.91 4.66
C LYS C 236 13.25 0.38 5.86
N VAL C 237 13.91 -0.47 6.64
CA VAL C 237 13.35 -1.02 7.85
C VAL C 237 14.28 -0.68 9.01
N SER C 238 13.79 -0.91 10.22
CA SER C 238 14.57 -0.71 11.43
C SER C 238 14.04 -1.63 12.51
N ASP C 239 14.87 -1.85 13.53
CA ASP C 239 14.51 -2.81 14.57
C ASP C 239 13.27 -2.38 15.34
N SER C 240 12.98 -1.09 15.39
CA SER C 240 11.79 -0.60 16.08
C SER C 240 10.53 -0.74 15.24
N GLY C 241 10.63 -1.35 14.07
CA GLY C 241 9.49 -1.51 13.18
C GLY C 241 9.21 -0.34 12.27
N ILE C 242 9.99 0.73 12.35
CA ILE C 242 9.78 1.89 11.49
C ILE C 242 10.12 1.46 10.06
N VAL C 243 9.10 1.42 9.21
CA VAL C 243 9.27 1.05 7.80
C VAL C 243 8.91 2.26 6.96
N THR C 244 9.78 2.61 6.02
CA THR C 244 9.61 3.78 5.18
C THR C 244 9.64 3.34 3.72
N LEU C 245 8.66 3.80 2.95
CA LEU C 245 8.57 3.58 1.53
C LEU C 245 8.68 4.91 0.79
N ALA C 246 9.16 4.84 -0.45
CA ALA C 246 9.27 6.04 -1.27
C ALA C 246 9.19 5.64 -2.73
N TYR C 247 8.56 6.50 -3.53
CA TYR C 247 8.33 6.21 -4.95
C TYR C 247 8.46 7.52 -5.72
N LYS C 248 9.49 7.61 -6.56
CA LYS C 248 9.75 8.78 -7.39
C LYS C 248 9.45 8.42 -8.83
N GLN C 249 8.47 9.10 -9.41
CA GLN C 249 8.02 8.86 -10.77
C GLN C 249 8.27 10.11 -11.61
N LEU C 250 8.83 9.93 -12.79
CA LEU C 250 9.09 11.04 -13.70
C LEU C 250 7.89 11.19 -14.62
N LEU C 251 6.97 12.08 -14.25
CA LEU C 251 5.69 12.18 -14.95
C LEU C 251 5.87 12.56 -16.41
N ARG C 252 6.59 13.66 -16.68
CA ARG C 252 6.93 14.07 -18.03
C ARG C 252 8.31 14.68 -17.97
N PRO C 253 9.07 14.66 -19.07
CA PRO C 253 10.46 15.15 -19.01
C PRO C 253 10.55 16.57 -18.49
N GLY C 254 11.15 16.73 -17.31
CA GLY C 254 11.24 18.03 -16.68
C GLY C 254 10.49 18.11 -15.36
N VAL C 255 9.43 17.32 -15.23
CA VAL C 255 8.59 17.33 -14.04
C VAL C 255 8.62 15.94 -13.41
N THR C 256 9.00 15.88 -12.14
CA THR C 256 9.00 14.63 -11.40
C THR C 256 8.22 14.78 -10.09
N LEU C 257 7.63 13.66 -9.68
CA LEU C 257 6.76 13.63 -8.51
C LEU C 257 7.25 12.52 -7.60
N GLY C 258 7.00 12.67 -6.31
CA GLY C 258 7.40 11.67 -5.34
C GLY C 258 6.39 11.48 -4.24
N VAL C 259 6.06 10.23 -3.94
CA VAL C 259 5.12 9.89 -2.87
C VAL C 259 5.87 9.06 -1.85
N GLY C 260 5.81 9.47 -0.59
CA GLY C 260 6.47 8.73 0.46
C GLY C 260 5.60 8.54 1.68
N SER C 261 5.66 7.36 2.27
CA SER C 261 4.96 7.06 3.51
C SER C 261 5.93 6.40 4.47
N SER C 262 5.66 6.56 5.76
CA SER C 262 6.50 5.89 6.74
C SER C 262 5.62 5.39 7.88
N PHE C 263 5.14 4.16 7.75
CA PHE C 263 4.28 3.57 8.76
C PHE C 263 5.10 2.71 9.68
N ASP C 264 4.70 2.67 10.95
CA ASP C 264 5.39 1.86 11.94
C ASP C 264 4.70 0.49 11.93
N ALA C 265 5.38 -0.51 11.38
CA ALA C 265 4.78 -1.82 11.17
C ALA C 265 4.62 -2.51 12.52
N LEU C 266 4.20 -3.77 12.50
CA LEU C 266 3.97 -4.51 13.74
C LEU C 266 2.80 -3.89 14.50
N LYS C 267 3.11 -2.99 15.45
CA LYS C 267 2.08 -2.26 16.17
C LYS C 267 1.60 -1.10 15.31
N LEU C 268 0.35 -1.19 14.83
CA LEU C 268 -0.24 -0.16 13.98
C LEU C 268 -1.15 0.78 14.75
N SER C 269 -0.89 0.96 16.05
CA SER C 269 -1.74 1.80 16.89
C SER C 269 -1.18 3.21 17.08
N GLU C 270 0.13 3.37 17.09
CA GLU C 270 0.72 4.69 17.29
C GLU C 270 0.48 5.55 16.06
N PRO C 271 -0.12 6.74 16.20
CA PRO C 271 -0.35 7.63 15.04
C PRO C 271 0.91 8.32 14.56
N VAL C 272 1.79 7.53 13.93
CA VAL C 272 3.09 8.03 13.47
C VAL C 272 3.29 7.66 12.01
N HIS C 273 2.20 7.47 11.27
CA HIS C 273 2.33 7.03 9.88
C HIS C 273 2.75 8.18 8.96
N LYS C 274 1.92 9.21 8.87
CA LYS C 274 2.11 10.39 8.00
C LYS C 274 2.26 9.98 6.53
N LEU C 275 2.42 10.99 5.67
CA LEU C 275 2.52 10.79 4.23
C LEU C 275 2.92 12.12 3.62
N GLY C 276 3.67 12.06 2.53
CA GLY C 276 4.13 13.29 1.90
C GLY C 276 4.31 13.10 0.41
N TRP C 277 4.29 14.22 -0.30
CA TRP C 277 4.56 14.21 -1.73
C TRP C 277 5.49 15.36 -2.04
N SER C 278 6.05 15.32 -3.24
CA SER C 278 7.02 16.33 -3.66
C SER C 278 6.94 16.50 -5.17
N LEU C 279 6.97 17.74 -5.61
CA LEU C 279 7.01 18.07 -7.02
C LEU C 279 8.29 18.82 -7.33
N SER C 280 8.93 18.45 -8.44
CA SER C 280 10.13 19.12 -8.89
C SER C 280 10.01 19.42 -10.37
N PHE C 281 10.20 20.69 -10.72
CA PHE C 281 10.12 21.14 -12.10
C PHE C 281 11.53 21.38 -12.64
N ASP C 282 11.59 21.67 -13.94
CA ASP C 282 12.87 21.95 -14.59
C ASP C 282 12.60 22.72 -15.87
N ALA C 283 13.42 23.72 -16.16
CA ALA C 283 13.28 24.50 -17.37
C ALA C 283 14.56 24.46 -18.20
N SER D 2 -25.66 33.47 -32.79
CA SER D 2 -26.56 33.77 -31.70
C SER D 2 -25.81 34.36 -30.51
N PRO D 3 -26.33 35.46 -29.96
CA PRO D 3 -25.68 36.08 -28.83
C PRO D 3 -25.74 35.18 -27.60
N PRO D 4 -24.74 35.25 -26.73
CA PRO D 4 -24.76 34.42 -25.52
C PRO D 4 -25.85 34.88 -24.57
N VAL D 5 -26.33 33.93 -23.76
CA VAL D 5 -27.34 34.20 -22.75
C VAL D 5 -26.70 35.08 -21.68
N TYR D 6 -27.52 35.75 -20.87
CA TYR D 6 -26.99 36.71 -19.91
C TYR D 6 -26.03 36.05 -18.92
N SER D 7 -26.36 34.85 -18.44
CA SER D 7 -25.46 34.17 -17.52
C SER D 7 -24.14 33.79 -18.17
N ASP D 8 -24.08 33.74 -19.50
CA ASP D 8 -22.89 33.31 -20.22
C ASP D 8 -22.06 34.47 -20.76
N ILE D 9 -22.48 35.72 -20.54
CA ILE D 9 -21.60 36.83 -20.88
C ILE D 9 -20.36 36.76 -20.00
N SER D 10 -19.20 37.01 -20.61
CA SER D 10 -17.91 36.93 -19.94
C SER D 10 -17.77 35.61 -19.18
N ARG D 11 -18.08 34.51 -19.85
CA ARG D 11 -17.75 33.20 -19.31
C ARG D 11 -16.25 32.94 -19.34
N ASN D 12 -15.54 33.56 -20.28
CA ASN D 12 -14.11 33.36 -20.39
C ASN D 12 -13.36 33.80 -19.14
N ILE D 13 -13.70 34.97 -18.58
CA ILE D 13 -13.06 35.40 -17.35
C ILE D 13 -13.51 34.55 -16.15
N ASN D 14 -14.79 34.21 -16.06
CA ASN D 14 -15.25 33.39 -14.97
C ASN D 14 -14.69 31.98 -15.00
N ASP D 15 -14.17 31.53 -16.15
CA ASP D 15 -13.52 30.23 -16.24
C ASP D 15 -12.03 30.30 -15.97
N LEU D 16 -11.54 31.39 -15.37
CA LEU D 16 -10.16 31.47 -14.93
C LEU D 16 -9.99 31.41 -13.43
N LEU D 17 -10.80 32.16 -12.66
CA LEU D 17 -10.64 32.18 -11.22
C LEU D 17 -11.61 31.27 -10.47
N ASN D 18 -12.59 30.68 -11.15
CA ASN D 18 -13.50 29.73 -10.51
C ASN D 18 -13.51 28.38 -11.24
N LYS D 19 -12.38 27.98 -11.81
CA LYS D 19 -12.36 26.71 -12.51
C LYS D 19 -10.95 26.13 -12.50
N ASP D 20 -10.86 24.81 -12.42
CA ASP D 20 -9.60 24.07 -12.44
C ASP D 20 -8.65 24.51 -11.33
N PHE D 21 -9.18 24.81 -10.15
CA PHE D 21 -8.38 25.05 -8.96
C PHE D 21 -8.65 23.94 -7.96
N TYR D 22 -7.64 23.56 -7.19
CA TYR D 22 -7.73 22.45 -6.26
C TYR D 22 -7.22 22.83 -4.89
N HIS D 23 -7.48 24.07 -4.48
CA HIS D 23 -7.04 24.54 -3.18
C HIS D 23 -8.12 24.41 -2.12
N ALA D 24 -9.27 23.84 -2.47
CA ALA D 24 -10.39 23.74 -1.55
C ALA D 24 -10.48 22.38 -0.86
N THR D 25 -10.57 21.33 -1.62
CA THR D 25 -10.70 19.99 -1.03
C THR D 25 -9.33 19.33 -0.95
N PRO D 26 -8.88 18.93 0.23
CA PRO D 26 -7.55 18.31 0.35
C PRO D 26 -7.37 17.07 -0.51
N ALA D 27 -8.43 16.30 -0.74
CA ALA D 27 -8.33 15.13 -1.59
C ALA D 27 -9.66 14.92 -2.30
N ALA D 28 -9.58 14.49 -3.56
CA ALA D 28 -10.76 14.25 -4.36
C ALA D 28 -10.51 13.05 -5.26
N PHE D 29 -11.61 12.42 -5.70
CA PHE D 29 -11.50 11.22 -6.52
C PHE D 29 -12.69 11.24 -7.49
N ASP D 30 -12.41 11.27 -8.77
CA ASP D 30 -13.42 11.27 -9.81
C ASP D 30 -13.18 10.08 -10.73
N VAL D 31 -14.26 9.41 -11.12
CA VAL D 31 -14.21 8.42 -12.19
C VAL D 31 -15.45 8.61 -13.06
N GLN D 32 -15.24 8.64 -14.37
CA GLN D 32 -16.29 8.92 -15.34
C GLN D 32 -16.39 7.73 -16.27
N THR D 33 -17.55 7.08 -16.31
CA THR D 33 -17.75 5.91 -17.14
C THR D 33 -18.92 6.16 -18.08
N THR D 34 -18.79 5.70 -19.32
CA THR D 34 -19.81 5.87 -20.33
C THR D 34 -20.15 4.51 -20.95
N THR D 35 -21.44 4.16 -20.91
CA THR D 35 -21.93 2.94 -21.52
C THR D 35 -22.21 3.18 -23.00
N ALA D 36 -22.31 2.10 -23.76
CA ALA D 36 -22.55 2.18 -25.19
C ALA D 36 -24.05 2.35 -25.47
N ASN D 37 -24.67 3.24 -24.70
CA ASN D 37 -26.07 3.59 -24.89
C ASN D 37 -26.19 5.11 -24.99
N GLY D 38 -25.37 5.82 -24.22
CA GLY D 38 -25.44 7.26 -24.17
C GLY D 38 -25.47 7.77 -22.74
N ILE D 39 -25.79 6.89 -21.80
CA ILE D 39 -25.84 7.24 -20.39
C ILE D 39 -24.42 7.38 -19.88
N LYS D 40 -24.17 8.42 -19.09
CA LYS D 40 -22.85 8.71 -18.54
C LYS D 40 -22.98 8.78 -17.03
N PHE D 41 -22.23 7.94 -16.33
CA PHE D 41 -22.19 7.90 -14.87
C PHE D 41 -21.00 8.67 -14.34
N SER D 42 -20.97 8.84 -13.02
CA SER D 42 -19.86 9.52 -12.37
C SER D 42 -19.86 9.17 -10.89
N LEU D 43 -18.67 9.03 -10.32
CA LEU D 43 -18.50 8.70 -8.91
C LEU D 43 -17.51 9.68 -8.30
N LYS D 44 -18.02 10.67 -7.59
CA LYS D 44 -17.14 11.67 -6.99
C LYS D 44 -17.05 11.47 -5.48
N ALA D 45 -15.84 11.64 -4.95
CA ALA D 45 -15.58 11.47 -3.52
C ALA D 45 -14.64 12.58 -3.07
N LYS D 46 -15.24 13.67 -2.58
CA LYS D 46 -14.50 14.84 -2.14
C LYS D 46 -14.30 14.80 -0.62
N GLN D 47 -13.81 15.90 -0.07
CA GLN D 47 -13.64 16.04 1.38
C GLN D 47 -13.68 17.52 1.76
N PRO D 48 -14.78 17.99 2.37
CA PRO D 48 -14.89 19.43 2.69
C PRO D 48 -13.81 19.94 3.62
N VAL D 49 -13.71 19.37 4.82
CA VAL D 49 -12.77 19.85 5.83
C VAL D 49 -11.95 18.68 6.35
N LYS D 50 -11.04 18.96 7.30
CA LYS D 50 -10.17 17.91 7.82
C LYS D 50 -10.92 17.00 8.78
N ASP D 51 -11.98 17.50 9.41
CA ASP D 51 -12.75 16.72 10.39
C ASP D 51 -14.18 16.47 9.93
N GLY D 52 -14.39 16.29 8.63
CA GLY D 52 -15.72 16.07 8.11
C GLY D 52 -15.87 14.73 7.44
N PRO D 53 -17.11 14.32 7.20
CA PRO D 53 -17.35 13.05 6.51
C PRO D 53 -16.89 13.09 5.08
N LEU D 54 -16.53 11.93 4.55
CA LEU D 54 -16.08 11.80 3.18
C LEU D 54 -17.28 11.94 2.26
N SER D 55 -17.48 13.14 1.72
CA SER D 55 -18.64 13.39 0.86
C SER D 55 -18.54 12.57 -0.42
N THR D 56 -19.69 12.10 -0.89
CA THR D 56 -19.74 11.23 -2.06
C THR D 56 -21.06 11.45 -2.76
N ASN D 57 -21.04 11.56 -4.09
CA ASN D 57 -22.28 11.62 -4.87
C ASN D 57 -22.08 10.89 -6.20
N VAL D 58 -23.19 10.44 -6.77
CA VAL D 58 -23.19 9.69 -8.01
C VAL D 58 -24.29 10.25 -8.90
N GLU D 59 -23.93 10.65 -10.11
CA GLU D 59 -24.91 11.21 -11.04
C GLU D 59 -24.81 10.54 -12.39
N ALA D 60 -25.95 10.46 -13.07
CA ALA D 60 -26.06 9.84 -14.39
C ALA D 60 -26.87 10.76 -15.29
N LYS D 61 -26.36 10.98 -16.49
CA LYS D 61 -27.04 11.88 -17.42
C LYS D 61 -26.92 11.35 -18.84
N LEU D 62 -27.89 11.72 -19.67
CA LEU D 62 -27.89 11.36 -21.07
C LEU D 62 -28.27 12.57 -21.92
N ASN D 63 -27.61 12.69 -23.07
CA ASN D 63 -27.84 13.77 -24.01
C ASN D 63 -27.90 13.14 -25.41
N ASP D 64 -29.12 12.85 -25.86
CA ASP D 64 -29.31 12.16 -27.13
C ASP D 64 -29.59 13.16 -28.24
N LYS D 65 -29.17 12.80 -29.46
CA LYS D 65 -29.39 13.65 -30.62
C LYS D 65 -30.74 13.34 -31.26
N GLN D 66 -31.65 12.77 -30.47
CA GLN D 66 -33.02 12.53 -30.89
C GLN D 66 -33.83 13.82 -30.77
N THR D 67 -35.16 13.70 -30.76
CA THR D 67 -36.04 14.86 -30.68
C THR D 67 -35.63 15.85 -29.60
N GLY D 68 -34.97 15.39 -28.54
CA GLY D 68 -34.42 16.31 -27.57
C GLY D 68 -34.67 15.98 -26.11
N LEU D 69 -35.17 14.78 -25.83
CA LEU D 69 -35.37 14.36 -24.45
C LEU D 69 -34.04 14.23 -23.73
N GLY D 70 -33.94 14.84 -22.55
CA GLY D 70 -32.73 14.76 -21.77
C GLY D 70 -32.97 14.73 -20.28
N LEU D 71 -32.42 13.72 -19.60
CA LEU D 71 -32.66 13.51 -18.18
C LEU D 71 -31.31 13.44 -17.46
N THR D 72 -31.24 14.09 -16.30
CA THR D 72 -30.06 14.07 -15.44
C THR D 72 -30.51 13.77 -14.03
N GLN D 73 -29.91 12.77 -13.40
CA GLN D 73 -30.30 12.39 -12.05
C GLN D 73 -29.06 12.19 -11.19
N GLY D 74 -29.01 12.89 -10.06
CA GLY D 74 -27.88 12.76 -9.16
C GLY D 74 -28.27 12.41 -7.74
N TRP D 75 -27.88 11.22 -7.28
CA TRP D 75 -28.07 10.81 -5.90
C TRP D 75 -26.83 11.17 -5.11
N SER D 76 -26.98 12.04 -4.12
CA SER D 76 -25.86 12.52 -3.33
C SER D 76 -25.82 11.81 -1.98
N ASN D 77 -24.92 12.23 -1.11
CA ASN D 77 -24.82 11.71 0.25
C ASN D 77 -25.50 12.61 1.27
N THR D 78 -25.51 13.92 1.05
CA THR D 78 -26.04 14.88 2.01
C THR D 78 -27.47 15.30 1.69
N ASN D 79 -28.22 14.48 0.96
CA ASN D 79 -29.63 14.73 0.66
C ASN D 79 -29.82 16.07 -0.04
N ASN D 80 -29.03 16.29 -1.09
CA ASN D 80 -29.15 17.47 -1.93
C ASN D 80 -29.20 16.99 -3.39
N LEU D 81 -30.10 16.05 -3.65
CA LEU D 81 -30.31 15.50 -4.98
C LEU D 81 -30.80 16.58 -5.93
N GLN D 82 -30.28 16.54 -7.17
CA GLN D 82 -30.80 17.35 -8.26
C GLN D 82 -31.19 16.43 -9.41
N THR D 83 -32.30 16.75 -10.08
CA THR D 83 -32.65 16.12 -11.34
C THR D 83 -33.05 17.20 -12.34
N LYS D 84 -32.55 17.07 -13.56
CA LYS D 84 -32.77 18.02 -14.63
C LYS D 84 -33.51 17.35 -15.79
N LEU D 85 -34.41 18.11 -16.41
CA LEU D 85 -35.18 17.62 -17.54
C LEU D 85 -35.12 18.68 -18.63
N GLU D 86 -34.37 18.39 -19.69
CA GLU D 86 -34.18 19.33 -20.79
C GLU D 86 -34.88 18.81 -22.04
N PHE D 87 -35.60 19.70 -22.72
CA PHE D 87 -36.28 19.34 -23.96
C PHE D 87 -36.71 20.60 -24.70
N ALA D 88 -36.86 20.47 -26.01
CA ALA D 88 -37.38 21.52 -26.88
C ALA D 88 -38.66 21.10 -27.59
N ASN D 89 -38.65 19.92 -28.20
CA ASN D 89 -39.84 19.32 -28.81
C ASN D 89 -40.45 20.20 -29.89
N LEU D 90 -41.52 20.92 -29.55
CA LEU D 90 -42.30 21.66 -30.55
C LEU D 90 -41.47 22.74 -31.24
N THR D 91 -41.03 23.74 -30.49
CA THR D 91 -40.33 24.87 -31.08
C THR D 91 -38.83 24.60 -31.12
N PRO D 92 -38.18 24.71 -32.28
CA PRO D 92 -36.72 24.55 -32.31
C PRO D 92 -36.00 25.72 -31.66
N GLY D 93 -35.26 25.44 -30.59
CA GLY D 93 -34.49 26.45 -29.88
C GLY D 93 -35.04 26.83 -28.52
N LEU D 94 -36.34 26.61 -28.29
CA LEU D 94 -36.95 26.94 -27.00
C LEU D 94 -36.67 25.81 -26.02
N LYS D 95 -35.65 26.00 -25.20
CA LYS D 95 -35.24 24.99 -24.23
C LYS D 95 -36.04 25.17 -22.95
N ASN D 96 -36.63 24.08 -22.45
CA ASN D 96 -37.45 24.11 -21.24
C ASN D 96 -36.84 23.19 -20.21
N GLU D 97 -36.03 23.76 -19.33
CA GLU D 97 -35.31 23.00 -18.32
C GLU D 97 -36.00 23.11 -16.97
N LEU D 98 -35.66 22.20 -16.06
CA LEU D 98 -36.10 22.34 -14.68
C LEU D 98 -35.02 21.81 -13.74
N ILE D 99 -35.01 22.31 -12.52
CA ILE D 99 -34.03 21.93 -11.51
C ILE D 99 -34.78 21.66 -10.22
N THR D 100 -34.47 20.54 -9.57
CA THR D 100 -35.10 20.17 -8.32
C THR D 100 -34.06 20.05 -7.22
N SER D 101 -34.51 20.28 -5.99
CA SER D 101 -33.65 20.25 -4.81
C SER D 101 -34.36 19.46 -3.72
N LEU D 102 -34.89 18.29 -4.10
CA LEU D 102 -35.66 17.47 -3.18
C LEU D 102 -34.78 17.06 -2.00
N THR D 103 -35.29 17.28 -0.79
CA THR D 103 -34.57 16.95 0.44
C THR D 103 -35.57 16.48 1.50
N PRO D 104 -35.38 15.29 2.06
CA PRO D 104 -36.31 14.82 3.11
C PRO D 104 -36.22 15.68 4.36
N GLY D 105 -37.32 16.37 4.68
CA GLY D 105 -37.36 17.23 5.84
C GLY D 105 -37.30 18.71 5.50
N VAL D 106 -36.48 19.06 4.51
CA VAL D 106 -36.37 20.44 4.06
C VAL D 106 -37.24 20.65 2.83
N ALA D 107 -38.04 21.72 2.86
CA ALA D 107 -38.94 22.01 1.75
C ALA D 107 -38.14 22.19 0.47
N LYS D 108 -38.44 21.38 -0.54
CA LYS D 108 -37.75 21.45 -1.81
C LYS D 108 -38.14 22.73 -2.56
N SER D 109 -37.28 23.13 -3.49
CA SER D 109 -37.51 24.33 -4.28
C SER D 109 -37.08 24.06 -5.70
N ALA D 110 -38.02 23.64 -6.54
CA ALA D 110 -37.76 23.42 -7.95
C ALA D 110 -37.91 24.74 -8.71
N VAL D 111 -37.10 24.90 -9.75
CA VAL D 111 -37.10 26.10 -10.58
C VAL D 111 -37.32 25.68 -12.02
N LEU D 112 -38.24 26.35 -12.70
CA LEU D 112 -38.58 26.06 -14.08
C LEU D 112 -37.95 27.14 -14.96
N ASN D 113 -37.04 26.74 -15.84
CA ASN D 113 -36.30 27.67 -16.68
C ASN D 113 -36.76 27.55 -18.12
N THR D 114 -37.00 28.69 -18.76
CA THR D 114 -37.32 28.76 -20.17
C THR D 114 -36.31 29.65 -20.86
N THR D 115 -35.68 29.12 -21.91
CA THR D 115 -34.68 29.87 -22.66
C THR D 115 -35.09 29.90 -24.13
N PHE D 116 -35.20 31.10 -24.68
CA PHE D 116 -35.55 31.29 -26.09
C PHE D 116 -34.39 32.02 -26.77
N THR D 117 -33.95 31.49 -27.90
CA THR D 117 -32.85 32.09 -28.65
C THR D 117 -33.37 32.56 -29.99
N GLN D 118 -33.14 33.84 -30.30
CA GLN D 118 -33.38 34.39 -31.63
C GLN D 118 -32.08 35.06 -32.05
N PRO D 119 -31.82 35.18 -33.34
CA PRO D 119 -30.66 35.98 -33.79
C PRO D 119 -30.76 37.38 -33.22
N PHE D 120 -29.76 37.77 -32.44
CA PHE D 120 -29.66 39.09 -31.81
C PHE D 120 -30.66 39.27 -30.66
N PHE D 121 -31.24 38.18 -30.15
CA PHE D 121 -32.20 38.28 -29.05
C PHE D 121 -32.04 37.08 -28.13
N THR D 122 -31.86 37.34 -26.84
CA THR D 122 -31.82 36.25 -25.88
C THR D 122 -32.74 36.58 -24.71
N ALA D 123 -33.63 35.64 -24.38
CA ALA D 123 -34.58 35.84 -23.30
C ALA D 123 -34.64 34.59 -22.46
N ARG D 124 -34.38 34.73 -21.17
CA ARG D 124 -34.41 33.63 -20.21
C ARG D 124 -35.31 34.01 -19.04
N GLY D 125 -36.21 33.11 -18.68
CA GLY D 125 -37.08 33.32 -17.53
C GLY D 125 -37.07 32.14 -16.59
N ALA D 126 -37.04 32.41 -15.29
CA ALA D 126 -37.04 31.34 -14.29
C ALA D 126 -38.16 31.57 -13.30
N PHE D 127 -39.01 30.56 -13.15
CA PHE D 127 -40.17 30.57 -12.25
C PHE D 127 -39.82 29.70 -11.05
N ASP D 128 -39.99 30.25 -9.85
CA ASP D 128 -39.71 29.51 -8.61
C ASP D 128 -41.03 28.97 -8.08
N LEU D 129 -41.38 27.76 -8.50
CA LEU D 129 -42.60 27.13 -8.04
C LEU D 129 -42.32 26.26 -6.81
N CYS D 130 -43.37 25.64 -6.27
CA CYS D 130 -43.28 24.84 -5.06
C CYS D 130 -42.72 25.65 -3.89
N LEU D 131 -43.19 26.89 -3.76
CA LEU D 131 -42.77 27.76 -2.67
C LEU D 131 -43.95 28.66 -2.29
N LYS D 132 -44.05 28.95 -0.99
CA LYS D 132 -45.11 29.83 -0.52
C LYS D 132 -44.98 31.24 -1.10
N SER D 133 -43.75 31.71 -1.30
CA SER D 133 -43.48 33.03 -1.85
C SER D 133 -42.76 32.86 -3.19
N PRO D 134 -43.49 32.62 -4.27
CA PRO D 134 -42.85 32.45 -5.58
C PRO D 134 -42.23 33.74 -6.07
N THR D 135 -41.15 33.58 -6.84
CA THR D 135 -40.45 34.69 -7.47
C THR D 135 -40.43 34.46 -8.99
N PHE D 136 -39.89 35.44 -9.71
CA PHE D 136 -39.69 35.30 -11.15
C PHE D 136 -38.47 36.11 -11.55
N VAL D 137 -37.44 35.45 -12.04
CA VAL D 137 -36.21 36.14 -12.42
C VAL D 137 -36.06 36.03 -13.93
N GLY D 138 -36.10 37.17 -14.60
CA GLY D 138 -36.07 37.21 -16.06
C GLY D 138 -34.98 38.16 -16.54
N ASP D 139 -34.28 37.75 -17.59
CA ASP D 139 -33.19 38.57 -18.12
C ASP D 139 -33.25 38.60 -19.63
N LEU D 140 -32.73 39.68 -20.20
CA LEU D 140 -32.73 39.93 -21.63
C LEU D 140 -31.31 40.26 -22.06
N THR D 141 -30.98 39.86 -23.29
CA THR D 141 -29.65 40.09 -23.86
C THR D 141 -29.77 40.49 -25.32
N MET D 142 -29.11 41.59 -25.67
CA MET D 142 -29.05 42.09 -27.03
C MET D 142 -27.59 42.20 -27.47
N ALA D 143 -27.39 42.14 -28.79
CA ALA D 143 -26.06 42.24 -29.37
C ALA D 143 -26.08 43.20 -30.54
N HIS D 144 -25.12 44.14 -30.55
CA HIS D 144 -24.94 45.10 -31.64
C HIS D 144 -23.54 44.86 -32.21
N GLU D 145 -23.46 43.95 -33.18
CA GLU D 145 -22.27 43.63 -33.96
C GLU D 145 -20.98 43.71 -33.16
N GLY D 146 -20.96 43.10 -31.97
CA GLY D 146 -19.77 43.10 -31.16
C GLY D 146 -20.00 43.57 -29.73
N ILE D 147 -20.88 44.55 -29.56
CA ILE D 147 -21.18 45.06 -28.22
C ILE D 147 -22.36 44.26 -27.67
N VAL D 148 -22.12 43.49 -26.61
CA VAL D 148 -23.12 42.60 -26.05
C VAL D 148 -23.63 43.23 -24.76
N GLY D 149 -24.91 43.60 -24.74
CA GLY D 149 -25.48 44.16 -23.53
C GLY D 149 -26.64 43.34 -23.04
N GLY D 150 -27.10 43.62 -21.83
CA GLY D 150 -28.23 42.90 -21.30
C GLY D 150 -28.59 43.40 -19.92
N ALA D 151 -29.68 42.86 -19.39
CA ALA D 151 -30.19 43.27 -18.10
C ALA D 151 -30.94 42.11 -17.48
N GLU D 152 -31.21 42.22 -16.18
CA GLU D 152 -31.92 41.19 -15.43
C GLU D 152 -32.77 41.86 -14.36
N PHE D 153 -34.01 41.38 -14.22
CA PHE D 153 -34.89 41.86 -13.18
C PHE D 153 -35.52 40.68 -12.45
N GLY D 154 -35.82 40.91 -11.16
CA GLY D 154 -36.49 39.92 -10.35
C GLY D 154 -37.78 40.46 -9.76
N TYR D 155 -38.91 39.90 -10.18
CA TYR D 155 -40.20 40.34 -9.69
C TYR D 155 -40.73 39.34 -8.67
N ASP D 156 -41.16 39.85 -7.52
CA ASP D 156 -41.72 39.04 -6.46
C ASP D 156 -43.23 39.01 -6.61
N ILE D 157 -43.79 37.81 -6.74
CA ILE D 157 -45.24 37.68 -6.83
C ILE D 157 -45.89 38.02 -5.49
N SER D 158 -45.28 37.59 -4.39
CA SER D 158 -45.83 37.86 -3.07
C SER D 158 -45.84 39.35 -2.75
N ALA D 159 -44.76 40.06 -3.08
CA ALA D 159 -44.65 41.47 -2.73
C ALA D 159 -45.22 42.36 -3.83
N GLY D 160 -44.72 42.22 -5.05
CA GLY D 160 -45.15 43.05 -6.15
C GLY D 160 -44.14 44.09 -6.54
N SER D 161 -42.97 44.05 -5.92
CA SER D 161 -41.89 45.00 -6.17
C SER D 161 -40.73 44.27 -6.86
N ILE D 162 -39.63 44.99 -7.08
CA ILE D 162 -38.44 44.46 -7.73
C ILE D 162 -37.35 44.37 -6.67
N SER D 163 -36.78 43.18 -6.52
CA SER D 163 -35.73 42.95 -5.52
C SER D 163 -34.33 43.04 -6.10
N ARG D 164 -34.13 42.52 -7.31
CA ARG D 164 -32.83 42.49 -7.96
C ARG D 164 -32.95 43.11 -9.35
N TYR D 165 -32.10 44.09 -9.63
CA TYR D 165 -32.15 44.84 -10.88
C TYR D 165 -30.72 45.10 -11.32
N ALA D 166 -30.25 44.35 -12.30
CA ALA D 166 -28.87 44.42 -12.73
C ALA D 166 -28.77 44.64 -14.24
N MET D 167 -27.64 45.17 -14.67
CA MET D 167 -27.37 45.41 -16.08
C MET D 167 -25.93 45.02 -16.36
N ALA D 168 -25.64 44.76 -17.64
CA ALA D 168 -24.30 44.34 -18.03
C ALA D 168 -24.05 44.81 -19.46
N LEU D 169 -22.79 45.20 -19.71
CA LEU D 169 -22.41 45.75 -21.02
C LEU D 169 -20.96 45.33 -21.24
N SER D 170 -20.71 44.60 -22.32
CA SER D 170 -19.39 44.07 -22.60
C SER D 170 -19.04 44.23 -24.08
N TYR D 171 -17.74 44.16 -24.35
CA TYR D 171 -17.20 44.36 -25.69
C TYR D 171 -16.34 43.13 -26.00
N PHE D 172 -16.87 42.21 -26.80
CA PHE D 172 -16.10 41.08 -27.28
C PHE D 172 -15.28 41.48 -28.51
N ALA D 173 -14.14 40.84 -28.68
CA ALA D 173 -13.30 41.09 -29.84
C ALA D 173 -12.60 39.80 -30.26
N LYS D 174 -11.59 39.91 -31.11
CA LYS D 174 -10.93 38.71 -31.63
C LYS D 174 -10.15 38.00 -30.52
N ASP D 175 -9.38 38.75 -29.73
CA ASP D 175 -8.52 38.15 -28.72
C ASP D 175 -8.55 38.89 -27.39
N TYR D 176 -9.54 39.75 -27.16
CA TYR D 176 -9.72 40.35 -25.86
C TYR D 176 -11.18 40.70 -25.67
N SER D 177 -11.57 40.96 -24.42
CA SER D 177 -12.95 41.25 -24.11
C SER D 177 -13.04 41.96 -22.77
N LEU D 178 -13.63 43.14 -22.78
CA LEU D 178 -13.88 43.91 -21.58
C LEU D 178 -15.36 43.80 -21.23
N GLY D 179 -15.75 44.46 -20.14
CA GLY D 179 -17.14 44.46 -19.74
C GLY D 179 -17.35 44.95 -18.33
N ALA D 180 -18.39 45.75 -18.13
CA ALA D 180 -18.72 46.28 -16.82
C ALA D 180 -20.17 45.94 -16.53
N THR D 181 -20.44 45.50 -15.31
CA THR D 181 -21.79 45.18 -14.87
C THR D 181 -22.14 46.00 -13.63
N LEU D 182 -23.40 46.42 -13.58
CA LEU D 182 -23.95 47.17 -12.46
C LEU D 182 -25.05 46.34 -11.81
N ASN D 183 -25.10 46.39 -10.48
CA ASN D 183 -26.03 45.58 -9.70
C ASN D 183 -26.61 46.51 -8.65
N ASN D 184 -27.88 46.86 -8.80
CA ASN D 184 -28.64 47.62 -7.82
C ASN D 184 -27.99 48.97 -7.50
N GLU D 185 -27.19 49.47 -8.44
CA GLU D 185 -26.45 50.73 -8.26
C GLU D 185 -25.59 50.71 -7.00
N GLN D 186 -25.20 49.51 -6.57
CA GLN D 186 -24.44 49.35 -5.34
C GLN D 186 -23.21 48.47 -5.56
N ILE D 187 -23.26 47.59 -6.55
CA ILE D 187 -22.14 46.71 -6.87
C ILE D 187 -21.78 46.96 -8.32
N THR D 188 -20.55 47.42 -8.56
CA THR D 188 -20.07 47.64 -9.91
C THR D 188 -18.83 46.78 -10.14
N THR D 189 -18.77 46.11 -11.28
CA THR D 189 -17.66 45.24 -11.60
C THR D 189 -17.18 45.52 -13.02
N VAL D 190 -15.87 45.38 -13.22
CA VAL D 190 -15.28 45.52 -14.54
C VAL D 190 -14.28 44.39 -14.73
N ASP D 191 -14.41 43.66 -15.83
CA ASP D 191 -13.57 42.53 -16.11
C ASP D 191 -12.71 42.77 -17.33
N PHE D 192 -11.80 41.83 -17.59
CA PHE D 192 -10.89 41.89 -18.71
C PHE D 192 -10.35 40.51 -18.97
N PHE D 193 -10.53 40.03 -20.20
CA PHE D 193 -10.03 38.73 -20.61
C PHE D 193 -9.20 38.91 -21.87
N GLN D 194 -8.01 38.34 -21.87
CA GLN D 194 -7.07 38.51 -22.97
C GLN D 194 -6.44 37.16 -23.27
N ASN D 195 -6.30 36.87 -24.55
CA ASN D 195 -5.75 35.60 -25.02
C ASN D 195 -4.50 35.94 -25.83
N VAL D 196 -3.33 35.83 -25.20
CA VAL D 196 -2.08 36.13 -25.89
C VAL D 196 -1.95 35.27 -27.14
N ASN D 197 -1.96 33.97 -26.97
CA ASN D 197 -1.94 33.02 -28.08
C ASN D 197 -2.56 31.72 -27.57
N ALA D 198 -2.45 30.66 -28.36
CA ALA D 198 -3.02 29.38 -27.96
C ALA D 198 -2.38 28.81 -26.70
N PHE D 199 -1.21 29.32 -26.30
CA PHE D 199 -0.46 28.76 -25.18
C PHE D 199 -0.46 29.65 -23.95
N LEU D 200 -1.29 30.69 -23.90
CA LEU D 200 -1.27 31.59 -22.76
C LEU D 200 -2.54 32.43 -22.74
N GLN D 201 -3.14 32.56 -21.56
CA GLN D 201 -4.30 33.40 -21.33
C GLN D 201 -4.06 34.22 -20.07
N VAL D 202 -4.69 35.39 -19.99
CA VAL D 202 -4.51 36.26 -18.84
C VAL D 202 -5.74 37.15 -18.71
N GLY D 203 -6.19 37.36 -17.47
CA GLY D 203 -7.38 38.14 -17.23
C GLY D 203 -7.35 38.84 -15.89
N ALA D 204 -8.24 39.80 -15.74
CA ALA D 204 -8.34 40.56 -14.51
C ALA D 204 -9.81 40.86 -14.23
N LYS D 205 -10.12 41.07 -12.95
CA LYS D 205 -11.46 41.36 -12.49
C LYS D 205 -11.39 42.36 -11.36
N ALA D 206 -12.25 43.38 -11.38
CA ALA D 206 -12.25 44.42 -10.37
C ALA D 206 -13.68 44.64 -9.88
N THR D 207 -13.85 44.63 -8.56
CA THR D 207 -15.13 44.92 -7.92
C THR D 207 -14.93 46.13 -7.02
N MET D 208 -15.84 47.11 -7.10
CA MET D 208 -15.63 48.36 -6.40
C MET D 208 -16.59 48.55 -5.23
N ASN D 209 -17.83 48.08 -5.36
CA ASN D 209 -18.80 48.16 -4.28
C ASN D 209 -19.02 49.61 -3.82
N CYS D 210 -19.61 50.42 -4.68
CA CYS D 210 -19.76 51.85 -4.41
C CYS D 210 -20.50 52.12 -3.09
N LYS D 211 -21.32 51.19 -2.62
CA LYS D 211 -22.02 51.35 -1.35
C LYS D 211 -21.14 50.98 -0.17
N LEU D 212 -19.95 51.58 -0.10
CA LEU D 212 -19.01 51.35 0.99
C LEU D 212 -18.27 52.65 1.25
N PRO D 213 -18.13 53.07 2.51
CA PRO D 213 -17.43 54.32 2.80
C PRO D 213 -15.94 54.28 2.47
N ASN D 214 -15.28 53.15 2.73
CA ASN D 214 -13.84 53.04 2.52
C ASN D 214 -13.48 52.45 1.17
N SER D 215 -14.47 51.99 0.40
CA SER D 215 -14.27 51.37 -0.91
C SER D 215 -13.51 50.05 -0.80
N ASN D 216 -12.18 50.13 -0.69
CA ASN D 216 -11.32 48.96 -0.58
C ASN D 216 -11.53 48.03 -1.77
N VAL D 217 -11.21 48.51 -2.96
CA VAL D 217 -11.43 47.73 -4.17
C VAL D 217 -10.54 46.50 -4.16
N ASN D 218 -11.14 45.33 -4.35
CA ASN D 218 -10.41 44.07 -4.39
C ASN D 218 -10.40 43.58 -5.82
N ILE D 219 -9.21 43.58 -6.43
CA ILE D 219 -9.03 43.13 -7.80
C ILE D 219 -8.34 41.77 -7.77
N GLU D 220 -8.49 41.03 -8.87
CA GLU D 220 -7.88 39.73 -9.02
C GLU D 220 -7.30 39.62 -10.43
N PHE D 221 -6.18 38.92 -10.51
CA PHE D 221 -5.44 38.80 -11.77
C PHE D 221 -5.06 37.34 -11.92
N ALA D 222 -5.49 36.70 -12.99
CA ALA D 222 -5.29 35.28 -13.20
C ALA D 222 -4.60 35.04 -14.54
N THR D 223 -3.85 33.96 -14.64
CA THR D 223 -3.20 33.54 -15.87
C THR D 223 -3.55 32.09 -16.18
N ARG D 224 -3.03 31.60 -17.30
CA ARG D 224 -3.22 30.21 -17.69
C ARG D 224 -2.13 29.90 -18.72
N TYR D 225 -1.23 28.98 -18.37
CA TYR D 225 -0.12 28.60 -19.23
C TYR D 225 -0.26 27.13 -19.59
N LEU D 226 0.04 26.80 -20.84
CA LEU D 226 -0.01 25.42 -21.32
C LEU D 226 1.37 25.01 -21.81
N PRO D 227 2.16 24.30 -20.99
CA PRO D 227 3.47 23.84 -21.47
C PRO D 227 3.38 22.95 -22.69
N ASP D 228 2.33 22.14 -22.79
CA ASP D 228 2.08 21.31 -23.96
C ASP D 228 0.60 20.96 -23.98
N ALA D 229 0.22 19.99 -24.80
CA ALA D 229 -1.18 19.60 -24.88
C ALA D 229 -1.64 18.94 -23.58
N SER D 230 -0.75 18.22 -22.91
CA SER D 230 -1.11 17.42 -21.74
C SER D 230 -0.74 18.09 -20.42
N SER D 231 -0.81 19.41 -20.34
CA SER D 231 -0.49 20.09 -19.10
C SER D 231 -1.28 21.39 -19.01
N GLN D 232 -1.45 21.89 -17.79
CA GLN D 232 -2.13 23.17 -17.59
C GLN D 232 -1.70 23.71 -16.23
N VAL D 233 -0.87 24.75 -16.22
CA VAL D 233 -0.44 25.40 -15.00
C VAL D 233 -1.05 26.79 -14.97
N LYS D 234 -1.68 27.15 -13.85
CA LYS D 234 -2.33 28.44 -13.77
C LYS D 234 -2.26 28.99 -12.36
N ALA D 235 -2.21 30.31 -12.27
CA ALA D 235 -2.07 30.99 -10.98
C ALA D 235 -2.82 32.31 -11.02
N LYS D 236 -3.43 32.67 -9.91
CA LYS D 236 -4.07 33.96 -9.76
C LYS D 236 -3.62 34.62 -8.46
N VAL D 237 -3.76 35.94 -8.41
CA VAL D 237 -3.31 36.72 -7.26
C VAL D 237 -4.25 37.88 -7.02
N SER D 238 -4.68 38.06 -5.77
CA SER D 238 -5.51 39.17 -5.35
C SER D 238 -4.65 40.19 -4.59
N ASP D 239 -5.29 41.26 -4.13
CA ASP D 239 -4.54 42.30 -3.43
C ASP D 239 -3.99 41.83 -2.10
N SER D 240 -4.73 41.00 -1.37
CA SER D 240 -4.30 40.56 -0.05
C SER D 240 -3.20 39.51 -0.12
N GLY D 241 -2.66 39.23 -1.30
CA GLY D 241 -1.55 38.31 -1.43
C GLY D 241 -1.92 36.86 -1.61
N ILE D 242 -3.21 36.54 -1.73
CA ILE D 242 -3.61 35.15 -1.93
C ILE D 242 -3.15 34.73 -3.32
N VAL D 243 -2.10 33.90 -3.35
CA VAL D 243 -1.52 33.41 -4.60
C VAL D 243 -1.85 31.93 -4.66
N THR D 244 -2.79 31.55 -5.51
CA THR D 244 -3.21 30.17 -5.63
C THR D 244 -2.62 29.57 -6.91
N LEU D 245 -1.94 28.44 -6.76
CA LEU D 245 -1.33 27.73 -7.88
C LEU D 245 -2.15 26.49 -8.21
N ALA D 246 -2.08 26.06 -9.47
CA ALA D 246 -2.77 24.84 -9.87
C ALA D 246 -2.01 24.22 -11.03
N TYR D 247 -1.92 22.90 -11.02
CA TYR D 247 -1.19 22.15 -12.04
C TYR D 247 -1.98 20.91 -12.40
N LYS D 248 -2.46 20.83 -13.64
CA LYS D 248 -3.18 19.68 -14.15
C LYS D 248 -2.29 18.95 -15.14
N GLN D 249 -2.16 17.64 -14.96
CA GLN D 249 -1.30 16.80 -15.79
C GLN D 249 -2.05 15.51 -16.12
N LEU D 250 -1.95 15.07 -17.37
CA LEU D 250 -2.52 13.79 -17.79
C LEU D 250 -1.41 12.75 -17.82
N LEU D 251 -1.48 11.77 -16.92
CA LEU D 251 -0.46 10.74 -16.84
C LEU D 251 -0.68 9.67 -17.88
N ARG D 252 -1.80 8.97 -17.79
CA ARG D 252 -2.21 8.04 -18.82
C ARG D 252 -3.39 8.63 -19.60
N PRO D 253 -3.63 8.17 -20.82
CA PRO D 253 -4.82 8.65 -21.53
C PRO D 253 -6.10 8.29 -20.80
N GLY D 254 -6.78 9.31 -20.27
CA GLY D 254 -7.98 9.13 -19.47
C GLY D 254 -7.77 9.41 -18.00
N VAL D 255 -6.52 9.50 -17.55
CA VAL D 255 -6.20 9.73 -16.15
C VAL D 255 -5.57 11.12 -16.01
N THR D 256 -6.17 11.96 -15.18
CA THR D 256 -5.68 13.31 -14.93
C THR D 256 -5.41 13.49 -13.45
N LEU D 257 -4.39 14.30 -13.15
CA LEU D 257 -3.99 14.59 -11.78
C LEU D 257 -3.83 16.09 -11.64
N GLY D 258 -4.29 16.63 -10.53
CA GLY D 258 -4.19 18.05 -10.27
C GLY D 258 -3.68 18.32 -8.88
N VAL D 259 -2.93 19.40 -8.73
CA VAL D 259 -2.33 19.80 -7.47
C VAL D 259 -2.57 21.30 -7.30
N GLY D 260 -3.07 21.70 -6.13
CA GLY D 260 -3.35 23.09 -5.86
C GLY D 260 -2.83 23.53 -4.51
N SER D 261 -2.36 24.76 -4.45
CA SER D 261 -1.83 25.35 -3.23
C SER D 261 -2.38 26.76 -3.11
N SER D 262 -2.37 27.30 -1.88
CA SER D 262 -2.84 28.66 -1.67
C SER D 262 -1.95 29.35 -0.65
N PHE D 263 -1.05 30.18 -1.14
CA PHE D 263 -0.13 30.92 -0.29
C PHE D 263 -0.86 32.11 0.31
N ASP D 264 -0.11 32.94 1.03
CA ASP D 264 -0.58 34.25 1.46
C ASP D 264 0.42 35.36 1.15
N ALA D 265 1.72 35.07 1.21
CA ALA D 265 2.77 35.96 0.73
C ALA D 265 2.85 37.26 1.53
N LEU D 266 2.10 37.33 2.62
CA LEU D 266 2.13 38.50 3.49
C LEU D 266 2.61 38.11 4.88
N LYS D 267 1.95 37.12 5.46
CA LYS D 267 2.24 36.67 6.81
C LYS D 267 2.53 35.18 6.78
N LEU D 268 3.69 34.78 7.33
CA LEU D 268 4.15 33.41 7.22
C LEU D 268 4.28 32.72 8.58
N SER D 269 3.57 33.21 9.58
CA SER D 269 3.60 32.59 10.91
C SER D 269 2.18 32.18 11.30
N GLU D 270 1.28 32.13 10.32
CA GLU D 270 -0.09 31.75 10.58
C GLU D 270 -0.48 30.65 9.61
N PRO D 271 -1.17 29.60 10.06
CA PRO D 271 -1.60 28.54 9.14
C PRO D 271 -2.84 28.95 8.36
N VAL D 272 -2.65 29.78 7.34
CA VAL D 272 -3.75 30.22 6.48
C VAL D 272 -3.66 29.45 5.17
N HIS D 273 -2.52 28.80 4.95
CA HIS D 273 -2.26 28.14 3.68
C HIS D 273 -3.06 26.85 3.56
N LYS D 274 -3.74 26.70 2.43
CA LYS D 274 -4.49 25.51 2.11
C LYS D 274 -3.83 24.79 0.95
N LEU D 275 -4.11 23.49 0.84
CA LEU D 275 -3.40 22.65 -0.12
C LEU D 275 -4.26 21.44 -0.43
N GLY D 276 -4.13 20.93 -1.65
CA GLY D 276 -4.92 19.78 -2.05
C GLY D 276 -4.51 19.15 -3.35
N TRP D 277 -5.02 17.94 -3.60
CA TRP D 277 -4.79 17.23 -4.85
C TRP D 277 -6.09 16.60 -5.31
N SER D 278 -6.11 16.21 -6.59
CA SER D 278 -7.30 15.63 -7.19
C SER D 278 -6.87 14.61 -8.23
N LEU D 279 -7.54 13.47 -8.24
CA LEU D 279 -7.21 12.39 -9.17
C LEU D 279 -8.50 11.99 -9.89
N SER D 280 -8.55 12.25 -11.19
CA SER D 280 -9.74 11.96 -11.97
C SER D 280 -9.44 10.90 -13.02
N PHE D 281 -10.41 10.02 -13.25
CA PHE D 281 -10.30 8.97 -14.24
C PHE D 281 -11.42 9.11 -15.25
N ASP D 282 -11.25 8.44 -16.39
CA ASP D 282 -12.23 8.52 -17.47
C ASP D 282 -12.07 7.30 -18.35
N ALA D 283 -13.14 6.56 -18.56
CA ALA D 283 -13.09 5.36 -19.40
C ALA D 283 -13.64 5.65 -20.79
N SER E 2 16.42 67.23 -32.59
CA SER E 2 15.50 68.07 -31.82
C SER E 2 16.02 68.30 -30.41
N PRO E 3 15.96 69.55 -29.95
CA PRO E 3 16.45 69.85 -28.61
C PRO E 3 15.59 69.16 -27.56
N PRO E 4 16.18 68.78 -26.43
CA PRO E 4 15.40 68.15 -25.36
C PRO E 4 14.52 69.16 -24.65
N VAL E 5 13.42 68.65 -24.10
CA VAL E 5 12.49 69.45 -23.31
C VAL E 5 13.12 69.60 -21.92
N TYR E 6 12.59 70.53 -21.11
CA TYR E 6 13.17 70.79 -19.79
C TYR E 6 13.34 69.52 -18.96
N SER E 7 12.29 68.69 -18.88
CA SER E 7 12.36 67.49 -18.05
C SER E 7 13.43 66.50 -18.51
N ASP E 8 13.89 66.60 -19.75
CA ASP E 8 14.86 65.67 -20.29
C ASP E 8 16.28 66.20 -20.30
N ILE E 9 16.50 67.43 -19.85
CA ILE E 9 17.87 67.93 -19.71
C ILE E 9 18.50 67.27 -18.49
N SER E 10 19.75 66.82 -18.66
CA SER E 10 20.47 66.09 -17.62
C SER E 10 19.63 64.93 -17.08
N ARG E 11 18.91 64.27 -17.99
CA ARG E 11 18.17 63.08 -17.62
C ARG E 11 19.07 61.86 -17.47
N ASN E 12 20.24 61.88 -18.10
CA ASN E 12 21.14 60.73 -18.00
C ASN E 12 21.61 60.52 -16.57
N ILE E 13 21.94 61.59 -15.85
CA ILE E 13 22.32 61.43 -14.45
C ILE E 13 21.13 61.04 -13.59
N ASN E 14 19.95 61.61 -13.85
CA ASN E 14 18.75 61.21 -13.12
C ASN E 14 18.37 59.76 -13.39
N ASP E 15 18.81 59.20 -14.50
CA ASP E 15 18.50 57.83 -14.87
C ASP E 15 19.34 56.81 -14.12
N LEU E 16 20.45 57.23 -13.53
CA LEU E 16 21.33 56.33 -12.81
C LEU E 16 21.05 56.28 -11.31
N LEU E 17 20.03 57.00 -10.84
CA LEU E 17 19.71 56.96 -9.42
C LEU E 17 18.22 56.84 -9.15
N ASN E 18 17.41 56.89 -10.19
CA ASN E 18 15.96 56.76 -10.04
C ASN E 18 15.37 55.67 -10.93
N LYS E 19 16.14 54.65 -11.29
CA LYS E 19 15.62 53.57 -12.12
C LYS E 19 16.43 52.31 -11.85
N ASP E 20 15.75 51.15 -11.88
CA ASP E 20 16.36 49.85 -11.61
C ASP E 20 17.04 49.83 -10.24
N PHE E 21 16.40 50.46 -9.26
CA PHE E 21 16.84 50.40 -7.86
C PHE E 21 15.73 49.70 -7.08
N TYR E 22 15.89 48.39 -6.87
CA TYR E 22 14.89 47.60 -6.19
C TYR E 22 15.19 47.49 -4.69
N HIS E 23 15.38 48.63 -4.04
CA HIS E 23 15.71 48.65 -2.61
C HIS E 23 14.63 49.28 -1.76
N ALA E 24 13.73 50.05 -2.36
CA ALA E 24 12.67 50.71 -1.60
C ALA E 24 11.50 49.80 -1.30
N THR E 25 11.02 49.04 -2.28
CA THR E 25 9.87 48.16 -2.10
C THR E 25 10.34 46.73 -1.91
N PRO E 26 10.09 46.12 -0.76
CA PRO E 26 10.56 44.73 -0.55
C PRO E 26 10.00 43.74 -1.57
N ALA E 27 8.80 43.98 -2.09
CA ALA E 27 8.23 43.07 -3.08
C ALA E 27 7.58 43.88 -4.19
N ALA E 28 7.81 43.46 -5.43
CA ALA E 28 7.20 44.09 -6.59
C ALA E 28 6.76 43.03 -7.56
N PHE E 29 5.74 43.33 -8.36
CA PHE E 29 5.12 42.32 -9.22
C PHE E 29 4.45 43.07 -10.37
N ASP E 30 5.11 43.08 -11.53
CA ASP E 30 4.62 43.82 -12.69
C ASP E 30 4.33 42.86 -13.82
N VAL E 31 3.15 43.00 -14.43
CA VAL E 31 2.80 42.23 -15.62
C VAL E 31 2.36 43.20 -16.71
N GLN E 32 3.03 43.13 -17.85
CA GLN E 32 2.71 43.97 -19.01
C GLN E 32 2.32 43.06 -20.17
N THR E 33 1.22 43.40 -20.83
CA THR E 33 0.75 42.59 -21.95
C THR E 33 0.19 43.51 -23.03
N THR E 34 0.36 43.08 -24.27
CA THR E 34 -0.15 43.81 -25.42
C THR E 34 -1.11 42.91 -26.20
N THR E 35 -1.84 43.51 -27.15
CA THR E 35 -2.82 42.79 -27.94
C THR E 35 -2.51 43.04 -29.42
N ALA E 36 -3.04 42.16 -30.26
CA ALA E 36 -2.76 42.23 -31.70
C ALA E 36 -3.10 43.58 -32.31
N ASN E 37 -4.12 44.27 -31.80
CA ASN E 37 -4.52 45.55 -32.38
C ASN E 37 -3.77 46.71 -31.75
N GLY E 38 -3.52 46.66 -30.44
CA GLY E 38 -2.52 47.56 -29.90
C GLY E 38 -2.71 48.21 -28.54
N ILE E 39 -3.84 48.02 -27.86
CA ILE E 39 -4.04 48.61 -26.54
C ILE E 39 -3.19 47.83 -25.54
N LYS E 40 -2.22 48.52 -24.93
CA LYS E 40 -1.39 47.91 -23.92
C LYS E 40 -2.08 47.97 -22.56
N PHE E 41 -2.07 46.84 -21.86
CA PHE E 41 -2.59 46.79 -20.50
C PHE E 41 -1.50 46.25 -19.58
N SER E 42 -1.50 46.73 -18.35
CA SER E 42 -0.48 46.36 -17.39
C SER E 42 -1.06 46.39 -16.00
N LEU E 43 -0.44 45.65 -15.10
CA LEU E 43 -0.84 45.62 -13.69
C LEU E 43 0.43 45.63 -12.85
N LYS E 44 0.53 46.59 -11.95
CA LYS E 44 1.66 46.69 -11.04
C LYS E 44 1.19 46.48 -9.60
N ALA E 45 2.00 45.77 -8.83
CA ALA E 45 1.73 45.53 -7.43
C ALA E 45 2.98 45.80 -6.63
N LYS E 46 2.92 46.74 -5.71
CA LYS E 46 4.05 47.12 -4.88
C LYS E 46 3.64 47.08 -3.42
N GLN E 47 4.62 46.83 -2.55
CA GLN E 47 4.40 46.77 -1.11
C GLN E 47 5.35 47.75 -0.44
N PRO E 48 4.86 48.89 0.05
CA PRO E 48 5.77 49.87 0.65
C PRO E 48 6.43 49.37 1.93
N VAL E 49 5.64 48.86 2.86
CA VAL E 49 6.14 48.39 4.14
C VAL E 49 5.85 46.90 4.25
N LYS E 50 6.86 46.13 4.68
CA LYS E 50 6.77 44.68 4.65
C LYS E 50 5.69 44.12 5.57
N ASP E 51 5.30 44.86 6.62
CA ASP E 51 4.25 44.42 7.52
C ASP E 51 2.90 45.07 7.20
N GLY E 52 2.76 45.69 6.04
CA GLY E 52 1.55 46.38 5.68
C GLY E 52 0.83 45.72 4.53
N PRO E 53 -0.15 46.42 3.97
CA PRO E 53 -0.93 45.86 2.86
C PRO E 53 -0.15 45.89 1.55
N LEU E 54 -0.79 45.46 0.47
CA LEU E 54 -0.15 45.44 -0.83
C LEU E 54 -0.95 46.31 -1.78
N SER E 55 -0.33 47.38 -2.29
CA SER E 55 -0.98 48.28 -3.21
C SER E 55 -0.88 47.76 -4.63
N THR E 56 -1.93 47.99 -5.42
CA THR E 56 -2.00 47.46 -6.77
C THR E 56 -2.71 48.47 -7.65
N ASN E 57 -2.17 48.69 -8.85
CA ASN E 57 -2.82 49.53 -9.84
C ASN E 57 -2.85 48.82 -11.19
N VAL E 58 -3.89 49.14 -11.98
CA VAL E 58 -4.10 48.57 -13.30
C VAL E 58 -4.17 49.72 -14.28
N GLU E 59 -3.39 49.62 -15.36
CA GLU E 59 -3.27 50.69 -16.35
C GLU E 59 -3.65 50.14 -17.72
N ALA E 60 -4.38 50.93 -18.50
CA ALA E 60 -4.77 50.58 -19.87
C ALA E 60 -4.49 51.82 -20.72
N LYS E 61 -3.45 51.74 -21.54
CA LYS E 61 -3.01 52.86 -22.37
C LYS E 61 -2.95 52.42 -23.83
N LEU E 62 -3.37 53.30 -24.73
CA LEU E 62 -3.29 53.01 -26.16
C LEU E 62 -2.69 54.18 -26.93
N ASN E 63 -1.97 53.85 -28.00
CA ASN E 63 -1.34 54.82 -28.88
C ASN E 63 -1.46 54.35 -30.31
N ASP E 64 -1.42 55.30 -31.25
CA ASP E 64 -1.57 54.96 -32.65
C ASP E 64 -0.65 55.84 -33.48
N LYS E 65 -0.23 55.31 -34.62
CA LYS E 65 0.58 56.04 -35.60
C LYS E 65 -0.25 56.97 -36.46
N GLN E 66 -1.51 57.13 -36.13
CA GLN E 66 -2.42 58.03 -36.81
C GLN E 66 -2.25 59.41 -36.18
N THR E 67 -3.20 60.33 -36.38
CA THR E 67 -2.89 61.74 -36.10
C THR E 67 -2.37 61.98 -34.70
N GLY E 68 -2.62 61.09 -33.73
CA GLY E 68 -1.99 61.28 -32.43
C GLY E 68 -2.90 61.29 -31.22
N LEU E 69 -4.11 60.76 -31.42
CA LEU E 69 -5.02 60.52 -30.31
C LEU E 69 -4.45 59.44 -29.39
N GLY E 70 -4.63 59.66 -28.09
CA GLY E 70 -4.16 58.69 -27.12
C GLY E 70 -5.00 58.77 -25.86
N LEU E 71 -5.11 57.61 -25.20
CA LEU E 71 -5.96 57.52 -24.02
C LEU E 71 -5.31 56.56 -23.03
N THR E 72 -5.23 56.99 -21.78
CA THR E 72 -4.72 56.18 -20.68
C THR E 72 -5.78 56.19 -19.57
N GLN E 73 -5.98 55.03 -18.95
CA GLN E 73 -6.92 54.90 -17.83
C GLN E 73 -6.28 54.04 -16.77
N GLY E 74 -6.16 54.57 -15.56
CA GLY E 74 -5.57 53.85 -14.44
C GLY E 74 -6.54 53.72 -13.29
N TRP E 75 -6.38 52.66 -12.51
CA TRP E 75 -7.27 52.41 -11.38
C TRP E 75 -6.50 51.63 -10.33
N SER E 76 -6.45 52.15 -9.11
CA SER E 76 -5.61 51.59 -8.07
C SER E 76 -6.43 51.32 -6.81
N ASN E 77 -5.77 50.87 -5.75
CA ASN E 77 -6.44 50.65 -4.48
C ASN E 77 -6.84 51.97 -3.83
N THR E 78 -6.02 53.01 -3.96
CA THR E 78 -6.39 54.33 -3.47
C THR E 78 -7.46 55.00 -4.33
N ASN E 79 -7.98 54.29 -5.35
CA ASN E 79 -9.17 54.69 -6.07
C ASN E 79 -9.00 56.04 -6.78
N ASN E 80 -8.03 56.12 -7.69
CA ASN E 80 -7.87 57.33 -8.49
C ASN E 80 -7.89 56.95 -9.96
N LEU E 81 -8.83 57.54 -10.69
CA LEU E 81 -8.98 57.30 -12.12
C LEU E 81 -8.04 58.26 -12.86
N GLN E 82 -6.75 57.94 -12.83
CA GLN E 82 -5.74 58.75 -13.50
C GLN E 82 -5.84 58.52 -15.00
N THR E 83 -6.18 59.57 -15.75
CA THR E 83 -6.32 59.47 -17.19
C THR E 83 -5.35 60.41 -17.89
N LYS E 84 -5.00 60.04 -19.12
CA LYS E 84 -4.15 60.87 -19.96
C LYS E 84 -4.79 60.95 -21.33
N LEU E 85 -4.91 62.17 -21.86
CA LEU E 85 -5.49 62.42 -23.17
C LEU E 85 -4.47 63.19 -24.00
N GLU E 86 -4.09 62.62 -25.14
CA GLU E 86 -3.07 63.20 -26.01
C GLU E 86 -3.63 63.43 -27.40
N PHE E 87 -3.39 64.61 -27.95
CA PHE E 87 -3.83 64.93 -29.30
C PHE E 87 -3.10 66.18 -29.79
N ALA E 88 -2.86 66.20 -31.11
CA ALA E 88 -2.32 67.37 -31.79
C ALA E 88 -3.27 67.83 -32.89
N ASN E 89 -3.72 66.88 -33.71
CA ASN E 89 -4.63 67.11 -34.83
C ASN E 89 -4.08 68.13 -35.82
N LEU E 90 -4.50 69.39 -35.69
CA LEU E 90 -4.14 70.42 -36.67
C LEU E 90 -2.64 70.67 -36.74
N THR E 91 -2.05 71.14 -35.66
CA THR E 91 -0.65 71.54 -35.67
C THR E 91 0.25 70.35 -35.36
N PRO E 92 1.16 69.97 -36.26
CA PRO E 92 2.13 68.93 -35.92
C PRO E 92 3.09 69.42 -34.85
N GLY E 93 3.52 68.48 -34.00
CA GLY E 93 4.44 68.78 -32.92
C GLY E 93 3.80 69.37 -31.69
N LEU E 94 2.69 70.09 -31.84
CA LEU E 94 2.02 70.73 -30.72
C LEU E 94 1.03 69.75 -30.10
N LYS E 95 1.48 69.06 -29.05
CA LYS E 95 0.63 68.13 -28.30
C LYS E 95 -0.08 68.88 -27.19
N ASN E 96 -1.29 68.40 -26.85
CA ASN E 96 -2.08 68.97 -25.76
C ASN E 96 -2.44 67.83 -24.81
N GLU E 97 -1.66 67.68 -23.75
CA GLU E 97 -1.91 66.60 -22.81
C GLU E 97 -2.71 67.11 -21.60
N LEU E 98 -3.36 66.18 -20.92
CA LEU E 98 -4.13 66.53 -19.74
C LEU E 98 -4.22 65.31 -18.83
N ILE E 99 -4.12 65.57 -17.53
CA ILE E 99 -4.13 64.51 -16.52
C ILE E 99 -5.14 64.86 -15.44
N THR E 100 -5.93 63.87 -15.04
CA THR E 100 -6.92 64.03 -13.97
C THR E 100 -6.70 62.97 -12.91
N SER E 101 -7.37 63.16 -11.77
CA SER E 101 -7.39 62.16 -10.71
C SER E 101 -8.72 62.20 -9.97
N LEU E 102 -9.66 61.35 -10.36
CA LEU E 102 -10.97 61.33 -9.73
C LEU E 102 -10.92 60.49 -8.47
N THR E 103 -11.27 61.09 -7.34
CA THR E 103 -11.26 60.40 -6.06
C THR E 103 -12.46 60.89 -5.25
N PRO E 104 -13.31 59.99 -4.76
CA PRO E 104 -14.45 60.45 -3.95
C PRO E 104 -14.04 61.21 -2.70
N GLY E 105 -12.96 60.79 -2.05
CA GLY E 105 -12.51 61.45 -0.83
C GLY E 105 -11.59 62.63 -1.08
N VAL E 106 -10.49 62.40 -1.78
CA VAL E 106 -9.52 63.46 -2.03
C VAL E 106 -9.99 64.27 -3.23
N ALA E 107 -9.85 65.59 -3.13
CA ALA E 107 -10.30 66.49 -4.20
C ALA E 107 -9.56 66.19 -5.49
N LYS E 108 -10.29 66.23 -6.60
CA LYS E 108 -9.73 65.97 -7.91
C LYS E 108 -8.74 67.07 -8.30
N SER E 109 -7.79 66.71 -9.15
CA SER E 109 -6.80 67.66 -9.63
C SER E 109 -6.60 67.43 -11.12
N ALA E 110 -6.92 68.44 -11.93
CA ALA E 110 -6.80 68.38 -13.37
C ALA E 110 -5.71 69.34 -13.82
N VAL E 111 -4.75 68.83 -14.59
CA VAL E 111 -3.62 69.61 -15.07
C VAL E 111 -3.60 69.54 -16.59
N LEU E 112 -3.48 70.71 -17.22
CA LEU E 112 -3.41 70.84 -18.67
C LEU E 112 -1.99 71.21 -19.07
N ASN E 113 -1.34 70.36 -19.85
CA ASN E 113 0.02 70.57 -20.30
C ASN E 113 0.03 70.88 -21.79
N THR E 114 0.72 71.94 -22.18
CA THR E 114 0.87 72.31 -23.57
C THR E 114 2.35 72.46 -23.88
N THR E 115 2.83 71.74 -24.89
CA THR E 115 4.22 71.77 -25.28
C THR E 115 4.30 72.00 -26.78
N PHE E 116 5.05 73.02 -27.18
CA PHE E 116 5.26 73.34 -28.60
C PHE E 116 6.69 72.94 -28.94
N THR E 117 6.83 72.13 -29.99
CA THR E 117 8.15 71.65 -30.41
C THR E 117 8.55 72.33 -31.71
N GLN E 118 9.73 72.96 -31.70
CA GLN E 118 10.29 73.58 -32.90
C GLN E 118 11.80 73.64 -32.73
N PRO E 119 12.57 73.50 -33.80
CA PRO E 119 14.01 73.40 -33.66
C PRO E 119 14.59 74.60 -32.90
N PHE E 120 15.50 74.30 -31.98
CA PHE E 120 16.21 75.26 -31.16
C PHE E 120 15.29 75.98 -30.17
N PHE E 121 14.03 75.56 -30.02
CA PHE E 121 13.13 76.22 -29.07
C PHE E 121 12.16 75.18 -28.53
N THR E 122 12.24 74.89 -27.23
CA THR E 122 11.30 73.97 -26.59
C THR E 122 10.74 74.64 -25.34
N ALA E 123 9.44 74.90 -25.33
CA ALA E 123 8.78 75.54 -24.21
C ALA E 123 7.57 74.72 -23.79
N ARG E 124 7.21 74.84 -22.52
CA ARG E 124 6.10 74.09 -21.96
C ARG E 124 5.33 74.97 -20.98
N GLY E 125 4.01 74.82 -20.97
CA GLY E 125 3.16 75.51 -20.02
C GLY E 125 2.16 74.56 -19.38
N ALA E 126 2.11 74.56 -18.05
CA ALA E 126 1.19 73.74 -17.30
C ALA E 126 0.22 74.62 -16.52
N PHE E 127 -1.07 74.37 -16.72
CA PHE E 127 -2.15 75.11 -16.08
C PHE E 127 -2.57 74.40 -14.80
N ASP E 128 -3.67 74.88 -14.21
CA ASP E 128 -4.25 74.25 -13.02
C ASP E 128 -5.74 74.51 -13.03
N LEU E 129 -6.54 73.46 -12.80
CA LEU E 129 -7.98 73.61 -12.81
C LEU E 129 -8.59 73.05 -11.52
N CYS E 130 -9.92 72.93 -11.49
CA CYS E 130 -10.65 72.40 -10.36
C CYS E 130 -10.51 73.26 -9.12
N LEU E 131 -9.51 72.97 -8.28
CA LEU E 131 -9.31 73.69 -7.05
C LEU E 131 -9.05 75.17 -7.33
N LYS E 132 -9.52 76.02 -6.40
CA LYS E 132 -9.44 77.47 -6.56
C LYS E 132 -8.07 78.03 -6.19
N SER E 133 -7.00 77.47 -6.72
CA SER E 133 -5.64 77.99 -6.56
C SER E 133 -4.94 77.88 -7.90
N PRO E 134 -5.36 78.70 -8.89
CA PRO E 134 -4.81 78.54 -10.24
C PRO E 134 -3.34 78.97 -10.30
N THR E 135 -2.52 78.10 -10.86
CA THR E 135 -1.09 78.35 -11.04
C THR E 135 -0.73 78.18 -12.52
N PHE E 136 0.48 78.63 -12.85
CA PHE E 136 1.00 78.45 -14.20
C PHE E 136 2.48 78.12 -14.09
N VAL E 137 2.85 76.90 -14.47
CA VAL E 137 4.24 76.46 -14.43
C VAL E 137 4.74 76.52 -15.86
N GLY E 138 5.54 77.54 -16.17
CA GLY E 138 6.09 77.72 -17.49
C GLY E 138 7.57 77.41 -17.49
N ASP E 139 8.08 76.97 -18.63
CA ASP E 139 9.52 76.74 -18.75
C ASP E 139 9.92 76.90 -20.21
N LEU E 140 11.14 77.39 -20.40
CA LEU E 140 11.69 77.68 -21.71
C LEU E 140 13.06 77.01 -21.81
N THR E 141 13.41 76.58 -23.03
CA THR E 141 14.63 75.82 -23.28
C THR E 141 15.16 76.17 -24.65
N MET E 142 16.43 76.57 -24.70
CA MET E 142 17.12 76.90 -25.94
C MET E 142 18.34 76.00 -26.11
N ALA E 143 18.64 75.69 -27.37
CA ALA E 143 19.78 74.86 -27.72
C ALA E 143 20.64 75.61 -28.72
N HIS E 144 21.92 75.79 -28.40
CA HIS E 144 22.87 76.53 -29.24
C HIS E 144 24.16 75.70 -29.32
N GLU E 145 24.30 74.93 -30.40
CA GLU E 145 25.51 74.16 -30.68
C GLU E 145 25.88 73.27 -29.49
N GLY E 146 24.88 72.60 -28.92
CA GLY E 146 25.08 71.72 -27.79
C GLY E 146 24.92 72.38 -26.43
N ILE E 147 24.94 73.71 -26.38
CA ILE E 147 24.71 74.41 -25.12
C ILE E 147 23.20 74.49 -24.88
N VAL E 148 22.73 73.86 -23.81
CA VAL E 148 21.30 73.78 -23.53
C VAL E 148 20.99 74.63 -22.30
N GLY E 149 20.21 75.68 -22.48
CA GLY E 149 19.73 76.49 -21.39
C GLY E 149 18.38 76.03 -20.90
N GLY E 150 17.92 76.65 -19.83
CA GLY E 150 16.59 76.35 -19.34
C GLY E 150 16.15 77.23 -18.19
N ALA E 151 14.90 77.68 -18.24
CA ALA E 151 14.38 78.57 -17.20
C ALA E 151 12.96 78.11 -16.86
N GLU E 152 12.73 77.84 -15.58
CA GLU E 152 11.42 77.45 -15.08
C GLU E 152 10.90 78.47 -14.10
N PHE E 153 9.65 78.89 -14.32
CA PHE E 153 9.00 79.86 -13.46
C PHE E 153 7.62 79.37 -13.07
N GLY E 154 7.26 79.60 -11.82
CA GLY E 154 5.91 79.29 -11.35
C GLY E 154 5.18 80.55 -10.93
N TYR E 155 4.17 80.94 -11.71
CA TYR E 155 3.42 82.16 -11.42
C TYR E 155 2.05 81.79 -10.87
N ASP E 156 1.72 82.33 -9.70
CA ASP E 156 0.43 82.10 -9.07
C ASP E 156 -0.56 83.16 -9.54
N ILE E 157 -1.69 82.72 -10.09
CA ILE E 157 -2.72 83.66 -10.49
C ILE E 157 -3.39 84.28 -9.27
N SER E 158 -3.68 83.46 -8.26
CA SER E 158 -4.34 83.98 -7.05
C SER E 158 -3.45 84.96 -6.30
N ALA E 159 -2.16 84.66 -6.16
CA ALA E 159 -1.25 85.55 -5.45
C ALA E 159 -0.79 86.69 -6.34
N GLY E 160 -0.16 86.36 -7.47
CA GLY E 160 0.32 87.37 -8.39
C GLY E 160 1.82 87.57 -8.32
N SER E 161 2.54 86.52 -7.91
CA SER E 161 3.99 86.60 -7.74
C SER E 161 4.59 85.32 -8.31
N ILE E 162 5.89 85.14 -8.08
CA ILE E 162 6.63 83.98 -8.55
C ILE E 162 7.03 83.15 -7.34
N SER E 163 6.64 81.87 -7.34
CA SER E 163 6.95 80.98 -6.22
C SER E 163 8.24 80.21 -6.44
N ARG E 164 8.45 79.66 -7.64
CA ARG E 164 9.64 78.89 -7.96
C ARG E 164 10.32 79.50 -9.18
N TYR E 165 11.63 79.71 -9.07
CA TYR E 165 12.43 80.33 -10.13
C TYR E 165 13.72 79.50 -10.25
N ALA E 166 13.78 78.64 -11.27
CA ALA E 166 14.89 77.73 -11.44
C ALA E 166 15.59 77.99 -12.78
N MET E 167 16.92 77.87 -12.75
CA MET E 167 17.71 78.12 -13.96
C MET E 167 18.69 76.97 -14.12
N ALA E 168 18.73 76.38 -15.31
CA ALA E 168 19.60 75.26 -15.61
C ALA E 168 20.40 75.51 -16.88
N LEU E 169 21.60 74.93 -16.92
CA LEU E 169 22.48 75.10 -18.07
C LEU E 169 23.36 73.87 -18.17
N SER E 170 23.42 73.27 -19.35
CA SER E 170 24.20 72.05 -19.57
C SER E 170 24.87 72.11 -20.95
N TYR E 171 25.73 71.13 -21.20
CA TYR E 171 26.41 71.02 -22.50
C TYR E 171 26.44 69.55 -22.88
N PHE E 172 25.54 69.16 -23.78
CA PHE E 172 25.51 67.79 -24.27
C PHE E 172 26.59 67.57 -25.32
N ALA E 173 27.06 66.32 -25.41
CA ALA E 173 28.04 65.94 -26.41
C ALA E 173 27.86 64.49 -26.82
N LYS E 174 28.86 63.94 -27.51
CA LYS E 174 28.76 62.57 -28.02
C LYS E 174 28.69 61.55 -26.90
N ASP E 175 29.62 61.62 -25.95
CA ASP E 175 29.69 60.65 -24.86
C ASP E 175 30.06 61.31 -23.53
N TYR E 176 29.70 62.58 -23.36
CA TYR E 176 29.91 63.27 -22.10
C TYR E 176 28.96 64.45 -22.02
N SER E 177 28.55 64.79 -20.80
CA SER E 177 27.62 65.90 -20.61
C SER E 177 27.73 66.40 -19.18
N LEU E 178 27.85 67.71 -19.01
CA LEU E 178 27.92 68.35 -17.71
C LEU E 178 26.78 69.35 -17.60
N GLY E 179 26.07 69.33 -16.47
CA GLY E 179 24.97 70.23 -16.25
C GLY E 179 25.07 70.88 -14.89
N ALA E 180 24.31 71.97 -14.73
CA ALA E 180 24.29 72.71 -13.47
C ALA E 180 22.97 73.45 -13.37
N THR E 181 22.30 73.31 -12.23
CA THR E 181 21.02 73.95 -12.00
C THR E 181 21.01 74.65 -10.66
N LEU E 182 20.22 75.73 -10.59
CA LEU E 182 20.05 76.52 -9.39
C LEU E 182 18.56 76.76 -9.18
N ASN E 183 18.05 76.32 -8.04
CA ASN E 183 16.64 76.45 -7.68
C ASN E 183 16.53 77.44 -6.53
N ASN E 184 15.73 78.49 -6.74
CA ASN E 184 15.45 79.52 -5.75
C ASN E 184 16.72 80.16 -5.19
N GLU E 185 17.81 80.12 -5.95
CA GLU E 185 19.10 80.69 -5.53
C GLU E 185 19.57 80.08 -4.20
N GLN E 186 19.08 78.88 -3.89
CA GLN E 186 19.40 78.25 -2.62
C GLN E 186 19.75 76.79 -2.79
N ILE E 187 19.43 76.22 -3.94
CA ILE E 187 19.68 74.81 -4.22
C ILE E 187 20.56 74.73 -5.45
N THR E 188 21.84 74.42 -5.26
CA THR E 188 22.80 74.32 -6.35
C THR E 188 23.12 72.85 -6.59
N THR E 189 22.97 72.39 -7.83
CA THR E 189 23.24 71.01 -8.19
C THR E 189 24.12 70.99 -9.42
N VAL E 190 25.18 70.18 -9.38
CA VAL E 190 26.10 70.01 -10.51
C VAL E 190 26.13 68.53 -10.88
N ASP E 191 25.95 68.24 -12.16
CA ASP E 191 25.91 66.88 -12.68
C ASP E 191 27.10 66.63 -13.58
N PHE E 192 27.67 65.42 -13.46
CA PHE E 192 28.86 65.04 -14.23
C PHE E 192 28.64 63.61 -14.72
N PHE E 193 28.17 63.47 -15.95
CA PHE E 193 27.94 62.17 -16.57
C PHE E 193 29.06 61.92 -17.57
N GLN E 194 29.72 60.78 -17.44
CA GLN E 194 30.77 60.38 -18.37
C GLN E 194 30.49 58.95 -18.82
N ASN E 195 30.22 58.79 -20.11
CA ASN E 195 29.96 57.49 -20.69
C ASN E 195 31.29 56.88 -21.15
N VAL E 196 31.64 55.73 -20.57
CA VAL E 196 32.89 55.07 -20.92
C VAL E 196 32.73 54.37 -22.26
N ASN E 197 31.79 53.43 -22.34
CA ASN E 197 31.53 52.69 -23.55
C ASN E 197 30.14 52.05 -23.43
N ALA E 198 29.84 51.11 -24.33
CA ALA E 198 28.56 50.42 -24.30
C ALA E 198 28.45 49.42 -23.16
N PHE E 199 29.54 49.14 -22.46
CA PHE E 199 29.54 48.14 -21.41
C PHE E 199 29.78 48.71 -20.01
N LEU E 200 29.76 50.03 -19.86
CA LEU E 200 30.04 50.64 -18.57
C LEU E 200 29.60 52.09 -18.61
N GLN E 201 28.89 52.53 -17.56
CA GLN E 201 28.47 53.91 -17.42
C GLN E 201 28.83 54.39 -16.02
N VAL E 202 29.34 55.62 -15.93
CA VAL E 202 29.70 56.23 -14.66
C VAL E 202 29.11 57.63 -14.61
N GLY E 203 28.63 58.04 -13.44
CA GLY E 203 28.08 59.36 -13.27
C GLY E 203 28.26 59.83 -11.85
N ALA E 204 28.19 61.14 -11.68
CA ALA E 204 28.31 61.76 -10.36
C ALA E 204 27.41 62.97 -10.29
N LYS E 205 26.81 63.18 -9.12
CA LYS E 205 25.93 64.32 -8.89
C LYS E 205 26.21 64.91 -7.53
N ALA E 206 26.48 66.21 -7.48
CA ALA E 206 26.76 66.90 -6.23
C ALA E 206 25.74 68.00 -6.01
N THR E 207 25.41 68.26 -4.74
CA THR E 207 24.54 69.38 -4.40
C THR E 207 25.28 70.27 -3.41
N MET E 208 25.85 71.36 -3.91
CA MET E 208 26.60 72.28 -3.07
C MET E 208 25.70 72.96 -2.04
N ASN E 209 24.49 73.33 -2.43
CA ASN E 209 23.51 73.94 -1.53
C ASN E 209 24.07 75.21 -0.90
N CYS E 210 24.30 76.24 -1.71
CA CYS E 210 24.93 77.47 -1.26
C CYS E 210 24.04 78.13 -0.20
N LYS E 211 24.48 78.04 1.06
CA LYS E 211 23.75 78.64 2.17
C LYS E 211 24.72 78.76 3.34
N LEU E 212 24.98 80.01 3.76
CA LEU E 212 25.97 80.27 4.81
C LEU E 212 25.68 79.58 6.14
N PRO E 213 24.43 79.51 6.63
CA PRO E 213 24.22 78.85 7.93
C PRO E 213 24.63 77.39 7.94
N ASN E 214 24.20 76.62 6.94
CA ASN E 214 24.57 75.22 6.82
C ASN E 214 24.98 74.96 5.37
N SER E 215 26.24 74.57 5.17
CA SER E 215 26.78 74.34 3.84
C SER E 215 27.03 72.86 3.57
N ASN E 216 27.78 72.19 4.45
CA ASN E 216 28.13 70.77 4.39
C ASN E 216 28.52 70.35 2.98
N VAL E 217 28.20 69.11 2.61
CA VAL E 217 28.48 68.60 1.27
C VAL E 217 27.71 67.30 1.10
N ASN E 218 27.19 67.08 -0.11
CA ASN E 218 26.64 65.77 -0.46
C ASN E 218 26.92 65.49 -1.95
N ILE E 219 27.52 64.34 -2.20
CA ILE E 219 27.90 63.89 -3.53
C ILE E 219 27.48 62.43 -3.67
N GLU E 220 27.19 62.02 -4.90
CA GLU E 220 26.80 60.65 -5.19
C GLU E 220 27.51 60.18 -6.45
N PHE E 221 28.14 59.00 -6.35
CA PHE E 221 28.81 58.38 -7.49
C PHE E 221 28.01 57.11 -7.82
N ALA E 222 27.50 57.05 -9.05
CA ALA E 222 26.68 55.92 -9.50
C ALA E 222 27.34 55.26 -10.69
N THR E 223 27.55 53.95 -10.60
CA THR E 223 28.11 53.17 -11.69
C THR E 223 27.05 52.22 -12.23
N ARG E 224 27.30 51.73 -13.43
CA ARG E 224 26.41 50.76 -14.08
C ARG E 224 27.25 49.86 -14.96
N TYR E 225 27.30 48.58 -14.61
CA TYR E 225 28.08 47.58 -15.33
C TYR E 225 27.12 46.65 -16.05
N LEU E 226 27.41 46.39 -17.32
CA LEU E 226 26.53 45.58 -18.17
C LEU E 226 27.31 44.38 -18.67
N PRO E 227 27.26 43.25 -17.97
CA PRO E 227 28.04 42.07 -18.39
C PRO E 227 27.68 41.58 -19.79
N ASP E 228 26.38 41.56 -20.11
CA ASP E 228 25.92 41.11 -21.41
C ASP E 228 24.48 41.59 -21.58
N ALA E 229 23.83 41.13 -22.65
CA ALA E 229 22.49 41.60 -22.97
C ALA E 229 21.49 41.20 -21.88
N SER E 230 21.67 40.02 -21.29
CA SER E 230 20.72 39.46 -20.33
C SER E 230 21.15 39.68 -18.88
N SER E 231 21.85 40.77 -18.58
CA SER E 231 22.26 41.04 -17.21
C SER E 231 22.46 42.53 -17.02
N GLN E 232 22.51 42.95 -15.77
CA GLN E 232 22.82 44.32 -15.41
C GLN E 232 23.13 44.38 -13.92
N VAL E 233 24.15 45.14 -13.54
CA VAL E 233 24.45 45.33 -12.12
C VAL E 233 24.91 46.75 -11.91
N LYS E 234 24.25 47.47 -11.01
CA LYS E 234 24.63 48.86 -10.86
C LYS E 234 24.44 49.30 -9.41
N ALA E 235 25.33 50.17 -8.96
CA ALA E 235 25.39 50.56 -7.57
C ALA E 235 25.61 52.07 -7.48
N LYS E 236 25.24 52.64 -6.34
CA LYS E 236 25.55 54.03 -6.05
C LYS E 236 26.14 54.11 -4.65
N VAL E 237 26.99 55.11 -4.46
CA VAL E 237 27.60 55.38 -3.16
C VAL E 237 27.57 56.88 -2.90
N SER E 238 27.13 57.26 -1.70
CA SER E 238 27.08 58.64 -1.28
C SER E 238 27.96 58.83 -0.05
N ASP E 239 28.30 60.09 0.22
CA ASP E 239 29.16 60.41 1.35
C ASP E 239 28.47 60.25 2.70
N SER E 240 27.16 60.06 2.72
CA SER E 240 26.41 59.90 3.95
C SER E 240 26.44 58.47 4.47
N GLY E 241 27.38 57.65 4.01
CA GLY E 241 27.45 56.26 4.44
C GLY E 241 26.40 55.37 3.83
N ILE E 242 25.70 55.84 2.81
CA ILE E 242 24.64 55.07 2.16
C ILE E 242 25.21 54.56 0.85
N VAL E 243 25.31 53.24 0.73
CA VAL E 243 25.73 52.58 -0.50
C VAL E 243 24.65 51.57 -0.84
N THR E 244 24.20 51.56 -2.09
CA THR E 244 23.15 50.66 -2.53
C THR E 244 23.57 49.93 -3.80
N LEU E 245 23.18 48.66 -3.90
CA LEU E 245 23.49 47.81 -5.04
C LEU E 245 22.19 47.25 -5.61
N ALA E 246 22.20 46.99 -6.92
CA ALA E 246 21.04 46.43 -7.58
C ALA E 246 21.50 45.51 -8.70
N TYR E 247 20.78 44.40 -8.88
CA TYR E 247 21.13 43.38 -9.85
C TYR E 247 19.86 43.04 -10.62
N LYS E 248 19.95 43.02 -11.95
CA LYS E 248 18.83 42.73 -12.83
C LYS E 248 19.22 41.59 -13.76
N GLN E 249 18.36 40.58 -13.85
CA GLN E 249 18.62 39.38 -14.62
C GLN E 249 17.42 39.05 -15.48
N LEU E 250 17.66 38.40 -16.61
CA LEU E 250 16.61 38.01 -17.55
C LEU E 250 16.55 36.48 -17.56
N LEU E 251 15.64 35.92 -16.76
CA LEU E 251 15.60 34.48 -16.53
C LEU E 251 15.09 33.71 -17.74
N ARG E 252 13.83 33.94 -18.09
CA ARG E 252 13.29 33.42 -19.33
C ARG E 252 13.01 34.58 -20.25
N PRO E 253 13.00 34.37 -21.56
CA PRO E 253 12.87 35.52 -22.46
C PRO E 253 11.49 36.15 -22.34
N GLY E 254 11.44 37.30 -21.68
CA GLY E 254 10.18 37.96 -21.40
C GLY E 254 9.99 38.33 -19.94
N VAL E 255 10.70 37.67 -19.03
CA VAL E 255 10.53 37.88 -17.60
C VAL E 255 11.87 38.27 -17.00
N THR E 256 11.87 39.32 -16.18
CA THR E 256 13.07 39.83 -15.53
C THR E 256 12.93 39.75 -14.01
N LEU E 257 14.08 39.74 -13.34
CA LEU E 257 14.12 39.64 -11.88
C LEU E 257 15.14 40.64 -11.37
N GLY E 258 14.75 41.39 -10.34
CA GLY E 258 15.64 42.36 -9.75
C GLY E 258 15.81 42.18 -8.26
N VAL E 259 17.04 42.34 -7.78
CA VAL E 259 17.36 42.24 -6.36
C VAL E 259 18.08 43.52 -5.95
N GLY E 260 17.63 44.15 -4.89
CA GLY E 260 18.25 45.37 -4.38
C GLY E 260 18.74 45.17 -2.97
N SER E 261 19.80 45.90 -2.61
CA SER E 261 20.36 45.82 -1.28
C SER E 261 21.00 47.16 -0.92
N SER E 262 21.19 47.38 0.38
CA SER E 262 21.82 48.60 0.84
C SER E 262 22.66 48.28 2.07
N PHE E 263 23.89 48.78 2.09
CA PHE E 263 24.80 48.62 3.21
C PHE E 263 24.96 49.95 3.93
N ASP E 264 25.86 49.98 4.91
CA ASP E 264 26.14 51.20 5.65
C ASP E 264 27.59 51.14 6.14
N ALA E 265 28.33 52.22 5.95
CA ALA E 265 29.73 52.29 6.37
C ALA E 265 29.90 53.02 7.70
N LEU E 266 29.32 54.21 7.83
CA LEU E 266 29.50 54.98 9.07
C LEU E 266 28.70 54.39 10.22
N LYS E 267 27.72 53.54 9.96
CA LYS E 267 26.92 52.91 10.99
C LYS E 267 27.09 51.40 11.05
N LEU E 268 27.11 50.73 9.90
CA LEU E 268 27.23 49.28 9.81
C LEU E 268 26.12 48.62 10.62
N SER E 269 26.47 48.09 11.79
CA SER E 269 25.55 47.41 12.70
C SER E 269 24.91 46.18 12.07
N GLU E 270 24.31 45.33 12.90
CA GLU E 270 23.62 44.15 12.37
C GLU E 270 22.20 44.45 11.90
N PRO E 271 21.31 45.10 12.73
CA PRO E 271 19.89 45.19 12.38
C PRO E 271 19.49 46.45 11.61
N VAL E 272 20.22 46.74 10.54
CA VAL E 272 19.80 47.79 9.61
C VAL E 272 20.12 47.36 8.18
N HIS E 273 19.10 46.90 7.46
CA HIS E 273 19.25 46.45 6.09
C HIS E 273 17.96 46.72 5.35
N LYS E 274 18.10 47.14 4.08
CA LYS E 274 16.96 47.33 3.19
C LYS E 274 17.24 46.53 1.93
N LEU E 275 16.49 45.45 1.74
CA LEU E 275 16.63 44.59 0.56
C LEU E 275 15.24 44.20 0.06
N GLY E 276 15.15 43.99 -1.25
CA GLY E 276 13.89 43.66 -1.87
C GLY E 276 14.02 43.08 -3.26
N TRP E 277 13.05 42.27 -3.65
CA TRP E 277 13.04 41.63 -4.95
C TRP E 277 11.92 42.18 -5.82
N SER E 278 11.99 41.87 -7.10
CA SER E 278 10.99 42.37 -8.04
C SER E 278 10.92 41.45 -9.26
N LEU E 279 9.70 41.01 -9.56
CA LEU E 279 9.43 40.23 -10.76
C LEU E 279 8.65 41.08 -11.75
N SER E 280 9.03 40.98 -13.02
CA SER E 280 8.38 41.73 -14.07
C SER E 280 8.24 40.85 -15.29
N PHE E 281 7.02 40.45 -15.60
CA PHE E 281 6.75 39.66 -16.80
C PHE E 281 6.53 40.58 -17.99
N ASP E 282 6.30 39.97 -19.15
CA ASP E 282 6.01 40.72 -20.37
C ASP E 282 5.48 39.75 -21.42
N ALA E 283 4.36 40.09 -22.04
CA ALA E 283 3.79 39.25 -23.08
C ALA E 283 4.34 39.63 -24.44
N SER F 2 -7.72 -75.83 -1.01
CA SER F 2 -7.34 -76.15 0.36
C SER F 2 -8.46 -75.77 1.33
N PRO F 3 -8.77 -76.67 2.25
CA PRO F 3 -9.84 -76.41 3.23
C PRO F 3 -9.50 -75.23 4.12
N PRO F 4 -10.50 -74.49 4.58
CA PRO F 4 -10.22 -73.33 5.45
C PRO F 4 -9.85 -73.78 6.86
N VAL F 5 -9.17 -72.87 7.55
CA VAL F 5 -8.78 -73.06 8.94
C VAL F 5 -10.02 -72.79 9.80
N TYR F 6 -10.04 -73.29 11.03
CA TYR F 6 -11.20 -73.09 11.90
C TYR F 6 -11.60 -71.62 12.02
N SER F 7 -10.63 -70.72 12.12
CA SER F 7 -10.95 -69.31 12.23
C SER F 7 -11.55 -68.73 10.95
N ASP F 8 -11.36 -69.39 9.81
CA ASP F 8 -11.81 -68.88 8.52
C ASP F 8 -13.08 -69.54 8.03
N ILE F 9 -13.67 -70.45 8.80
CA ILE F 9 -14.96 -71.01 8.40
C ILE F 9 -16.01 -69.93 8.53
N SER F 10 -16.83 -69.79 7.49
CA SER F 10 -17.86 -68.75 7.41
C SER F 10 -17.28 -67.38 7.70
N ARG F 11 -16.11 -67.12 7.11
CA ARG F 11 -15.51 -65.80 7.24
C ARG F 11 -16.29 -64.73 6.50
N ASN F 12 -17.07 -65.11 5.48
CA ASN F 12 -17.77 -64.12 4.67
C ASN F 12 -18.85 -63.41 5.46
N ILE F 13 -19.41 -64.03 6.49
CA ILE F 13 -20.47 -63.38 7.25
C ILE F 13 -19.91 -62.43 8.31
N ASN F 14 -18.94 -62.87 9.11
CA ASN F 14 -18.36 -61.96 10.09
C ASN F 14 -17.44 -60.92 9.45
N ASP F 15 -17.08 -61.11 8.18
CA ASP F 15 -16.36 -60.07 7.45
C ASP F 15 -17.27 -58.92 7.03
N LEU F 16 -18.58 -59.16 6.98
CA LEU F 16 -19.52 -58.12 6.60
C LEU F 16 -20.03 -57.31 7.78
N LEU F 17 -19.54 -57.57 8.99
CA LEU F 17 -19.91 -56.75 10.13
C LEU F 17 -18.75 -56.44 11.07
N ASN F 18 -17.52 -56.62 10.63
CA ASN F 18 -16.34 -56.14 11.35
C ASN F 18 -15.46 -55.21 10.53
N LYS F 19 -15.35 -55.43 9.23
CA LYS F 19 -14.44 -54.64 8.40
C LYS F 19 -15.19 -53.50 7.70
N ASP F 20 -14.45 -52.44 7.40
CA ASP F 20 -14.98 -51.25 6.73
C ASP F 20 -16.15 -50.65 7.49
N PHE F 21 -16.01 -50.62 8.81
CA PHE F 21 -16.99 -49.96 9.67
C PHE F 21 -16.25 -48.86 10.42
N TYR F 22 -16.70 -47.61 10.23
CA TYR F 22 -16.05 -46.45 10.82
C TYR F 22 -16.94 -45.74 11.82
N HIS F 23 -17.82 -46.48 12.51
CA HIS F 23 -18.71 -45.89 13.49
C HIS F 23 -18.16 -45.94 14.91
N ALA F 24 -17.05 -46.64 15.13
CA ALA F 24 -16.51 -46.81 16.47
C ALA F 24 -15.49 -45.76 16.85
N THR F 25 -14.58 -45.40 15.94
CA THR F 25 -13.53 -44.44 16.21
C THR F 25 -13.84 -43.14 15.48
N PRO F 26 -14.06 -42.03 16.19
CA PRO F 26 -14.36 -40.77 15.50
C PRO F 26 -13.27 -40.32 14.53
N ALA F 27 -12.01 -40.66 14.79
CA ALA F 27 -10.92 -40.30 13.89
C ALA F 27 -10.05 -41.52 13.65
N ALA F 28 -9.51 -41.60 12.44
CA ALA F 28 -8.60 -42.69 12.06
C ALA F 28 -7.63 -42.16 11.03
N PHE F 29 -6.36 -42.55 11.16
CA PHE F 29 -5.29 -42.03 10.31
C PHE F 29 -4.30 -43.17 10.06
N ASP F 30 -4.37 -43.78 8.90
CA ASP F 30 -3.53 -44.91 8.55
C ASP F 30 -2.61 -44.55 7.39
N VAL F 31 -1.34 -44.91 7.52
CA VAL F 31 -0.37 -44.70 6.45
C VAL F 31 0.37 -46.01 6.23
N GLN F 32 0.43 -46.46 4.98
CA GLN F 32 1.14 -47.67 4.61
C GLN F 32 2.15 -47.35 3.52
N THR F 33 3.32 -47.98 3.60
CA THR F 33 4.37 -47.73 2.63
C THR F 33 5.25 -48.96 2.51
N THR F 34 5.68 -49.24 1.29
CA THR F 34 6.61 -50.32 0.99
C THR F 34 7.94 -49.73 0.52
N THR F 35 8.94 -50.59 0.42
CA THR F 35 10.27 -50.18 -0.02
C THR F 35 10.66 -51.03 -1.22
N ALA F 36 11.91 -50.88 -1.66
CA ALA F 36 12.38 -51.59 -2.85
C ALA F 36 12.42 -53.10 -2.61
N ASN F 37 13.02 -53.52 -1.50
CA ASN F 37 13.14 -54.96 -1.24
C ASN F 37 11.87 -55.56 -0.64
N GLY F 38 10.91 -54.74 -0.22
CA GLY F 38 9.61 -55.23 0.18
C GLY F 38 9.28 -55.17 1.65
N ILE F 39 10.10 -54.54 2.48
CA ILE F 39 9.79 -54.44 3.90
C ILE F 39 8.68 -53.42 4.10
N LYS F 40 7.49 -53.90 4.45
CA LYS F 40 6.35 -53.03 4.62
C LYS F 40 6.40 -52.34 5.98
N PHE F 41 6.04 -51.06 6.00
CA PHE F 41 5.93 -50.30 7.24
C PHE F 41 4.62 -49.53 7.23
N SER F 42 4.02 -49.39 8.40
CA SER F 42 2.73 -48.73 8.51
C SER F 42 2.63 -48.02 9.84
N LEU F 43 1.74 -47.04 9.91
CA LEU F 43 1.46 -46.33 11.15
C LEU F 43 -0.05 -46.10 11.21
N LYS F 44 -0.66 -46.52 12.31
CA LYS F 44 -2.08 -46.30 12.54
C LYS F 44 -2.28 -45.38 13.73
N ALA F 45 -3.28 -44.51 13.62
CA ALA F 45 -3.61 -43.56 14.68
C ALA F 45 -5.12 -43.58 14.86
N LYS F 46 -5.57 -44.07 16.00
CA LYS F 46 -6.98 -44.15 16.33
C LYS F 46 -7.29 -43.30 17.55
N GLN F 47 -8.57 -43.04 17.75
CA GLN F 47 -9.02 -42.25 18.89
C GLN F 47 -10.30 -42.85 19.47
N PRO F 48 -10.19 -43.64 20.55
CA PRO F 48 -11.39 -44.28 21.10
C PRO F 48 -12.41 -43.29 21.63
N VAL F 49 -11.99 -42.40 22.51
CA VAL F 49 -12.90 -41.43 23.11
C VAL F 49 -12.76 -40.09 22.40
N LYS F 50 -13.90 -39.47 22.08
CA LYS F 50 -13.89 -38.25 21.27
C LYS F 50 -13.22 -37.08 21.96
N ASP F 51 -13.07 -37.11 23.27
CA ASP F 51 -12.46 -36.03 24.03
C ASP F 51 -11.34 -36.62 24.88
N GLY F 52 -10.49 -37.42 24.26
CA GLY F 52 -9.41 -38.07 24.96
C GLY F 52 -8.12 -38.07 24.16
N PRO F 53 -7.16 -38.88 24.60
CA PRO F 53 -5.87 -38.93 23.90
C PRO F 53 -6.00 -39.67 22.57
N LEU F 54 -4.94 -39.56 21.78
CA LEU F 54 -4.88 -40.16 20.45
C LEU F 54 -3.86 -41.29 20.50
N SER F 55 -4.33 -42.52 20.32
CA SER F 55 -3.44 -43.67 20.35
C SER F 55 -2.82 -43.90 18.98
N THR F 56 -1.57 -44.33 18.98
CA THR F 56 -0.83 -44.49 17.73
C THR F 56 0.11 -45.68 17.85
N ASN F 57 0.18 -46.49 16.80
CA ASN F 57 1.11 -47.61 16.75
C ASN F 57 1.83 -47.63 15.41
N VAL F 58 3.07 -48.11 15.43
CA VAL F 58 3.91 -48.23 14.24
C VAL F 58 4.29 -49.69 14.07
N GLU F 59 4.06 -50.22 12.89
CA GLU F 59 4.28 -51.63 12.61
C GLU F 59 5.28 -51.78 11.47
N ALA F 60 6.20 -52.72 11.62
CA ALA F 60 7.22 -53.03 10.61
C ALA F 60 7.12 -54.52 10.34
N LYS F 61 6.54 -54.88 9.20
CA LYS F 61 6.30 -56.27 8.84
C LYS F 61 7.03 -56.58 7.53
N LEU F 62 7.68 -57.73 7.47
CA LEU F 62 8.33 -58.15 6.23
C LEU F 62 8.01 -59.62 5.94
N ASN F 63 7.96 -59.93 4.65
CA ASN F 63 7.76 -61.29 4.16
C ASN F 63 8.75 -61.55 3.04
N ASP F 64 8.85 -62.81 2.64
CA ASP F 64 9.78 -63.17 1.58
C ASP F 64 9.29 -64.43 0.89
N LYS F 65 9.55 -64.52 -0.42
CA LYS F 65 9.20 -65.68 -1.22
C LYS F 65 10.21 -66.81 -1.08
N GLN F 66 11.05 -66.75 -0.04
CA GLN F 66 11.97 -67.84 0.30
C GLN F 66 11.22 -68.91 1.06
N THR F 67 11.97 -69.77 1.76
CA THR F 67 11.39 -70.89 2.51
C THR F 67 10.25 -70.45 3.44
N GLY F 68 10.17 -69.16 3.79
CA GLY F 68 9.04 -68.68 4.54
C GLY F 68 9.36 -67.90 5.79
N LEU F 69 10.58 -67.37 5.89
CA LEU F 69 10.95 -66.56 7.03
C LEU F 69 10.13 -65.26 7.05
N GLY F 70 9.80 -64.81 8.26
CA GLY F 70 9.04 -63.58 8.42
C GLY F 70 9.32 -62.95 9.75
N LEU F 71 8.95 -61.67 9.86
CA LEU F 71 9.19 -60.91 11.09
C LEU F 71 8.29 -59.68 11.10
N THR F 72 7.60 -59.49 12.22
CA THR F 72 6.73 -58.34 12.44
C THR F 72 7.06 -57.72 13.79
N GLN F 73 7.27 -56.42 13.81
CA GLN F 73 7.59 -55.68 15.03
C GLN F 73 6.63 -54.50 15.14
N GLY F 74 5.79 -54.50 16.17
CA GLY F 74 4.81 -53.45 16.39
C GLY F 74 5.07 -52.75 17.71
N TRP F 75 4.99 -51.42 17.69
CA TRP F 75 5.31 -50.60 18.85
C TRP F 75 4.24 -49.51 18.94
N SER F 76 3.45 -49.56 20.02
CA SER F 76 2.32 -48.66 20.16
C SER F 76 2.68 -47.51 21.11
N ASN F 77 1.72 -46.65 21.40
CA ASN F 77 1.93 -45.57 22.37
C ASN F 77 2.07 -46.12 23.78
N THR F 78 1.29 -47.15 24.12
CA THR F 78 1.28 -47.74 25.46
C THR F 78 2.38 -48.78 25.64
N ASN F 79 3.22 -48.99 24.64
CA ASN F 79 4.46 -49.76 24.77
C ASN F 79 4.19 -51.24 25.04
N ASN F 80 3.29 -51.82 24.26
CA ASN F 80 3.12 -53.28 24.23
C ASN F 80 3.75 -53.75 22.93
N LEU F 81 5.06 -53.93 22.95
CA LEU F 81 5.81 -54.37 21.76
C LEU F 81 5.33 -55.76 21.36
N GLN F 82 4.85 -55.90 20.14
CA GLN F 82 4.30 -57.15 19.64
C GLN F 82 5.23 -57.68 18.55
N THR F 83 5.77 -58.87 18.74
CA THR F 83 6.71 -59.46 17.80
C THR F 83 6.15 -60.76 17.26
N LYS F 84 6.35 -60.97 15.95
CA LYS F 84 5.89 -62.18 15.28
C LYS F 84 7.07 -62.88 14.63
N LEU F 85 6.90 -64.17 14.37
CA LEU F 85 7.97 -64.99 13.80
C LEU F 85 7.33 -66.15 13.06
N GLU F 86 7.43 -66.14 11.74
CA GLU F 86 6.85 -67.18 10.89
C GLU F 86 7.95 -67.89 10.12
N PHE F 87 7.95 -69.22 10.18
CA PHE F 87 8.91 -70.02 9.44
C PHE F 87 8.42 -71.46 9.35
N ALA F 88 8.79 -72.11 8.26
CA ALA F 88 8.53 -73.54 8.08
C ALA F 88 9.84 -74.31 7.88
N ASN F 89 10.70 -73.79 6.99
CA ASN F 89 11.99 -74.39 6.67
C ASN F 89 11.85 -75.82 6.17
N LEU F 90 12.03 -76.80 7.07
CA LEU F 90 12.06 -78.20 6.68
C LEU F 90 10.73 -78.65 6.08
N THR F 91 9.68 -78.63 6.88
CA THR F 91 8.40 -79.19 6.44
C THR F 91 7.58 -78.13 5.70
N PRO F 92 7.23 -78.36 4.43
CA PRO F 92 6.33 -77.42 3.76
C PRO F 92 4.93 -77.49 4.34
N GLY F 93 4.26 -76.34 4.38
CA GLY F 93 2.92 -76.23 4.89
C GLY F 93 2.82 -76.11 6.40
N LEU F 94 3.81 -76.63 7.13
CA LEU F 94 3.80 -76.57 8.59
C LEU F 94 4.51 -75.30 9.04
N LYS F 95 3.72 -74.26 9.31
CA LYS F 95 4.25 -72.99 9.78
C LYS F 95 4.29 -72.97 11.30
N ASN F 96 5.28 -72.26 11.85
CA ASN F 96 5.45 -72.11 13.30
C ASN F 96 5.41 -70.62 13.63
N GLU F 97 4.25 -70.14 14.05
CA GLU F 97 4.08 -68.74 14.39
C GLU F 97 4.16 -68.54 15.90
N LEU F 98 4.49 -67.32 16.30
CA LEU F 98 4.57 -67.00 17.71
C LEU F 98 4.36 -65.50 17.90
N ILE F 99 3.67 -65.15 18.97
CA ILE F 99 3.33 -63.75 19.26
C ILE F 99 3.69 -63.45 20.71
N THR F 100 4.33 -62.30 20.92
CA THR F 100 4.66 -61.83 22.25
C THR F 100 4.08 -60.43 22.46
N SER F 101 3.98 -60.04 23.73
CA SER F 101 3.58 -58.70 24.11
C SER F 101 4.49 -58.25 25.26
N LEU F 102 5.60 -57.61 24.91
CA LEU F 102 6.54 -57.13 25.90
C LEU F 102 6.11 -55.76 26.41
N THR F 103 5.98 -55.62 27.73
CA THR F 103 5.54 -54.37 28.32
C THR F 103 6.25 -54.20 29.65
N PRO F 104 6.83 -53.02 29.92
CA PRO F 104 7.46 -52.80 31.23
C PRO F 104 6.49 -52.93 32.38
N GLY F 105 5.23 -52.55 32.20
CA GLY F 105 4.25 -52.63 33.27
C GLY F 105 3.38 -53.86 33.22
N VAL F 106 2.84 -54.17 32.04
CA VAL F 106 1.98 -55.32 31.86
C VAL F 106 2.83 -56.57 31.67
N ALA F 107 2.41 -57.68 32.29
CA ALA F 107 3.15 -58.92 32.19
C ALA F 107 3.17 -59.42 30.75
N LYS F 108 4.32 -59.95 30.34
CA LYS F 108 4.48 -60.47 28.99
C LYS F 108 3.67 -61.75 28.80
N SER F 109 3.24 -61.97 27.57
CA SER F 109 2.49 -63.17 27.23
C SER F 109 2.95 -63.67 25.86
N ALA F 110 3.52 -64.86 25.83
CA ALA F 110 4.02 -65.47 24.61
C ALA F 110 3.13 -66.65 24.23
N VAL F 111 2.66 -66.64 23.00
CA VAL F 111 1.76 -67.67 22.48
C VAL F 111 2.43 -68.32 21.28
N LEU F 112 2.48 -69.65 21.27
CA LEU F 112 3.07 -70.43 20.20
C LEU F 112 1.97 -71.14 19.43
N ASN F 113 1.88 -70.86 18.13
CA ASN F 113 0.89 -71.48 17.26
C ASN F 113 1.61 -72.34 16.23
N THR F 114 1.06 -73.54 15.99
CA THR F 114 1.58 -74.44 14.96
C THR F 114 0.40 -74.90 14.13
N THR F 115 0.47 -74.65 12.82
CA THR F 115 -0.60 -75.02 11.90
C THR F 115 -0.04 -75.99 10.87
N PHE F 116 -0.69 -77.14 10.74
CA PHE F 116 -0.32 -78.13 9.74
C PHE F 116 -1.38 -78.14 8.64
N THR F 117 -0.96 -77.84 7.42
CA THR F 117 -1.87 -77.76 6.28
C THR F 117 -1.72 -79.01 5.43
N GLN F 118 -2.84 -79.70 5.18
CA GLN F 118 -2.86 -80.89 4.34
C GLN F 118 -4.28 -81.04 3.82
N PRO F 119 -4.43 -81.53 2.58
CA PRO F 119 -5.77 -81.58 1.98
C PRO F 119 -6.75 -82.35 2.86
N PHE F 120 -7.92 -81.75 3.04
CA PHE F 120 -9.04 -82.30 3.80
C PHE F 120 -8.76 -82.40 5.30
N PHE F 121 -7.68 -81.78 5.79
CA PHE F 121 -7.37 -81.84 7.22
C PHE F 121 -6.70 -80.54 7.63
N THR F 122 -7.28 -79.83 8.60
CA THR F 122 -6.65 -78.63 9.12
C THR F 122 -6.74 -78.59 10.63
N ALA F 123 -5.59 -78.49 11.29
CA ALA F 123 -5.52 -78.45 12.75
C ALA F 123 -4.57 -77.35 13.16
N ARG F 124 -4.77 -76.83 14.37
CA ARG F 124 -3.96 -75.75 14.90
C ARG F 124 -3.70 -76.00 16.38
N GLY F 125 -2.47 -75.77 16.80
CA GLY F 125 -2.09 -75.87 18.20
C GLY F 125 -1.95 -74.50 18.83
N ALA F 126 -1.98 -74.50 20.16
CA ALA F 126 -1.86 -73.27 20.94
C ALA F 126 -1.15 -73.57 22.24
N PHE F 127 -0.01 -72.91 22.45
CA PHE F 127 0.78 -73.11 23.66
C PHE F 127 0.98 -71.76 24.34
N ASP F 128 0.75 -71.73 25.66
CA ASP F 128 0.92 -70.54 26.46
C ASP F 128 2.21 -70.65 27.24
N LEU F 129 3.00 -69.58 27.25
CA LEU F 129 4.28 -69.58 27.94
C LEU F 129 4.36 -68.43 28.94
N CYS F 130 5.55 -68.20 29.50
CA CYS F 130 5.78 -67.14 30.49
C CYS F 130 4.94 -67.35 31.74
N LEU F 131 3.77 -66.72 31.80
CA LEU F 131 2.92 -66.82 32.98
C LEU F 131 2.51 -68.27 33.22
N LYS F 132 2.41 -68.63 34.51
CA LYS F 132 2.13 -70.01 34.91
C LYS F 132 0.64 -70.29 34.73
N SER F 133 0.28 -70.63 33.49
CA SER F 133 -1.08 -71.00 33.13
C SER F 133 -1.08 -71.78 31.83
N PRO F 134 -0.63 -73.03 31.84
CA PRO F 134 -0.54 -73.79 30.58
C PRO F 134 -1.89 -74.20 30.04
N THR F 135 -2.32 -73.57 28.94
CA THR F 135 -3.57 -73.89 28.27
C THR F 135 -3.29 -74.27 26.82
N PHE F 136 -3.93 -75.34 26.36
CA PHE F 136 -3.82 -75.80 24.98
C PHE F 136 -5.19 -75.61 24.34
N VAL F 137 -5.30 -74.62 23.47
CA VAL F 137 -6.53 -74.34 22.75
C VAL F 137 -6.41 -75.08 21.41
N GLY F 138 -6.81 -76.34 21.41
CA GLY F 138 -6.76 -77.13 20.20
C GLY F 138 -8.01 -77.00 19.37
N ASP F 139 -7.89 -77.28 18.08
CA ASP F 139 -9.03 -77.24 17.19
C ASP F 139 -8.75 -78.12 15.98
N LEU F 140 -9.82 -78.71 15.45
CA LEU F 140 -9.74 -79.62 14.33
C LEU F 140 -10.79 -79.23 13.31
N THR F 141 -10.49 -79.43 12.02
CA THR F 141 -11.39 -79.06 10.94
C THR F 141 -11.22 -80.04 9.79
N MET F 142 -12.34 -80.59 9.32
CA MET F 142 -12.38 -81.52 8.21
C MET F 142 -13.28 -80.96 7.11
N ALA F 143 -12.94 -81.29 5.87
CA ALA F 143 -13.71 -80.87 4.71
C ALA F 143 -14.08 -82.10 3.90
N HIS F 144 -15.38 -82.27 3.65
CA HIS F 144 -15.91 -83.42 2.91
C HIS F 144 -16.93 -82.90 1.89
N GLU F 145 -16.47 -82.72 0.65
CA GLU F 145 -17.32 -82.31 -0.47
C GLU F 145 -18.10 -81.04 -0.14
N GLY F 146 -17.39 -80.08 0.46
CA GLY F 146 -17.97 -78.81 0.83
C GLY F 146 -18.50 -78.75 2.25
N ILE F 147 -18.73 -79.89 2.89
CA ILE F 147 -19.18 -79.90 4.28
C ILE F 147 -17.97 -79.69 5.16
N VAL F 148 -17.96 -78.59 5.91
CA VAL F 148 -16.82 -78.21 6.73
C VAL F 148 -17.22 -78.34 8.19
N GLY F 149 -16.51 -79.19 8.92
CA GLY F 149 -16.72 -79.37 10.34
C GLY F 149 -15.60 -78.73 11.14
N GLY F 150 -15.88 -78.51 12.43
CA GLY F 150 -14.88 -77.91 13.29
C GLY F 150 -15.15 -78.07 14.76
N ALA F 151 -14.10 -78.34 15.53
CA ALA F 151 -14.23 -78.56 16.97
C ALA F 151 -13.09 -77.82 17.67
N GLU F 152 -13.44 -77.05 18.70
CA GLU F 152 -12.48 -76.29 19.49
C GLU F 152 -12.56 -76.71 20.95
N PHE F 153 -11.40 -77.00 21.54
CA PHE F 153 -11.34 -77.42 22.93
C PHE F 153 -10.19 -76.72 23.64
N GLY F 154 -10.53 -76.01 24.70
CA GLY F 154 -9.55 -75.32 25.54
C GLY F 154 -9.08 -76.12 26.72
N TYR F 155 -8.26 -77.15 26.49
CA TYR F 155 -7.85 -78.02 27.59
C TYR F 155 -6.82 -77.33 28.47
N ASP F 156 -7.07 -77.31 29.77
CA ASP F 156 -6.16 -76.68 30.72
C ASP F 156 -5.25 -77.74 31.34
N ILE F 157 -3.94 -77.54 31.20
CA ILE F 157 -2.98 -78.47 31.80
C ILE F 157 -2.96 -78.32 33.31
N SER F 158 -2.95 -77.08 33.81
CA SER F 158 -2.86 -76.85 35.24
C SER F 158 -4.10 -77.37 35.97
N ALA F 159 -5.29 -77.03 35.47
CA ALA F 159 -6.52 -77.51 36.09
C ALA F 159 -6.75 -78.99 35.82
N GLY F 160 -6.45 -79.43 34.60
CA GLY F 160 -6.68 -80.80 34.19
C GLY F 160 -8.01 -81.05 33.53
N SER F 161 -8.82 -80.01 33.30
CA SER F 161 -10.14 -80.19 32.71
C SER F 161 -10.25 -79.44 31.39
N ILE F 162 -11.45 -79.40 30.82
CA ILE F 162 -11.71 -78.73 29.55
C ILE F 162 -12.53 -77.48 29.85
N SER F 163 -12.01 -76.32 29.45
CA SER F 163 -12.70 -75.06 29.71
C SER F 163 -13.79 -74.79 28.67
N ARG F 164 -13.40 -74.68 27.40
CA ARG F 164 -14.33 -74.36 26.33
C ARG F 164 -14.41 -75.53 25.35
N TYR F 165 -15.65 -75.87 24.98
CA TYR F 165 -15.92 -76.98 24.06
C TYR F 165 -16.94 -76.47 23.06
N ALA F 166 -16.49 -76.13 21.86
CA ALA F 166 -17.34 -75.52 20.85
C ALA F 166 -17.30 -76.34 19.56
N MET F 167 -18.44 -76.34 18.86
CA MET F 167 -18.60 -77.08 17.61
C MET F 167 -19.11 -76.15 16.53
N ALA F 168 -18.79 -76.48 15.28
CA ALA F 168 -19.20 -75.68 14.14
C ALA F 168 -19.36 -76.56 12.93
N LEU F 169 -20.37 -76.26 12.10
CA LEU F 169 -20.66 -77.05 10.92
C LEU F 169 -21.20 -76.10 9.85
N SER F 170 -20.64 -76.16 8.65
CA SER F 170 -21.03 -75.29 7.56
C SER F 170 -21.00 -76.06 6.24
N TYR F 171 -21.56 -75.45 5.20
CA TYR F 171 -21.53 -76.03 3.86
C TYR F 171 -21.23 -74.90 2.87
N PHE F 172 -20.07 -74.97 2.23
CA PHE F 172 -19.65 -73.98 1.27
C PHE F 172 -20.13 -74.33 -0.14
N ALA F 173 -20.30 -73.30 -0.95
CA ALA F 173 -20.67 -73.48 -2.36
C ALA F 173 -20.12 -72.35 -3.20
N LYS F 174 -20.63 -72.19 -4.41
CA LYS F 174 -20.13 -71.17 -5.32
C LYS F 174 -20.51 -69.78 -4.81
N ASP F 175 -21.81 -69.51 -4.66
CA ASP F 175 -22.29 -68.19 -4.28
C ASP F 175 -23.28 -68.25 -3.14
N TYR F 176 -23.17 -69.26 -2.28
CA TYR F 176 -24.01 -69.35 -1.08
C TYR F 176 -23.31 -70.24 -0.07
N SER F 177 -23.49 -69.93 1.21
CA SER F 177 -22.85 -70.70 2.27
C SER F 177 -23.63 -70.51 3.55
N LEU F 178 -24.03 -71.61 4.18
CA LEU F 178 -24.75 -71.59 5.44
C LEU F 178 -23.94 -72.33 6.48
N GLY F 179 -23.88 -71.78 7.70
CA GLY F 179 -23.13 -72.39 8.77
C GLY F 179 -23.79 -72.14 10.10
N ALA F 180 -23.35 -72.92 11.09
CA ALA F 180 -23.88 -72.79 12.44
C ALA F 180 -22.78 -73.22 13.42
N THR F 181 -22.92 -72.76 14.66
CA THR F 181 -21.95 -73.06 15.69
C THR F 181 -22.63 -73.07 17.04
N LEU F 182 -22.08 -73.89 17.95
CA LEU F 182 -22.59 -74.04 19.30
C LEU F 182 -21.39 -73.89 20.25
N ASN F 183 -21.45 -72.89 21.12
CA ASN F 183 -20.37 -72.60 22.06
C ASN F 183 -20.80 -73.01 23.45
N ASN F 184 -20.17 -74.06 23.98
CA ASN F 184 -20.42 -74.58 25.33
C ASN F 184 -21.88 -74.94 25.55
N GLU F 185 -22.62 -75.20 24.47
CA GLU F 185 -23.99 -75.71 24.52
C GLU F 185 -24.94 -74.72 25.19
N GLN F 186 -24.62 -73.43 25.11
CA GLN F 186 -25.56 -72.42 25.58
C GLN F 186 -25.66 -71.24 24.61
N ILE F 187 -24.73 -71.13 23.66
CA ILE F 187 -24.77 -70.09 22.65
C ILE F 187 -24.87 -70.76 21.29
N THR F 188 -25.95 -70.49 20.57
CA THR F 188 -26.17 -71.02 19.24
C THR F 188 -26.17 -69.87 18.25
N THR F 189 -25.35 -69.98 17.21
CA THR F 189 -25.23 -68.94 16.19
C THR F 189 -25.41 -69.57 14.82
N VAL F 190 -26.20 -68.92 13.97
CA VAL F 190 -26.42 -69.37 12.61
C VAL F 190 -26.21 -68.18 11.66
N ASP F 191 -25.94 -68.48 10.40
CA ASP F 191 -25.70 -67.45 9.41
C ASP F 191 -26.35 -67.84 8.10
N PHE F 192 -26.67 -66.84 7.29
CA PHE F 192 -27.23 -67.04 5.96
C PHE F 192 -26.57 -66.03 5.02
N PHE F 193 -25.48 -66.44 4.38
CA PHE F 193 -24.78 -65.59 3.43
C PHE F 193 -25.23 -65.97 2.03
N GLN F 194 -25.66 -64.97 1.27
CA GLN F 194 -26.05 -65.17 -0.13
C GLN F 194 -25.36 -64.10 -0.97
N ASN F 195 -24.53 -64.52 -1.91
CA ASN F 195 -23.84 -63.61 -2.81
C ASN F 195 -24.68 -63.43 -4.06
N VAL F 196 -25.14 -62.21 -4.30
CA VAL F 196 -25.99 -61.92 -5.45
C VAL F 196 -25.14 -61.91 -6.71
N ASN F 197 -24.15 -61.02 -6.75
CA ASN F 197 -23.26 -60.91 -7.89
C ASN F 197 -22.01 -60.16 -7.45
N ALA F 198 -21.21 -59.71 -8.41
CA ALA F 198 -20.02 -58.94 -8.11
C ALA F 198 -20.32 -57.53 -7.64
N PHE F 199 -21.57 -57.09 -7.74
CA PHE F 199 -21.93 -55.72 -7.40
C PHE F 199 -22.86 -55.61 -6.20
N LEU F 200 -23.09 -56.69 -5.46
CA LEU F 200 -24.01 -56.66 -4.34
C LEU F 200 -23.80 -57.91 -3.50
N GLN F 201 -23.74 -57.73 -2.18
CA GLN F 201 -23.63 -58.84 -1.24
C GLN F 201 -24.64 -58.63 -0.12
N VAL F 202 -25.27 -59.71 0.32
CA VAL F 202 -26.24 -59.69 1.41
C VAL F 202 -25.92 -60.83 2.35
N GLY F 203 -26.10 -60.59 3.65
CA GLY F 203 -25.86 -61.61 4.65
C GLY F 203 -26.74 -61.41 5.87
N ALA F 204 -26.95 -62.51 6.59
CA ALA F 204 -27.74 -62.48 7.81
C ALA F 204 -27.03 -63.29 8.87
N LYS F 205 -27.19 -62.88 10.13
CA LYS F 205 -26.55 -63.57 11.25
C LYS F 205 -27.48 -63.53 12.43
N ALA F 206 -27.80 -64.70 12.98
CA ALA F 206 -28.73 -64.82 14.09
C ALA F 206 -28.07 -65.53 15.26
N THR F 207 -28.36 -65.06 16.47
CA THR F 207 -27.88 -65.68 17.70
C THR F 207 -29.10 -66.15 18.48
N MET F 208 -29.50 -67.41 18.27
CA MET F 208 -30.67 -67.93 18.95
C MET F 208 -30.46 -67.99 20.46
N ASN F 209 -29.25 -68.37 20.88
CA ASN F 209 -28.89 -68.41 22.30
C ASN F 209 -29.84 -69.31 23.08
N CYS F 210 -29.79 -70.61 22.80
CA CYS F 210 -30.70 -71.58 23.40
C CYS F 210 -30.48 -71.60 24.91
N LYS F 211 -31.40 -71.00 25.65
CA LYS F 211 -31.33 -70.93 27.11
C LYS F 211 -32.73 -70.62 27.62
N LEU F 212 -33.31 -71.53 28.38
CA LEU F 212 -34.68 -71.37 28.86
C LEU F 212 -34.91 -70.12 29.71
N PRO F 213 -34.02 -69.73 30.62
CA PRO F 213 -34.30 -68.52 31.43
C PRO F 213 -34.48 -67.27 30.58
N ASN F 214 -33.65 -67.07 29.56
CA ASN F 214 -33.73 -65.91 28.69
C ASN F 214 -33.45 -66.36 27.27
N SER F 215 -34.45 -66.22 26.39
CA SER F 215 -34.36 -66.68 25.02
C SER F 215 -34.30 -65.54 24.00
N ASN F 216 -35.20 -64.56 24.12
CA ASN F 216 -35.30 -63.34 23.32
C ASN F 216 -35.06 -63.62 21.84
N VAL F 217 -34.40 -62.70 21.15
CA VAL F 217 -34.12 -62.84 19.73
C VAL F 217 -33.05 -61.84 19.36
N ASN F 218 -32.11 -62.27 18.51
CA ASN F 218 -31.01 -61.40 18.07
C ASN F 218 -30.70 -61.74 16.61
N ILE F 219 -31.05 -60.83 15.71
CA ILE F 219 -30.80 -61.02 14.29
C ILE F 219 -30.17 -59.75 13.72
N GLU F 220 -29.33 -59.94 12.70
CA GLU F 220 -28.68 -58.82 12.02
C GLU F 220 -28.67 -59.09 10.52
N PHE F 221 -29.06 -58.08 9.75
CA PHE F 221 -29.05 -58.18 8.29
C PHE F 221 -28.08 -57.12 7.78
N ALA F 222 -27.06 -57.54 7.02
CA ALA F 222 -26.02 -56.63 6.56
C ALA F 222 -25.91 -56.71 5.05
N THR F 223 -25.89 -55.55 4.39
CA THR F 223 -25.77 -55.48 2.96
C THR F 223 -24.44 -54.85 2.58
N ARG F 224 -24.10 -54.89 1.30
CA ARG F 224 -22.86 -54.29 0.80
C ARG F 224 -23.05 -54.02 -0.69
N TYR F 225 -23.09 -52.74 -1.05
CA TYR F 225 -23.38 -52.30 -2.41
C TYR F 225 -22.18 -51.56 -2.97
N LEU F 226 -21.81 -51.90 -4.20
CA LEU F 226 -20.67 -51.26 -4.87
C LEU F 226 -21.19 -50.50 -6.07
N PRO F 227 -21.38 -49.18 -5.97
CA PRO F 227 -21.82 -48.41 -7.14
C PRO F 227 -20.87 -48.52 -8.32
N ASP F 228 -19.58 -48.59 -8.07
CA ASP F 228 -18.58 -48.75 -9.12
C ASP F 228 -17.30 -49.26 -8.46
N ALA F 229 -16.21 -49.31 -9.24
CA ALA F 229 -14.97 -49.89 -8.74
C ALA F 229 -14.38 -49.11 -7.58
N SER F 230 -14.46 -47.78 -7.62
CA SER F 230 -13.80 -46.91 -6.66
C SER F 230 -14.76 -46.40 -5.58
N SER F 231 -15.75 -47.20 -5.18
CA SER F 231 -16.68 -46.79 -4.15
C SER F 231 -17.23 -48.00 -3.43
N GLN F 232 -17.85 -47.77 -2.27
CA GLN F 232 -18.46 -48.84 -1.49
C GLN F 232 -19.42 -48.20 -0.49
N VAL F 233 -20.59 -48.79 -0.32
CA VAL F 233 -21.54 -48.33 0.69
C VAL F 233 -22.21 -49.55 1.29
N LYS F 234 -22.19 -49.65 2.62
CA LYS F 234 -22.77 -50.84 3.21
C LYS F 234 -23.32 -50.52 4.59
N ALA F 235 -24.41 -51.18 4.93
CA ALA F 235 -25.15 -50.87 6.15
C ALA F 235 -25.68 -52.17 6.74
N LYS F 236 -25.85 -52.15 8.06
CA LYS F 236 -26.46 -53.27 8.76
C LYS F 236 -27.68 -52.78 9.52
N VAL F 237 -28.56 -53.71 9.86
CA VAL F 237 -29.76 -53.40 10.62
C VAL F 237 -29.99 -54.54 11.61
N SER F 238 -30.37 -54.16 12.83
CA SER F 238 -30.66 -55.11 13.90
C SER F 238 -32.03 -54.81 14.48
N ASP F 239 -32.54 -55.78 15.25
CA ASP F 239 -33.89 -55.65 15.81
C ASP F 239 -33.98 -54.55 16.86
N SER F 240 -32.88 -54.25 17.54
CA SER F 240 -32.89 -53.25 18.59
C SER F 240 -33.04 -51.83 18.06
N GLY F 241 -32.95 -51.63 16.75
CA GLY F 241 -33.05 -50.31 16.15
C GLY F 241 -31.73 -49.70 15.76
N ILE F 242 -30.60 -50.35 16.04
CA ILE F 242 -29.28 -49.85 15.65
C ILE F 242 -29.15 -50.07 14.15
N VAL F 243 -29.05 -48.99 13.38
CA VAL F 243 -28.85 -49.05 11.94
C VAL F 243 -27.57 -48.28 11.66
N THR F 244 -26.51 -48.99 11.29
CA THR F 244 -25.22 -48.35 11.03
C THR F 244 -24.93 -48.38 9.53
N LEU F 245 -24.49 -47.23 9.02
CA LEU F 245 -24.16 -47.02 7.63
C LEU F 245 -22.67 -46.69 7.51
N ALA F 246 -22.07 -47.10 6.40
CA ALA F 246 -20.68 -46.82 6.16
C ALA F 246 -20.47 -46.57 4.67
N TYR F 247 -19.62 -45.59 4.37
CA TYR F 247 -19.39 -45.16 2.99
C TYR F 247 -17.88 -45.02 2.81
N LYS F 248 -17.32 -45.81 1.91
CA LYS F 248 -15.90 -45.78 1.60
C LYS F 248 -15.73 -45.26 0.17
N GLN F 249 -14.94 -44.20 0.02
CA GLN F 249 -14.73 -43.53 -1.26
C GLN F 249 -13.24 -43.51 -1.57
N LEU F 250 -12.91 -43.59 -2.85
CA LEU F 250 -11.54 -43.52 -3.30
C LEU F 250 -11.25 -42.13 -3.86
N LEU F 251 -10.43 -41.37 -3.14
CA LEU F 251 -9.93 -40.09 -3.61
C LEU F 251 -8.80 -40.34 -4.59
N ARG F 252 -7.95 -39.34 -4.82
CA ARG F 252 -6.77 -39.51 -5.66
C ARG F 252 -6.17 -40.90 -5.46
N PRO F 253 -5.82 -41.59 -6.54
CA PRO F 253 -5.55 -43.03 -6.43
C PRO F 253 -4.42 -43.34 -5.45
N GLY F 254 -4.78 -44.00 -4.35
CA GLY F 254 -3.83 -44.27 -3.29
C GLY F 254 -4.37 -43.93 -1.92
N VAL F 255 -5.28 -42.96 -1.83
CA VAL F 255 -5.82 -42.49 -0.58
C VAL F 255 -7.33 -42.73 -0.58
N THR F 256 -7.85 -43.31 0.50
CA THR F 256 -9.25 -43.63 0.66
C THR F 256 -9.82 -42.91 1.88
N LEU F 257 -11.10 -42.56 1.78
CA LEU F 257 -11.80 -41.83 2.83
C LEU F 257 -12.99 -42.67 3.26
N GLY F 258 -13.27 -42.69 4.56
CA GLY F 258 -14.40 -43.43 5.05
C GLY F 258 -15.25 -42.64 6.03
N VAL F 259 -16.57 -42.73 5.89
CA VAL F 259 -17.49 -42.07 6.80
C VAL F 259 -18.44 -43.12 7.35
N GLY F 260 -18.53 -43.21 8.66
CA GLY F 260 -19.41 -44.16 9.31
C GLY F 260 -20.34 -43.46 10.28
N SER F 261 -21.57 -43.96 10.36
CA SER F 261 -22.57 -43.38 11.25
C SER F 261 -23.47 -44.49 11.77
N SER F 262 -24.13 -44.22 12.90
CA SER F 262 -25.02 -45.19 13.52
C SER F 262 -26.24 -44.46 14.05
N PHE F 263 -27.37 -44.63 13.36
CA PHE F 263 -28.63 -44.03 13.78
C PHE F 263 -29.44 -45.08 14.52
N ASP F 264 -30.42 -44.61 15.29
CA ASP F 264 -31.29 -45.50 16.06
C ASP F 264 -32.72 -45.19 15.62
N ALA F 265 -33.35 -46.15 14.95
CA ALA F 265 -34.68 -45.96 14.40
C ALA F 265 -35.75 -46.14 15.47
N LEU F 266 -36.92 -45.57 15.20
CA LEU F 266 -38.11 -45.64 16.04
C LEU F 266 -37.81 -45.44 17.52
N LYS F 267 -36.87 -44.55 17.84
CA LYS F 267 -36.57 -44.16 19.22
C LYS F 267 -36.39 -42.66 19.30
N LEU F 268 -37.25 -41.92 18.60
CA LEU F 268 -37.15 -40.45 18.50
C LEU F 268 -35.77 -40.06 18.02
N SER F 269 -34.98 -39.42 18.88
CA SER F 269 -33.60 -39.07 18.53
C SER F 269 -32.63 -39.63 19.56
N GLU F 270 -32.96 -39.49 20.85
CA GLU F 270 -32.15 -39.90 21.99
C GLU F 270 -30.83 -39.11 22.03
N PRO F 271 -30.27 -38.87 23.23
CA PRO F 271 -29.01 -38.13 23.35
C PRO F 271 -27.76 -38.99 23.17
N VAL F 272 -27.77 -39.81 22.12
CA VAL F 272 -26.62 -40.65 21.79
C VAL F 272 -26.60 -40.94 20.30
N HIS F 273 -25.40 -40.98 19.72
CA HIS F 273 -25.20 -41.26 18.30
C HIS F 273 -23.71 -41.40 18.05
N LYS F 274 -23.38 -42.30 17.12
CA LYS F 274 -21.99 -42.56 16.75
C LYS F 274 -21.77 -42.07 15.32
N LEU F 275 -20.67 -41.35 15.11
CA LEU F 275 -20.27 -40.96 13.77
C LEU F 275 -18.78 -40.69 13.78
N GLY F 276 -18.12 -41.08 12.71
CA GLY F 276 -16.67 -40.95 12.63
C GLY F 276 -16.20 -41.02 11.19
N TRP F 277 -14.94 -40.65 11.02
CA TRP F 277 -14.31 -40.60 9.71
C TRP F 277 -12.95 -41.26 9.77
N SER F 278 -12.44 -41.62 8.59
CA SER F 278 -11.16 -42.29 8.47
C SER F 278 -10.47 -41.81 7.20
N LEU F 279 -9.14 -41.81 7.23
CA LEU F 279 -8.35 -41.31 6.12
C LEU F 279 -7.14 -42.22 6.00
N SER F 280 -7.15 -43.09 5.00
CA SER F 280 -6.09 -44.07 4.81
C SER F 280 -5.26 -43.72 3.58
N PHE F 281 -3.94 -43.69 3.76
CA PHE F 281 -3.01 -43.48 2.67
C PHE F 281 -2.35 -44.81 2.32
N ASP F 282 -1.70 -44.84 1.15
CA ASP F 282 -0.99 -46.05 0.71
C ASP F 282 -0.01 -45.65 -0.37
N ALA F 283 1.26 -45.96 -0.17
CA ALA F 283 2.29 -45.65 -1.16
C ALA F 283 2.45 -46.81 -2.14
#